data_7F01
# 
_entry.id   7F01 
# 
_audit_conform.dict_name       mmcif_pdbx.dic 
_audit_conform.dict_version    5.380 
_audit_conform.dict_location   http://mmcif.pdb.org/dictionaries/ascii/mmcif_pdbx.dic 
# 
loop_
_database_2.database_id 
_database_2.database_code 
_database_2.pdbx_database_accession 
_database_2.pdbx_DOI 
PDB   7F01         pdb_00007f01 10.2210/pdb7f01/pdb 
WWPDB D_1300022597 ?            ?                   
# 
_pdbx_database_status.status_code                     REL 
_pdbx_database_status.status_code_sf                  REL 
_pdbx_database_status.status_code_mr                  ? 
_pdbx_database_status.entry_id                        7F01 
_pdbx_database_status.recvd_initial_deposition_date   2021-06-03 
_pdbx_database_status.SG_entry                        N 
_pdbx_database_status.deposit_site                    PDBJ 
_pdbx_database_status.process_site                    PDBJ 
_pdbx_database_status.status_code_cs                  ? 
_pdbx_database_status.status_code_nmr_data            ? 
_pdbx_database_status.methods_development_category    ? 
_pdbx_database_status.pdb_format_compatible           Y 
# 
loop_
_audit_author.name 
_audit_author.pdbx_ordinal 
_audit_author.identifier_ORCID 
'Zhu, Y.'  1 ? 
'Yang, X.' 2 ? 
'Sun, F.'  3 ? 
# 
_citation.abstract                  ? 
_citation.abstract_id_CAS           ? 
_citation.book_id_ISBN              ? 
_citation.book_publisher            ? 
_citation.book_publisher_city       ? 
_citation.book_title                ? 
_citation.coordinate_linkage        ? 
_citation.country                   ? 
_citation.database_id_Medline       ? 
_citation.details                   ? 
_citation.id                        primary 
_citation.journal_abbrev            'To Be Published' 
_citation.journal_id_ASTM           ? 
_citation.journal_id_CSD            0353 
_citation.journal_id_ISSN           ? 
_citation.journal_full              ? 
_citation.journal_issue             ? 
_citation.journal_volume            ? 
_citation.language                  ? 
_citation.page_first                ? 
_citation.page_last                 ? 
_citation.title                     'Structure of a triple-helix region of human collagen type XVII' 
_citation.year                      ? 
_citation.database_id_CSD           ? 
_citation.pdbx_database_id_DOI      ? 
_citation.pdbx_database_id_PubMed   ? 
_citation.pdbx_database_id_patent   ? 
_citation.unpublished_flag          ? 
# 
loop_
_citation_author.citation_id 
_citation_author.name 
_citation_author.ordinal 
_citation_author.identifier_ORCID 
primary 'Zhu, Y.'  1 ? 
primary 'Yang, X.' 2 ? 
primary 'Sun, F.'  3 ? 
# 
_cell.angle_alpha                  90.000 
_cell.angle_alpha_esd              ? 
_cell.angle_beta                   90.380 
_cell.angle_beta_esd               ? 
_cell.angle_gamma                  90.000 
_cell.angle_gamma_esd              ? 
_cell.entry_id                     7F01 
_cell.details                      ? 
_cell.formula_units_Z              ? 
_cell.length_a                     20.320 
_cell.length_a_esd                 ? 
_cell.length_b                     21.260 
_cell.length_b_esd                 ? 
_cell.length_c                     67.600 
_cell.length_c_esd                 ? 
_cell.volume                       ? 
_cell.volume_esd                   ? 
_cell.Z_PDB                        6 
_cell.reciprocal_angle_alpha       ? 
_cell.reciprocal_angle_beta        ? 
_cell.reciprocal_angle_gamma       ? 
_cell.reciprocal_angle_alpha_esd   ? 
_cell.reciprocal_angle_beta_esd    ? 
_cell.reciprocal_angle_gamma_esd   ? 
_cell.reciprocal_length_a          ? 
_cell.reciprocal_length_b          ? 
_cell.reciprocal_length_c          ? 
_cell.reciprocal_length_a_esd      ? 
_cell.reciprocal_length_b_esd      ? 
_cell.reciprocal_length_c_esd      ? 
_cell.pdbx_unique_axis             ? 
# 
_symmetry.entry_id                         7F01 
_symmetry.cell_setting                     ? 
_symmetry.Int_Tables_number                4 
_symmetry.space_group_name_Hall            ? 
_symmetry.space_group_name_H-M             'P 1 21 1' 
_symmetry.pdbx_full_space_group_name_H-M   ? 
# 
loop_
_entity.id 
_entity.type 
_entity.src_method 
_entity.pdbx_description 
_entity.formula_weight 
_entity.pdbx_number_of_molecules 
_entity.pdbx_ec 
_entity.pdbx_mutation 
_entity.pdbx_fragment 
_entity.details 
1 polymer     syn 'collagen type XVII' 2660.923 3   ? ? ? ? 
2 non-polymer syn 'SULFATE ION'        96.063   1   ? ? ? ? 
3 water       nat water                18.015   120 ? ? ? ? 
# 
_entity_poly.entity_id                      1 
_entity_poly.type                           'polypeptide(L)' 
_entity_poly.nstd_linkage                   no 
_entity_poly.nstd_monomer                   yes 
_entity_poly.pdbx_seq_one_letter_code       '(ACE)P(HYP)GP(HYP)GQRGREGPMGPRGP(HYP)GP(HYP)GP(HYP)G(NH2)' 
_entity_poly.pdbx_seq_one_letter_code_can   XPPGPPGQRGREGPMGPRGPPGPPGPPGX 
_entity_poly.pdbx_strand_id                 A,B,C 
_entity_poly.pdbx_target_identifier         ? 
# 
loop_
_entity_poly_seq.entity_id 
_entity_poly_seq.num 
_entity_poly_seq.mon_id 
_entity_poly_seq.hetero 
1 1  ACE n 
1 2  PRO n 
1 3  HYP n 
1 4  GLY n 
1 5  PRO n 
1 6  HYP n 
1 7  GLY n 
1 8  GLN n 
1 9  ARG n 
1 10 GLY n 
1 11 ARG n 
1 12 GLU n 
1 13 GLY n 
1 14 PRO n 
1 15 MET n 
1 16 GLY n 
1 17 PRO n 
1 18 ARG n 
1 19 GLY n 
1 20 PRO n 
1 21 HYP n 
1 22 GLY n 
1 23 PRO n 
1 24 HYP n 
1 25 GLY n 
1 26 PRO n 
1 27 HYP n 
1 28 GLY n 
1 29 NH2 n 
# 
_pdbx_entity_src_syn.entity_id              1 
_pdbx_entity_src_syn.pdbx_src_id            1 
_pdbx_entity_src_syn.pdbx_alt_source_flag   sample 
_pdbx_entity_src_syn.pdbx_beg_seq_num       1 
_pdbx_entity_src_syn.pdbx_end_seq_num       29 
_pdbx_entity_src_syn.organism_scientific    'Homo sapiens' 
_pdbx_entity_src_syn.organism_common_name   Human 
_pdbx_entity_src_syn.ncbi_taxonomy_id       9606 
_pdbx_entity_src_syn.details                ? 
# 
_struct_ref.id                         1 
_struct_ref.db_name                    PDB 
_struct_ref.db_code                    7F01 
_struct_ref.pdbx_db_accession          7F01 
_struct_ref.pdbx_db_isoform            ? 
_struct_ref.entity_id                  1 
_struct_ref.pdbx_seq_one_letter_code   ? 
_struct_ref.pdbx_align_begin           1 
# 
loop_
_struct_ref_seq.align_id 
_struct_ref_seq.ref_id 
_struct_ref_seq.pdbx_PDB_id_code 
_struct_ref_seq.pdbx_strand_id 
_struct_ref_seq.seq_align_beg 
_struct_ref_seq.pdbx_seq_align_beg_ins_code 
_struct_ref_seq.seq_align_end 
_struct_ref_seq.pdbx_seq_align_end_ins_code 
_struct_ref_seq.pdbx_db_accession 
_struct_ref_seq.db_align_beg 
_struct_ref_seq.pdbx_db_align_beg_ins_code 
_struct_ref_seq.db_align_end 
_struct_ref_seq.pdbx_db_align_end_ins_code 
_struct_ref_seq.pdbx_auth_seq_align_beg 
_struct_ref_seq.pdbx_auth_seq_align_end 
1 1 7F01 A 1 ? 29 ? 7F01 1 ? 29 ? 1 29 
2 1 7F01 B 1 ? 29 ? 7F01 1 ? 29 ? 1 29 
3 1 7F01 C 1 ? 29 ? 7F01 1 ? 29 ? 1 29 
# 
loop_
_chem_comp.id 
_chem_comp.type 
_chem_comp.mon_nstd_flag 
_chem_comp.name 
_chem_comp.pdbx_synonyms 
_chem_comp.formula 
_chem_comp.formula_weight 
ACE non-polymer         . 'ACETYL GROUP'   ?              'C2 H4 O'        44.053  
ARG 'L-peptide linking' y ARGININE         ?              'C6 H15 N4 O2 1' 175.209 
GLN 'L-peptide linking' y GLUTAMINE        ?              'C5 H10 N2 O3'   146.144 
GLU 'L-peptide linking' y 'GLUTAMIC ACID'  ?              'C5 H9 N O4'     147.129 
GLY 'peptide linking'   y GLYCINE          ?              'C2 H5 N O2'     75.067  
HOH non-polymer         . WATER            ?              'H2 O'           18.015  
HYP 'L-peptide linking' n 4-HYDROXYPROLINE HYDROXYPROLINE 'C5 H9 N O3'     131.130 
MET 'L-peptide linking' y METHIONINE       ?              'C5 H11 N O2 S'  149.211 
NH2 non-polymer         . 'AMINO GROUP'    ?              'H2 N'           16.023  
PRO 'L-peptide linking' y PROLINE          ?              'C5 H9 N O2'     115.130 
SO4 non-polymer         . 'SULFATE ION'    ?              'O4 S -2'        96.063  
# 
_exptl.absorpt_coefficient_mu     ? 
_exptl.absorpt_correction_T_max   ? 
_exptl.absorpt_correction_T_min   ? 
_exptl.absorpt_correction_type    ? 
_exptl.absorpt_process_details    ? 
_exptl.entry_id                   7F01 
_exptl.crystals_number            1 
_exptl.details                    ? 
_exptl.method                     'X-RAY DIFFRACTION' 
_exptl.method_details             ? 
# 
_exptl_crystal.colour                      ? 
_exptl_crystal.density_diffrn              ? 
_exptl_crystal.density_Matthews            1.90 
_exptl_crystal.density_method              ? 
_exptl_crystal.density_percent_sol         35.38 
_exptl_crystal.description                 ? 
_exptl_crystal.F_000                       ? 
_exptl_crystal.id                          1 
_exptl_crystal.preparation                 ? 
_exptl_crystal.size_max                    ? 
_exptl_crystal.size_mid                    ? 
_exptl_crystal.size_min                    ? 
_exptl_crystal.size_rad                    ? 
_exptl_crystal.colour_lustre               ? 
_exptl_crystal.colour_modifier             ? 
_exptl_crystal.colour_primary              ? 
_exptl_crystal.density_meas                ? 
_exptl_crystal.density_meas_esd            ? 
_exptl_crystal.density_meas_gt             ? 
_exptl_crystal.density_meas_lt             ? 
_exptl_crystal.density_meas_temp           ? 
_exptl_crystal.density_meas_temp_esd       ? 
_exptl_crystal.density_meas_temp_gt        ? 
_exptl_crystal.density_meas_temp_lt        ? 
_exptl_crystal.pdbx_crystal_image_url      ? 
_exptl_crystal.pdbx_crystal_image_format   ? 
_exptl_crystal.pdbx_mosaicity              ? 
_exptl_crystal.pdbx_mosaicity_esd          ? 
# 
_exptl_crystal_grow.apparatus       ? 
_exptl_crystal_grow.atmosphere      ? 
_exptl_crystal_grow.crystal_id      1 
_exptl_crystal_grow.details         ? 
_exptl_crystal_grow.method          'VAPOR DIFFUSION, SITTING DROP' 
_exptl_crystal_grow.method_ref      ? 
_exptl_crystal_grow.pH              ? 
_exptl_crystal_grow.pressure        ? 
_exptl_crystal_grow.pressure_esd    ? 
_exptl_crystal_grow.seeding         ? 
_exptl_crystal_grow.seeding_ref     ? 
_exptl_crystal_grow.temp            289 
_exptl_crystal_grow.temp_details    ? 
_exptl_crystal_grow.temp_esd        ? 
_exptl_crystal_grow.time            ? 
_exptl_crystal_grow.pdbx_details    
;1.0 M Potassium sodium tartrate, 
0.1 M CHES/ Sodium hydroxide pH 9.5, 
0.2 M Lithium sulfate
;
_exptl_crystal_grow.pdbx_pH_range   ? 
# 
_diffrn.ambient_environment              ? 
_diffrn.ambient_temp                     100 
_diffrn.ambient_temp_details             ? 
_diffrn.ambient_temp_esd                 ? 
_diffrn.crystal_id                       1 
_diffrn.crystal_support                  ? 
_diffrn.crystal_treatment                ? 
_diffrn.details                          ? 
_diffrn.id                               1 
_diffrn.ambient_pressure                 ? 
_diffrn.ambient_pressure_esd             ? 
_diffrn.ambient_pressure_gt              ? 
_diffrn.ambient_pressure_lt              ? 
_diffrn.ambient_temp_gt                  ? 
_diffrn.ambient_temp_lt                  ? 
_diffrn.pdbx_serial_crystal_experiment   N 
# 
_diffrn_detector.details                      ? 
_diffrn_detector.detector                     'IMAGE PLATE' 
_diffrn_detector.diffrn_id                    1 
_diffrn_detector.type                         'RIGAKU RAXIS IV++' 
_diffrn_detector.area_resol_mean              ? 
_diffrn_detector.dtime                        ? 
_diffrn_detector.pdbx_frames_total            ? 
_diffrn_detector.pdbx_collection_time_total   ? 
_diffrn_detector.pdbx_collection_date         2021-05-31 
_diffrn_detector.pdbx_frequency               ? 
# 
_diffrn_radiation.collimation                      ? 
_diffrn_radiation.diffrn_id                        1 
_diffrn_radiation.filter_edge                      ? 
_diffrn_radiation.inhomogeneity                    ? 
_diffrn_radiation.monochromator                    ? 
_diffrn_radiation.polarisn_norm                    ? 
_diffrn_radiation.polarisn_ratio                   ? 
_diffrn_radiation.probe                            ? 
_diffrn_radiation.type                             ? 
_diffrn_radiation.xray_symbol                      ? 
_diffrn_radiation.wavelength_id                    1 
_diffrn_radiation.pdbx_monochromatic_or_laue_m_l   M 
_diffrn_radiation.pdbx_wavelength_list             ? 
_diffrn_radiation.pdbx_wavelength                  ? 
_diffrn_radiation.pdbx_diffrn_protocol             'SINGLE WAVELENGTH' 
_diffrn_radiation.pdbx_analyzer                    ? 
_diffrn_radiation.pdbx_scattering_type             x-ray 
# 
_diffrn_radiation_wavelength.id           1 
_diffrn_radiation_wavelength.wavelength   1.5418 
_diffrn_radiation_wavelength.wt           1.0 
# 
_diffrn_source.current                     ? 
_diffrn_source.details                     ? 
_diffrn_source.diffrn_id                   1 
_diffrn_source.power                       ? 
_diffrn_source.size                        ? 
_diffrn_source.source                      'ROTATING ANODE' 
_diffrn_source.target                      ? 
_diffrn_source.type                        'RIGAKU MICROMAX-007 HF' 
_diffrn_source.voltage                     ? 
_diffrn_source.take-off_angle              ? 
_diffrn_source.pdbx_wavelength_list        1.5418 
_diffrn_source.pdbx_wavelength             ? 
_diffrn_source.pdbx_synchrotron_beamline   ? 
_diffrn_source.pdbx_synchrotron_site       ? 
# 
_reflns.B_iso_Wilson_estimate                          ? 
_reflns.entry_id                                       7F01 
_reflns.data_reduction_details                         ? 
_reflns.data_reduction_method                          ? 
_reflns.d_resolution_high                              1.6280 
_reflns.d_resolution_low                               33.800 
_reflns.details                                        ? 
_reflns.limit_h_max                                    ? 
_reflns.limit_h_min                                    ? 
_reflns.limit_k_max                                    ? 
_reflns.limit_k_min                                    ? 
_reflns.limit_l_max                                    ? 
_reflns.limit_l_min                                    ? 
_reflns.number_all                                     ? 
_reflns.number_obs                                     7196 
_reflns.observed_criterion                             ? 
_reflns.observed_criterion_F_max                       ? 
_reflns.observed_criterion_F_min                       ? 
_reflns.observed_criterion_I_max                       ? 
_reflns.observed_criterion_I_min                       ? 
_reflns.observed_criterion_sigma_F                     ? 
_reflns.observed_criterion_sigma_I                     ? 
_reflns.percent_possible_obs                           96.000 
_reflns.R_free_details                                 ? 
_reflns.Rmerge_F_all                                   ? 
_reflns.Rmerge_F_obs                                   ? 
_reflns.Friedel_coverage                               ? 
_reflns.number_gt                                      ? 
_reflns.threshold_expression                           ? 
_reflns.pdbx_redundancy                                6.500 
_reflns.pdbx_Rmerge_I_obs                              0.160 
_reflns.pdbx_Rmerge_I_all                              ? 
_reflns.pdbx_Rsym_value                                ? 
_reflns.pdbx_netI_over_av_sigmaI                       ? 
_reflns.pdbx_netI_over_sigmaI                          7.500 
_reflns.pdbx_res_netI_over_av_sigmaI_2                 ? 
_reflns.pdbx_res_netI_over_sigmaI_2                    ? 
_reflns.pdbx_chi_squared                               ? 
_reflns.pdbx_scaling_rejects                           ? 
_reflns.pdbx_d_res_high_opt                            ? 
_reflns.pdbx_d_res_low_opt                             ? 
_reflns.pdbx_d_res_opt_method                          ? 
_reflns.phase_calculation_details                      ? 
_reflns.pdbx_Rrim_I_all                                0.174 
_reflns.pdbx_Rpim_I_all                                0.067 
_reflns.pdbx_d_opt                                     ? 
_reflns.pdbx_number_measured_all                       ? 
_reflns.pdbx_diffrn_id                                 1 
_reflns.pdbx_ordinal                                   1 
_reflns.pdbx_CC_half                                   0.991 
_reflns.pdbx_CC_star                                   ? 
_reflns.pdbx_R_split                                   ? 
_reflns.pdbx_aniso_diffraction_limit_axis_1_ortho[1]   ? 
_reflns.pdbx_aniso_diffraction_limit_axis_1_ortho[2]   ? 
_reflns.pdbx_aniso_diffraction_limit_axis_1_ortho[3]   ? 
_reflns.pdbx_aniso_diffraction_limit_axis_2_ortho[1]   ? 
_reflns.pdbx_aniso_diffraction_limit_axis_2_ortho[2]   ? 
_reflns.pdbx_aniso_diffraction_limit_axis_2_ortho[3]   ? 
_reflns.pdbx_aniso_diffraction_limit_axis_3_ortho[1]   ? 
_reflns.pdbx_aniso_diffraction_limit_axis_3_ortho[2]   ? 
_reflns.pdbx_aniso_diffraction_limit_axis_3_ortho[3]   ? 
_reflns.pdbx_aniso_diffraction_limit_1                 ? 
_reflns.pdbx_aniso_diffraction_limit_2                 ? 
_reflns.pdbx_aniso_diffraction_limit_3                 ? 
_reflns.pdbx_aniso_B_tensor_eigenvector_1_ortho[1]     ? 
_reflns.pdbx_aniso_B_tensor_eigenvector_1_ortho[2]     ? 
_reflns.pdbx_aniso_B_tensor_eigenvector_1_ortho[3]     ? 
_reflns.pdbx_aniso_B_tensor_eigenvector_2_ortho[1]     ? 
_reflns.pdbx_aniso_B_tensor_eigenvector_2_ortho[2]     ? 
_reflns.pdbx_aniso_B_tensor_eigenvector_2_ortho[3]     ? 
_reflns.pdbx_aniso_B_tensor_eigenvector_3_ortho[1]     ? 
_reflns.pdbx_aniso_B_tensor_eigenvector_3_ortho[2]     ? 
_reflns.pdbx_aniso_B_tensor_eigenvector_3_ortho[3]     ? 
_reflns.pdbx_aniso_B_tensor_eigenvalue_1               ? 
_reflns.pdbx_aniso_B_tensor_eigenvalue_2               ? 
_reflns.pdbx_aniso_B_tensor_eigenvalue_3               ? 
_reflns.pdbx_orthogonalization_convention              ? 
_reflns.pdbx_percent_possible_ellipsoidal              ? 
_reflns.pdbx_percent_possible_spherical                ? 
_reflns.pdbx_percent_possible_ellipsoidal_anomalous    ? 
_reflns.pdbx_percent_possible_spherical_anomalous      ? 
_reflns.pdbx_redundancy_anomalous                      ? 
_reflns.pdbx_CC_half_anomalous                         ? 
_reflns.pdbx_absDiff_over_sigma_anomalous              ? 
_reflns.pdbx_percent_possible_anomalous                ? 
_reflns.pdbx_observed_signal_threshold                 ? 
_reflns.pdbx_signal_type                               ? 
_reflns.pdbx_signal_details                            ? 
_reflns.pdbx_signal_software_id                        ? 
# 
_reflns_shell.d_res_high                                    1.630 
_reflns_shell.d_res_low                                     1.660 
_reflns_shell.meanI_over_sigI_all                           ? 
_reflns_shell.meanI_over_sigI_obs                           ? 
_reflns_shell.number_measured_all                           ? 
_reflns_shell.number_measured_obs                           ? 
_reflns_shell.number_possible                               ? 
_reflns_shell.number_unique_all                             ? 
_reflns_shell.number_unique_obs                             335 
_reflns_shell.percent_possible_all                          93.000 
_reflns_shell.percent_possible_obs                          ? 
_reflns_shell.Rmerge_F_all                                  ? 
_reflns_shell.Rmerge_F_obs                                  ? 
_reflns_shell.Rmerge_I_all                                  ? 
_reflns_shell.Rmerge_I_obs                                  0.416 
_reflns_shell.meanI_over_sigI_gt                            ? 
_reflns_shell.meanI_over_uI_all                             ? 
_reflns_shell.meanI_over_uI_gt                              ? 
_reflns_shell.number_measured_gt                            ? 
_reflns_shell.number_unique_gt                              ? 
_reflns_shell.percent_possible_gt                           ? 
_reflns_shell.Rmerge_F_gt                                   ? 
_reflns_shell.Rmerge_I_gt                                   ? 
_reflns_shell.pdbx_redundancy                               6.500 
_reflns_shell.pdbx_Rsym_value                               ? 
_reflns_shell.pdbx_chi_squared                              ? 
_reflns_shell.pdbx_netI_over_sigmaI_all                     ? 
_reflns_shell.pdbx_netI_over_sigmaI_obs                     ? 
_reflns_shell.pdbx_Rrim_I_all                               0.451 
_reflns_shell.pdbx_Rpim_I_all                               0.171 
_reflns_shell.pdbx_rejects                                  ? 
_reflns_shell.pdbx_ordinal                                  1 
_reflns_shell.pdbx_diffrn_id                                1 
_reflns_shell.pdbx_CC_half                                  0.957 
_reflns_shell.pdbx_CC_star                                  ? 
_reflns_shell.pdbx_R_split                                  ? 
_reflns_shell.pdbx_percent_possible_ellipsoidal             ? 
_reflns_shell.pdbx_percent_possible_spherical               ? 
_reflns_shell.pdbx_percent_possible_ellipsoidal_anomalous   ? 
_reflns_shell.pdbx_percent_possible_spherical_anomalous     ? 
_reflns_shell.pdbx_redundancy_anomalous                     ? 
_reflns_shell.pdbx_CC_half_anomalous                        ? 
_reflns_shell.pdbx_absDiff_over_sigma_anomalous             ? 
_reflns_shell.pdbx_percent_possible_anomalous               ? 
# 
_refine.aniso_B[1][1]                            ? 
_refine.aniso_B[1][2]                            ? 
_refine.aniso_B[1][3]                            ? 
_refine.aniso_B[2][2]                            ? 
_refine.aniso_B[2][3]                            ? 
_refine.aniso_B[3][3]                            ? 
_refine.B_iso_max                                52.600 
_refine.B_iso_mean                               18.8708 
_refine.B_iso_min                                4.130 
_refine.correlation_coeff_Fo_to_Fc               ? 
_refine.correlation_coeff_Fo_to_Fc_free          ? 
_refine.details                                  ? 
_refine.diff_density_max                         ? 
_refine.diff_density_max_esd                     ? 
_refine.diff_density_min                         ? 
_refine.diff_density_min_esd                     ? 
_refine.diff_density_rms                         ? 
_refine.diff_density_rms_esd                     ? 
_refine.entry_id                                 7F01 
_refine.pdbx_refine_id                           'X-RAY DIFFRACTION' 
_refine.ls_abs_structure_details                 ? 
_refine.ls_abs_structure_Flack                   ? 
_refine.ls_abs_structure_Flack_esd               ? 
_refine.ls_abs_structure_Rogers                  ? 
_refine.ls_abs_structure_Rogers_esd              ? 
_refine.ls_d_res_high                            1.6300 
_refine.ls_d_res_low                             22.5300 
_refine.ls_extinction_coef                       ? 
_refine.ls_extinction_coef_esd                   ? 
_refine.ls_extinction_expression                 ? 
_refine.ls_extinction_method                     ? 
_refine.ls_goodness_of_fit_all                   ? 
_refine.ls_goodness_of_fit_all_esd               ? 
_refine.ls_goodness_of_fit_obs                   ? 
_refine.ls_goodness_of_fit_obs_esd               ? 
_refine.ls_hydrogen_treatment                    ? 
_refine.ls_matrix_type                           ? 
_refine.ls_number_constraints                    ? 
_refine.ls_number_parameters                     ? 
_refine.ls_number_reflns_all                     ? 
_refine.ls_number_reflns_obs                     7168 
_refine.ls_number_reflns_R_free                  719 
_refine.ls_number_reflns_R_work                  6449 
_refine.ls_number_restraints                     ? 
_refine.ls_percent_reflns_obs                    95.7300 
_refine.ls_percent_reflns_R_free                 10.0300 
_refine.ls_R_factor_all                          ? 
_refine.ls_R_factor_obs                          0.2195 
_refine.ls_R_factor_R_free                       0.2421 
_refine.ls_R_factor_R_free_error                 ? 
_refine.ls_R_factor_R_free_error_details         ? 
_refine.ls_R_factor_R_work                       0.2167 
_refine.ls_R_Fsqd_factor_obs                     ? 
_refine.ls_R_I_factor_obs                        ? 
_refine.ls_redundancy_reflns_all                 ? 
_refine.ls_redundancy_reflns_obs                 ? 
_refine.ls_restrained_S_all                      ? 
_refine.ls_restrained_S_obs                      ? 
_refine.ls_shift_over_esd_max                    ? 
_refine.ls_shift_over_esd_mean                   ? 
_refine.ls_structure_factor_coef                 ? 
_refine.ls_weighting_details                     ? 
_refine.ls_weighting_scheme                      ? 
_refine.ls_wR_factor_all                         ? 
_refine.ls_wR_factor_obs                         ? 
_refine.ls_wR_factor_R_free                      ? 
_refine.ls_wR_factor_R_work                      ? 
_refine.occupancy_max                            ? 
_refine.occupancy_min                            ? 
_refine.solvent_model_details                    'FLAT BULK SOLVENT MODEL' 
_refine.solvent_model_param_bsol                 ? 
_refine.solvent_model_param_ksol                 ? 
_refine.pdbx_R_complete                          ? 
_refine.ls_R_factor_gt                           ? 
_refine.ls_goodness_of_fit_gt                    ? 
_refine.ls_goodness_of_fit_ref                   ? 
_refine.ls_shift_over_su_max                     ? 
_refine.ls_shift_over_su_max_lt                  ? 
_refine.ls_shift_over_su_mean                    ? 
_refine.ls_shift_over_su_mean_lt                 ? 
_refine.pdbx_ls_sigma_I                          ? 
_refine.pdbx_ls_sigma_F                          1.340 
_refine.pdbx_ls_sigma_Fsqd                       ? 
_refine.pdbx_data_cutoff_high_absF               ? 
_refine.pdbx_data_cutoff_high_rms_absF           ? 
_refine.pdbx_data_cutoff_low_absF                ? 
_refine.pdbx_isotropic_thermal_model             ? 
_refine.pdbx_ls_cross_valid_method               THROUGHOUT 
_refine.pdbx_method_to_determine_struct          'MOLECULAR REPLACEMENT' 
_refine.pdbx_starting_model                      2WUH 
_refine.pdbx_stereochemistry_target_values       ML 
_refine.pdbx_R_Free_selection_details            ? 
_refine.pdbx_stereochem_target_val_spec_case     ? 
_refine.pdbx_overall_ESU_R                       ? 
_refine.pdbx_overall_ESU_R_Free                  ? 
_refine.pdbx_solvent_vdw_probe_radii             1.1100 
_refine.pdbx_solvent_ion_probe_radii             ? 
_refine.pdbx_solvent_shrinkage_radii             0.9000 
_refine.pdbx_real_space_R                        ? 
_refine.pdbx_density_correlation                 ? 
_refine.pdbx_pd_number_of_powder_patterns        ? 
_refine.pdbx_pd_number_of_points                 ? 
_refine.pdbx_pd_meas_number_of_points            ? 
_refine.pdbx_pd_proc_ls_prof_R_factor            ? 
_refine.pdbx_pd_proc_ls_prof_wR_factor           ? 
_refine.pdbx_pd_Marquardt_correlation_coeff      ? 
_refine.pdbx_pd_Fsqrd_R_factor                   ? 
_refine.pdbx_pd_ls_matrix_band_width             ? 
_refine.pdbx_overall_phase_error                 26.2600 
_refine.pdbx_overall_SU_R_free_Cruickshank_DPI   ? 
_refine.pdbx_overall_SU_R_free_Blow_DPI          ? 
_refine.pdbx_overall_SU_R_Blow_DPI               ? 
_refine.pdbx_TLS_residual_ADP_flag               ? 
_refine.pdbx_diffrn_id                           1 
_refine.overall_SU_B                             ? 
_refine.overall_SU_ML                            0.1300 
_refine.overall_SU_R_Cruickshank_DPI             ? 
_refine.overall_SU_R_free                        ? 
_refine.overall_FOM_free_R_set                   ? 
_refine.overall_FOM_work_R_set                   ? 
_refine.pdbx_average_fsc_overall                 ? 
_refine.pdbx_average_fsc_work                    ? 
_refine.pdbx_average_fsc_free                    ? 
# 
_refine_hist.pdbx_refine_id                   'X-RAY DIFFRACTION' 
_refine_hist.cycle_id                         final 
_refine_hist.details                          ? 
_refine_hist.d_res_high                       1.6300 
_refine_hist.d_res_low                        22.5300 
_refine_hist.number_atoms_solvent             120 
_refine_hist.number_atoms_total               689 
_refine_hist.number_reflns_all                ? 
_refine_hist.number_reflns_obs                ? 
_refine_hist.number_reflns_R_free             ? 
_refine_hist.number_reflns_R_work             ? 
_refine_hist.R_factor_all                     ? 
_refine_hist.R_factor_obs                     ? 
_refine_hist.R_factor_R_free                  ? 
_refine_hist.R_factor_R_work                  ? 
_refine_hist.pdbx_number_residues_total       84 
_refine_hist.pdbx_B_iso_mean_ligand           13.65 
_refine_hist.pdbx_B_iso_mean_solvent          26.25 
_refine_hist.pdbx_number_atoms_protein        564 
_refine_hist.pdbx_number_atoms_nucleic_acid   0 
_refine_hist.pdbx_number_atoms_ligand         5 
_refine_hist.pdbx_number_atoms_lipid          ? 
_refine_hist.pdbx_number_atoms_carb           ? 
_refine_hist.pdbx_pseudo_atom_details         ? 
# 
_refine_ls_shell.pdbx_refine_id                   'X-RAY DIFFRACTION' 
_refine_ls_shell.d_res_high                       1.6300 
_refine_ls_shell.d_res_low                        1.688 
_refine_ls_shell.number_reflns_all                ? 
_refine_ls_shell.number_reflns_obs                ? 
_refine_ls_shell.number_reflns_R_free             69 
_refine_ls_shell.number_reflns_R_work             684 
_refine_ls_shell.percent_reflns_obs               94.6 
_refine_ls_shell.percent_reflns_R_free            10 
_refine_ls_shell.R_factor_all                     ? 
_refine_ls_shell.R_factor_obs                     ? 
_refine_ls_shell.R_factor_R_free                  0.2927 
_refine_ls_shell.R_factor_R_free_error            0.0000 
_refine_ls_shell.R_factor_R_work                  0.2777 
_refine_ls_shell.redundancy_reflns_all            ? 
_refine_ls_shell.redundancy_reflns_obs            ? 
_refine_ls_shell.wR_factor_all                    ? 
_refine_ls_shell.wR_factor_obs                    ? 
_refine_ls_shell.wR_factor_R_free                 ? 
_refine_ls_shell.wR_factor_R_work                 ? 
_refine_ls_shell.pdbx_R_complete                  ? 
_refine_ls_shell.pdbx_total_number_of_bins_used   ? 
_refine_ls_shell.pdbx_phase_error                 ? 
_refine_ls_shell.pdbx_fsc_work                    ? 
_refine_ls_shell.pdbx_fsc_free                    ? 
# 
_struct.entry_id                     7F01 
_struct.title                        'Structure of a triple-helix region of human collagen type XVII' 
_struct.pdbx_model_details           ? 
_struct.pdbx_formula_weight          ? 
_struct.pdbx_formula_weight_method   ? 
_struct.pdbx_model_type_details      ? 
_struct.pdbx_CASP_flag               N 
# 
_struct_keywords.entry_id        7F01 
_struct_keywords.text            'collagen, STRUCTURAL PROTEIN' 
_struct_keywords.pdbx_keywords   'STRUCTURAL PROTEIN' 
# 
loop_
_struct_asym.id 
_struct_asym.pdbx_blank_PDB_chainid_flag 
_struct_asym.pdbx_modified 
_struct_asym.entity_id 
_struct_asym.details 
A N N 1 ? 
B N N 1 ? 
C N N 1 ? 
D N N 2 ? 
E N N 3 ? 
F N N 3 ? 
G N N 3 ? 
# 
loop_
_struct_conn.id 
_struct_conn.conn_type_id 
_struct_conn.pdbx_leaving_atom_flag 
_struct_conn.pdbx_PDB_id 
_struct_conn.ptnr1_label_asym_id 
_struct_conn.ptnr1_label_comp_id 
_struct_conn.ptnr1_label_seq_id 
_struct_conn.ptnr1_label_atom_id 
_struct_conn.pdbx_ptnr1_label_alt_id 
_struct_conn.pdbx_ptnr1_PDB_ins_code 
_struct_conn.pdbx_ptnr1_standard_comp_id 
_struct_conn.ptnr1_symmetry 
_struct_conn.ptnr2_label_asym_id 
_struct_conn.ptnr2_label_comp_id 
_struct_conn.ptnr2_label_seq_id 
_struct_conn.ptnr2_label_atom_id 
_struct_conn.pdbx_ptnr2_label_alt_id 
_struct_conn.pdbx_ptnr2_PDB_ins_code 
_struct_conn.ptnr1_auth_asym_id 
_struct_conn.ptnr1_auth_comp_id 
_struct_conn.ptnr1_auth_seq_id 
_struct_conn.ptnr2_auth_asym_id 
_struct_conn.ptnr2_auth_comp_id 
_struct_conn.ptnr2_auth_seq_id 
_struct_conn.ptnr2_symmetry 
_struct_conn.pdbx_ptnr3_label_atom_id 
_struct_conn.pdbx_ptnr3_label_seq_id 
_struct_conn.pdbx_ptnr3_label_comp_id 
_struct_conn.pdbx_ptnr3_label_asym_id 
_struct_conn.pdbx_ptnr3_label_alt_id 
_struct_conn.pdbx_ptnr3_PDB_ins_code 
_struct_conn.details 
_struct_conn.pdbx_dist_value 
_struct_conn.pdbx_value_order 
_struct_conn.pdbx_role 
covale1  covale both ? A ACE 1  C ? ? ? 1_555 A PRO 2  N ? ? A ACE 1  A PRO 2  1_555 ? ? ? ? ? ? ? 1.330 ? ? 
covale2  covale both ? A PRO 2  C ? ? ? 1_555 A HYP 3  N ? ? A PRO 2  A HYP 3  1_555 ? ? ? ? ? ? ? 1.328 ? ? 
covale3  covale both ? A HYP 3  C ? ? ? 1_555 A GLY 4  N ? ? A HYP 3  A GLY 4  1_555 ? ? ? ? ? ? ? 1.326 ? ? 
covale4  covale both ? A PRO 5  C ? ? ? 1_555 A HYP 6  N ? ? A PRO 5  A HYP 6  1_555 ? ? ? ? ? ? ? 1.327 ? ? 
covale5  covale both ? A HYP 6  C ? ? ? 1_555 A GLY 7  N ? ? A HYP 6  A GLY 7  1_555 ? ? ? ? ? ? ? 1.327 ? ? 
covale6  covale both ? A PRO 20 C ? ? ? 1_555 A HYP 21 N ? ? A PRO 20 A HYP 21 1_555 ? ? ? ? ? ? ? 1.329 ? ? 
covale7  covale both ? A HYP 21 C ? ? ? 1_555 A GLY 22 N ? ? A HYP 21 A GLY 22 1_555 ? ? ? ? ? ? ? 1.328 ? ? 
covale8  covale both ? A PRO 23 C ? ? ? 1_555 A HYP 24 N ? ? A PRO 23 A HYP 24 1_555 ? ? ? ? ? ? ? 1.329 ? ? 
covale9  covale both ? A HYP 24 C ? ? ? 1_555 A GLY 25 N ? ? A HYP 24 A GLY 25 1_555 ? ? ? ? ? ? ? 1.329 ? ? 
covale10 covale both ? A PRO 26 C ? ? ? 1_555 A HYP 27 N ? ? A PRO 26 A HYP 27 1_555 ? ? ? ? ? ? ? 1.329 ? ? 
covale11 covale both ? A HYP 27 C ? ? ? 1_555 A GLY 28 N ? ? A HYP 27 A GLY 28 1_555 ? ? ? ? ? ? ? 1.330 ? ? 
covale12 covale both ? A GLY 28 C ? ? ? 1_555 A NH2 29 N ? ? A GLY 28 A NH2 29 1_555 ? ? ? ? ? ? ? 1.329 ? ? 
covale13 covale both ? B ACE 1  C ? ? ? 1_555 B PRO 2  N ? ? B ACE 1  B PRO 2  1_555 ? ? ? ? ? ? ? 1.334 ? ? 
covale14 covale both ? B PRO 2  C ? ? ? 1_555 B HYP 3  N ? ? B PRO 2  B HYP 3  1_555 ? ? ? ? ? ? ? 1.329 ? ? 
covale15 covale both ? B HYP 3  C ? ? ? 1_555 B GLY 4  N ? ? B HYP 3  B GLY 4  1_555 ? ? ? ? ? ? ? 1.325 ? ? 
covale16 covale both ? B PRO 5  C ? ? ? 1_555 B HYP 6  N ? ? B PRO 5  B HYP 6  1_555 ? ? ? ? ? ? ? 1.328 ? ? 
covale17 covale both ? B HYP 6  C ? ? ? 1_555 B GLY 7  N ? ? B HYP 6  B GLY 7  1_555 ? ? ? ? ? ? ? 1.326 ? ? 
covale18 covale both ? B PRO 20 C ? ? ? 1_555 B HYP 21 N ? ? B PRO 20 B HYP 21 1_555 ? ? ? ? ? ? ? 1.328 ? ? 
covale19 covale both ? B HYP 21 C ? ? ? 1_555 B GLY 22 N ? ? B HYP 21 B GLY 22 1_555 ? ? ? ? ? ? ? 1.327 ? ? 
covale20 covale both ? B PRO 23 C ? ? ? 1_555 B HYP 24 N ? ? B PRO 23 B HYP 24 1_555 ? ? ? ? ? ? ? 1.327 ? ? 
covale21 covale both ? B HYP 24 C ? ? ? 1_555 B GLY 25 N ? ? B HYP 24 B GLY 25 1_555 ? ? ? ? ? ? ? 1.327 ? ? 
covale22 covale both ? B PRO 26 C ? ? ? 1_555 B HYP 27 N ? ? B PRO 26 B HYP 27 1_555 ? ? ? ? ? ? ? 1.328 ? ? 
covale23 covale both ? B HYP 27 C ? ? ? 1_555 B GLY 28 N ? ? B HYP 27 B GLY 28 1_555 ? ? ? ? ? ? ? 1.327 ? ? 
covale24 covale both ? B GLY 28 C ? ? ? 1_555 B NH2 29 N ? ? B GLY 28 B NH2 29 1_555 ? ? ? ? ? ? ? 1.329 ? ? 
covale25 covale both ? C ACE 1  C ? ? ? 1_555 C PRO 2  N ? ? C ACE 1  C PRO 2  1_555 ? ? ? ? ? ? ? 1.329 ? ? 
covale26 covale both ? C PRO 2  C ? ? ? 1_555 C HYP 3  N ? ? C PRO 2  C HYP 3  1_555 ? ? ? ? ? ? ? 1.327 ? ? 
covale27 covale both ? C HYP 3  C ? ? ? 1_555 C GLY 4  N ? ? C HYP 3  C GLY 4  1_555 ? ? ? ? ? ? ? 1.327 ? ? 
covale28 covale both ? C PRO 5  C ? ? ? 1_555 C HYP 6  N ? ? C PRO 5  C HYP 6  1_555 ? ? ? ? ? ? ? 1.325 ? ? 
covale29 covale both ? C HYP 6  C ? ? ? 1_555 C GLY 7  N ? ? C HYP 6  C GLY 7  1_555 ? ? ? ? ? ? ? 1.319 ? ? 
covale30 covale both ? C PRO 20 C ? ? ? 1_555 C HYP 21 N ? ? C PRO 20 C HYP 21 1_555 ? ? ? ? ? ? ? 1.328 ? ? 
covale31 covale both ? C HYP 21 C ? ? ? 1_555 C GLY 22 N ? ? C HYP 21 C GLY 22 1_555 ? ? ? ? ? ? ? 1.329 ? ? 
covale32 covale both ? C PRO 23 C ? ? ? 1_555 C HYP 24 N ? ? C PRO 23 C HYP 24 1_555 ? ? ? ? ? ? ? 1.326 ? ? 
covale33 covale both ? C HYP 24 C ? ? ? 1_555 C GLY 25 N ? ? C HYP 24 C GLY 25 1_555 ? ? ? ? ? ? ? 1.327 ? ? 
covale34 covale both ? C PRO 26 C ? ? ? 1_555 C HYP 27 N ? ? C PRO 26 C HYP 27 1_555 ? ? ? ? ? ? ? 1.327 ? ? 
covale35 covale both ? C HYP 27 C ? ? ? 1_555 C GLY 28 N ? ? C HYP 27 C GLY 28 1_555 ? ? ? ? ? ? ? 1.329 ? ? 
covale36 covale both ? C GLY 28 C ? ? ? 1_555 C NH2 29 N ? ? C GLY 28 C NH2 29 1_555 ? ? ? ? ? ? ? 1.330 ? ? 
# 
_struct_conn_type.id          covale 
_struct_conn_type.criteria    ? 
_struct_conn_type.reference   ? 
# 
_atom_sites.entry_id                    7F01 
_atom_sites.Cartn_transf_matrix[1][1]   ? 
_atom_sites.Cartn_transf_matrix[1][2]   ? 
_atom_sites.Cartn_transf_matrix[1][3]   ? 
_atom_sites.Cartn_transf_matrix[2][1]   ? 
_atom_sites.Cartn_transf_matrix[2][2]   ? 
_atom_sites.Cartn_transf_matrix[2][3]   ? 
_atom_sites.Cartn_transf_matrix[3][1]   ? 
_atom_sites.Cartn_transf_matrix[3][2]   ? 
_atom_sites.Cartn_transf_matrix[3][3]   ? 
_atom_sites.Cartn_transf_vector[1]      ? 
_atom_sites.Cartn_transf_vector[2]      ? 
_atom_sites.Cartn_transf_vector[3]      ? 
_atom_sites.fract_transf_matrix[1][1]   -0.04150729 
_atom_sites.fract_transf_matrix[1][2]   0.02189027 
_atom_sites.fract_transf_matrix[1][3]   -0.01483195 
_atom_sites.fract_transf_matrix[2][1]   0.02524223 
_atom_sites.fract_transf_matrix[2][2]   0.03152045 
_atom_sites.fract_transf_matrix[2][3]   -0.02411992 
_atom_sites.fract_transf_matrix[3][1]   -0.00046914 
_atom_sites.fract_transf_matrix[3][2]   -0.00874648 
_atom_sites.fract_transf_matrix[3][3]   -0.01192107 
_atom_sites.fract_transf_vector[1]      -0.418426 
_atom_sites.fract_transf_vector[2]      0.009423 
_atom_sites.fract_transf_vector[3]      0.395404 
_atom_sites.solution_primary            ? 
_atom_sites.solution_secondary          ? 
_atom_sites.solution_hydrogens          ? 
_atom_sites.special_details             ? 
# 
loop_
_atom_type.symbol 
C 
N 
O 
S 
# 
loop_
_atom_site.group_PDB 
_atom_site.id 
_atom_site.type_symbol 
_atom_site.label_atom_id 
_atom_site.label_alt_id 
_atom_site.label_comp_id 
_atom_site.label_asym_id 
_atom_site.label_entity_id 
_atom_site.label_seq_id 
_atom_site.pdbx_PDB_ins_code 
_atom_site.Cartn_x 
_atom_site.Cartn_y 
_atom_site.Cartn_z 
_atom_site.occupancy 
_atom_site.B_iso_or_equiv 
_atom_site.pdbx_formal_charge 
_atom_site.auth_seq_id 
_atom_site.auth_comp_id 
_atom_site.auth_asym_id 
_atom_site.auth_atom_id 
_atom_site.pdbx_PDB_model_num 
HETATM 1   C C   . ACE A 1 1  ? -17.315 -9.518  -30.120 0.00 15.16 ? 1   ACE A C   1 
HETATM 2   O O   . ACE A 1 1  ? -16.919 -8.363  -30.273 0.00 16.60 ? 1   ACE A O   1 
HETATM 3   C CH3 . ACE A 1 1  ? -17.277 -10.515 -31.245 0.00 17.10 ? 1   ACE A CH3 1 
ATOM   4   N N   . PRO A 1 2  ? -17.806 -9.946  -28.960 1.00 13.54 ? 2   PRO A N   1 
ATOM   5   C CA  . PRO A 1 2  ? -17.882 -9.053  -27.799 1.00 14.23 ? 2   PRO A CA  1 
ATOM   6   C C   . PRO A 1 2  ? -16.514 -8.837  -27.168 1.00 11.93 ? 2   PRO A C   1 
ATOM   7   O O   . PRO A 1 2  ? -15.614 -9.654  -27.347 1.00 11.08 ? 2   PRO A O   1 
ATOM   8   C CB  . PRO A 1 2  ? -18.810 -9.792  -26.831 1.00 11.13 ? 2   PRO A CB  1 
ATOM   9   C CG  . PRO A 1 2  ? -18.772 -11.205 -27.245 1.00 16.19 ? 2   PRO A CG  1 
ATOM   10  C CD  . PRO A 1 2  ? -18.322 -11.295 -28.669 1.00 18.52 ? 2   PRO A CD  1 
HETATM 11  N N   . HYP A 1 3  ? -16.366 -7.741  -26.432 1.00 11.72 ? 3   HYP A N   1 
HETATM 12  C CA  . HYP A 1 3  ? -15.099 -7.473  -25.721 1.00 12.57 ? 3   HYP A CA  1 
HETATM 13  C C   . HYP A 1 3  ? -14.741 -8.619  -24.709 1.00 14.02 ? 3   HYP A C   1 
HETATM 14  O O   . HYP A 1 3  ? -15.646 -9.236  -24.120 1.00 13.84 ? 3   HYP A O   1 
HETATM 15  C CB  . HYP A 1 3  ? -15.238 -6.128  -25.000 1.00 12.05 ? 3   HYP A CB  1 
HETATM 16  C CG  . HYP A 1 3  ? -16.332 -5.392  -25.776 1.00 19.36 ? 3   HYP A CG  1 
HETATM 17  C CD  . HYP A 1 3  ? -17.245 -6.576  -26.165 1.00 19.48 ? 3   HYP A CD  1 
HETATM 18  O OD1 . HYP A 1 3  ? -15.884 -4.669  -26.876 1.00 22.28 ? 3   HYP A OD1 1 
ATOM   19  N N   . GLY A 1 4  ? -13.453 -8.884  -24.540 1.00 13.05 ? 4   GLY A N   1 
ATOM   20  C CA  . GLY A 1 4  ? -13.018 -9.895  -23.600 1.00 10.52 ? 4   GLY A CA  1 
ATOM   21  C C   . GLY A 1 4  ? -13.329 -9.488  -22.176 1.00 8.33  ? 4   GLY A C   1 
ATOM   22  O O   . GLY A 1 4  ? -13.655 -8.330  -21.917 1.00 10.58 ? 4   GLY A O   1 
ATOM   23  N N   . PRO A 1 5  ? -13.237 -10.443 -21.243 1.00 8.59  ? 5   PRO A N   1 
ATOM   24  C CA  . PRO A 1 5  ? -13.458 -10.109 -19.834 1.00 12.22 ? 5   PRO A CA  1 
ATOM   25  C C   . PRO A 1 5  ? -12.386 -9.159  -19.320 1.00 14.92 ? 5   PRO A C   1 
ATOM   26  O O   . PRO A 1 5  ? -11.289 -9.113  -19.878 1.00 11.19 ? 5   PRO A O   1 
ATOM   27  C CB  . PRO A 1 5  ? -13.378 -11.464 -19.118 1.00 9.62  ? 5   PRO A CB  1 
ATOM   28  C CG  . PRO A 1 5  ? -13.329 -12.506 -20.189 1.00 12.34 ? 5   PRO A CG  1 
ATOM   29  C CD  . PRO A 1 5  ? -12.855 -11.849 -21.440 1.00 12.90 ? 5   PRO A CD  1 
HETATM 30  N N   . HYP A 1 6  ? -12.706 -8.398  -18.282 1.00 9.56  ? 6   HYP A N   1 
HETATM 31  C CA  . HYP A 1 6  ? -11.702 -7.522  -17.659 1.00 10.85 ? 6   HYP A CA  1 
HETATM 32  C C   . HYP A 1 6  ? -10.498 -8.349  -17.085 1.00 9.14  ? 6   HYP A C   1 
HETATM 33  O O   . HYP A 1 6  ? -10.668 -9.533  -16.741 1.00 11.91 ? 6   HYP A O   1 
HETATM 34  C CB  . HYP A 1 6  ? -12.395 -6.711  -16.551 1.00 13.28 ? 6   HYP A CB  1 
HETATM 35  C CG  . HYP A 1 6  ? -13.889 -6.797  -16.870 1.00 16.32 ? 6   HYP A CG  1 
HETATM 36  C CD  . HYP A 1 6  ? -13.964 -8.191  -17.528 1.00 16.12 ? 6   HYP A CD  1 
HETATM 37  O OD1 . HYP A 1 6  ? -14.379 -5.784  -17.687 1.00 17.26 ? 6   HYP A OD1 1 
ATOM   38  N N   . GLY A 1 7  ? -9.326  -7.731  -17.009 1.00 12.21 ? 7   GLY A N   1 
ATOM   39  C CA  . GLY A 1 7  ? -8.171  -8.396  -16.447 1.00 11.87 ? 7   GLY A CA  1 
ATOM   40  C C   . GLY A 1 7  ? -8.336  -8.676  -14.966 1.00 10.61 ? 7   GLY A C   1 
ATOM   41  O O   . GLY A 1 7  ? -9.263  -8.179  -14.323 1.00 9.96  ? 7   GLY A O   1 
ATOM   42  N N   . GLN A 1 8  ? -7.429  -9.490  -14.435 1.00 7.63  ? 8   GLN A N   1 
ATOM   43  C CA  . GLN A 1 8  ? -7.397  -9.768  -13.007 1.00 9.04  ? 8   GLN A CA  1 
ATOM   44  C C   . GLN A 1 8  ? -7.145  -8.497  -12.205 1.00 9.22  ? 8   GLN A C   1 
ATOM   45  O O   . GLN A 1 8  ? -6.510  -7.551  -12.677 1.00 9.04  ? 8   GLN A O   1 
ATOM   46  C CB  . GLN A 1 8  ? -6.302  -10.785 -12.706 1.00 11.82 ? 8   GLN A CB  1 
ATOM   47  C CG  . GLN A 1 8  ? -6.636  -12.198 -13.095 1.00 24.94 ? 8   GLN A CG  1 
ATOM   48  C CD  . GLN A 1 8  ? -5.616  -13.167 -12.557 1.00 33.09 ? 8   GLN A CD  1 
ATOM   49  O OE1 . GLN A 1 8  ? -4.448  -13.123 -12.945 1.00 36.28 ? 8   GLN A OE1 1 
ATOM   50  N NE2 . GLN A 1 8  ? -6.032  -14.012 -11.624 1.00 30.13 ? 8   GLN A NE2 1 
ATOM   51  N N   . ARG A 1 9  ? -7.648  -8.492  -10.972 1.00 9.72  ? 9   ARG A N   1 
ATOM   52  C CA  . ARG A 1 9  ? -7.323  -7.425  -10.037 1.00 11.90 ? 9   ARG A CA  1 
ATOM   53  C C   . ARG A 1 9  ? -5.816  -7.357  -9.825  1.00 11.75 ? 9   ARG A C   1 
ATOM   54  O O   . ARG A 1 9  ? -5.110  -8.368  -9.882  1.00 11.75 ? 9   ARG A O   1 
ATOM   55  C CB  . ARG A 1 9  ? -8.021  -7.656  -8.697  1.00 12.93 ? 9   ARG A CB  1 
ATOM   56  C CG  . ARG A 1 9  ? -8.015  -6.455  -7.768  1.00 14.42 ? 9   ARG A CG  1 
ATOM   57  C CD  . ARG A 1 9  ? -8.085  -6.904  -6.316  1.00 18.41 ? 9   ARG A CD  1 
ATOM   58  N NE  . ARG A 1 9  ? -6.817  -7.482  -5.878  1.00 19.23 ? 9   ARG A NE  1 
ATOM   59  C CZ  . ARG A 1 9  ? -6.608  -8.014  -4.677  1.00 24.16 ? 9   ARG A CZ  1 
ATOM   60  N NH1 . ARG A 1 9  ? -5.418  -8.514  -4.369  1.00 18.82 ? 9   ARG A NH1 1 
ATOM   61  N NH2 . ARG A 1 9  ? -7.586  -8.046  -3.782  1.00 16.01 ? 9   ARG A NH2 1 
ATOM   62  N N   . GLY A 1 10 ? -5.320  -6.147  -9.582  1.00 7.69  ? 10  GLY A N   1 
ATOM   63  C CA  . GLY A 1 10 ? -3.916  -5.983  -9.278  1.00 7.29  ? 10  GLY A CA  1 
ATOM   64  C C   . GLY A 1 10 ? -3.550  -6.517  -7.904  1.00 15.20 ? 10  GLY A C   1 
ATOM   65  O O   . GLY A 1 10 ? -4.392  -6.728  -7.030  1.00 9.77  ? 10  GLY A O   1 
ATOM   66  N N   . ARG A 1 11 ? -2.253  -6.746  -7.731  1.00 7.39  ? 11  ARG A N   1 
ATOM   67  C CA  . ARG A 1 11 ? -1.699  -7.182  -6.457  1.00 7.76  ? 11  ARG A CA  1 
ATOM   68  C C   . ARG A 1 11 ? -1.889  -6.103  -5.394  1.00 7.54  ? 11  ARG A C   1 
ATOM   69  O O   . ARG A 1 11 ? -1.920  -4.906  -5.694  1.00 7.84  ? 11  ARG A O   1 
ATOM   70  C CB  . ARG A 1 11 ? -0.216  -7.509  -6.653  1.00 9.10  ? 11  ARG A CB  1 
ATOM   71  C CG  . ARG A 1 11 ? 0.592   -7.847  -5.422  1.00 21.19 ? 11  ARG A CG  1 
ATOM   72  C CD  . ARG A 1 11 ? 2.075   -7.886  -5.785  1.00 15.47 ? 11  ARG A CD  1 
ATOM   73  N NE  . ARG A 1 11 ? 2.333   -8.750  -6.938  1.00 10.57 ? 11  ARG A NE  1 
ATOM   74  C CZ  . ARG A 1 11 ? 2.718   -8.319  -8.138  1.00 10.23 ? 11  ARG A CZ  1 
ATOM   75  N NH1 . ARG A 1 11 ? 2.896   -7.023  -8.358  1.00 10.05 ? 11  ARG A NH1 1 
ATOM   76  N NH2 . ARG A 1 11 ? 2.925   -9.184  -9.122  1.00 11.22 ? 11  ARG A NH2 1 
ATOM   77  N N   . GLU A 1 12 ? -2.041  -6.534  -4.139  1.00 7.90  ? 12  GLU A N   1 
ATOM   78  C CA  . GLU A 1 12 ? -2.120  -5.580  -3.038  1.00 7.79  ? 12  GLU A CA  1 
ATOM   79  C C   . GLU A 1 12 ? -0.834  -4.767  -2.953  1.00 13.37 ? 12  GLU A C   1 
ATOM   80  O O   . GLU A 1 12 ? 0.269   -5.298  -3.122  1.00 7.98  ? 12  GLU A O   1 
ATOM   81  C CB  . GLU A 1 12 ? -2.373  -6.290  -1.705  1.00 8.57  ? 12  GLU A CB  1 
ATOM   82  C CG  . GLU A 1 12 ? -2.430  -5.318  -0.519  1.00 20.21 ? 12  GLU A CG  1 
ATOM   83  C CD  . GLU A 1 12 ? -2.829  -5.970  0.792   1.00 17.58 ? 12  GLU A CD  1 
ATOM   84  O OE1 . GLU A 1 12 ? -1.984  -6.662  1.397   1.00 14.21 ? 12  GLU A OE1 1 
ATOM   85  O OE2 . GLU A 1 12 ? -3.985  -5.775  1.227   1.00 23.78 ? 12  GLU A OE2 1 
ATOM   86  N N   . GLY A 1 13 ? -0.982  -3.472  -2.686  1.00 7.33  ? 13  GLY A N   1 
ATOM   87  C CA  . GLY A 1 13 ? 0.138   -2.565  -2.634  1.00 7.25  ? 13  GLY A CA  1 
ATOM   88  C C   . GLY A 1 13 ? 1.108   -2.875  -1.511  1.00 7.62  ? 13  GLY A C   1 
ATOM   89  O O   . GLY A 1 13 ? 0.820   -3.661  -0.603  1.00 7.94  ? 13  GLY A O   1 
ATOM   90  N N   . PRO A 1 14 ? 2.287   -2.265  -1.562  1.00 8.06  ? 14  PRO A N   1 
ATOM   91  C CA  . PRO A 1 14 ? 3.297   -2.515  -0.527  1.00 8.12  ? 14  PRO A CA  1 
ATOM   92  C C   . PRO A 1 14 ? 2.942   -1.821  0.780   1.00 12.49 ? 14  PRO A C   1 
ATOM   93  O O   . PRO A 1 14 ? 2.079   -0.944  0.849   1.00 15.04 ? 14  PRO A O   1 
ATOM   94  C CB  . PRO A 1 14 ? 4.581   -1.939  -1.132  1.00 10.59 ? 14  PRO A CB  1 
ATOM   95  C CG  . PRO A 1 14 ? 4.106   -0.921  -2.122  1.00 14.03 ? 14  PRO A CG  1 
ATOM   96  C CD  . PRO A 1 14 ? 2.805   -1.437  -2.664  1.00 7.78  ? 14  PRO A CD  1 
ATOM   97  N N   . MET A 1 15 ? 3.633   -2.241  1.838   1.00 11.70 ? 15  MET A N   1 
ATOM   98  C CA  . MET A 1 15 ? 3.442   -1.639  3.151   1.00 8.65  ? 15  MET A CA  1 
ATOM   99  C C   . MET A 1 15 ? 3.893   -0.184  3.140   1.00 13.24 ? 15  MET A C   1 
ATOM   100 O O   . MET A 1 15 ? 4.863   0.177   2.468   1.00 13.77 ? 15  MET A O   1 
ATOM   101 C CB  . MET A 1 15 ? 4.224   -2.413  4.213   1.00 13.62 ? 15  MET A CB  1 
ATOM   102 C CG  . MET A 1 15 ? 3.838   -2.057  5.642   1.00 16.63 ? 15  MET A CG  1 
ATOM   103 S SD  . MET A 1 15 ? 4.496   -3.203  6.870   1.00 22.78 ? 15  MET A SD  1 
ATOM   104 C CE  . MET A 1 15 ? 6.253   -2.978  6.612   1.00 22.89 ? 15  MET A CE  1 
ATOM   105 N N   . GLY A 1 16 ? 3.186   0.652   3.897   1.00 11.18 ? 16  GLY A N   1 
ATOM   106 C CA  . GLY A 1 16 ? 3.522   2.051   4.006   1.00 11.56 ? 16  GLY A CA  1 
ATOM   107 C C   . GLY A 1 16 ? 4.798   2.280   4.789   1.00 8.69  ? 16  GLY A C   1 
ATOM   108 O O   . GLY A 1 16 ? 5.350   1.361   5.402   1.00 9.60  ? 16  GLY A O   1 
ATOM   109 N N   . PRO A 1 17 ? 5.295   3.514   4.778   1.00 9.10  ? 17  PRO A N   1 
ATOM   110 C CA  . PRO A 1 17 ? 6.540   3.817   5.489   1.00 11.05 ? 17  PRO A CA  1 
ATOM   111 C C   . PRO A 1 17 ? 6.341   3.801   6.996   1.00 9.65  ? 17  PRO A C   1 
ATOM   112 O O   . PRO A 1 17 ? 5.239   4.006   7.511   1.00 10.51 ? 17  PRO A O   1 
ATOM   113 C CB  . PRO A 1 17 ? 6.898   5.223   4.996   1.00 11.52 ? 17  PRO A CB  1 
ATOM   114 C CG  . PRO A 1 17 ? 5.591   5.821   4.589   1.00 17.29 ? 17  PRO A CG  1 
ATOM   115 C CD  . PRO A 1 17 ? 4.764   4.684   4.057   1.00 11.84 ? 17  PRO A CD  1 
ATOM   116 N N   . ARG A 1 18 ? 7.437   3.548   7.709   1.00 12.35 ? 18  ARG A N   1 
ATOM   117 C CA  . ARG A 1 18 ? 7.389   3.605   9.164   1.00 17.12 ? 18  ARG A CA  1 
ATOM   118 C C   . ARG A 1 18 ? 7.041   5.016   9.624   1.00 10.19 ? 18  ARG A C   1 
ATOM   119 O O   . ARG A 1 18 ? 7.392   6.010   8.982   1.00 13.72 ? 18  ARG A O   1 
ATOM   120 C CB  . ARG A 1 18 ? 8.720   3.156   9.782   1.00 18.20 ? 18  ARG A CB  1 
ATOM   121 C CG  . ARG A 1 18 ? 8.709   3.231   11.309  1.00 18.68 ? 18  ARG A CG  1 
ATOM   122 C CD  . ARG A 1 18 ? 9.967   2.731   12.000  1.00 17.61 ? 18  ARG A CD  1 
ATOM   123 N NE  . ARG A 1 18 ? 9.632   2.227   13.332  1.00 29.10 ? 18  ARG A NE  1 
ATOM   124 C CZ  . ARG A 1 18 ? 10.506  1.733   14.204  1.00 30.26 ? 18  ARG A CZ  1 
ATOM   125 N NH1 . ARG A 1 18 ? 11.794  1.670   13.899  1.00 37.98 ? 18  ARG A NH1 1 
ATOM   126 N NH2 . ARG A 1 18 ? 10.089  1.304   15.389  1.00 35.07 ? 18  ARG A NH2 1 
ATOM   127 N N   . GLY A 1 19 ? 6.321   5.094   10.741  1.00 12.74 ? 19  GLY A N   1 
ATOM   128 C CA  . GLY A 1 19 ? 5.877   6.352   11.286  1.00 10.87 ? 19  GLY A CA  1 
ATOM   129 C C   . GLY A 1 19 ? 7.012   7.242   11.746  1.00 13.83 ? 19  GLY A C   1 
ATOM   130 O O   . GLY A 1 19 ? 8.173   6.829   11.823  1.00 12.72 ? 19  GLY A O   1 
ATOM   131 N N   . PRO A 1 20 ? 6.688   8.503   12.064  1.00 12.73 ? 20  PRO A N   1 
ATOM   132 C CA  . PRO A 1 20 ? 7.670   9.479   12.544  1.00 15.14 ? 20  PRO A CA  1 
ATOM   133 C C   . PRO A 1 20 ? 8.191   9.116   13.928  1.00 14.65 ? 20  PRO A C   1 
ATOM   134 O O   . PRO A 1 20 ? 7.539   8.361   14.651  1.00 14.51 ? 20  PRO A O   1 
ATOM   135 C CB  . PRO A 1 20 ? 6.879   10.796  12.585  1.00 19.02 ? 20  PRO A CB  1 
ATOM   136 C CG  . PRO A 1 20 ? 5.567   10.518  11.910  1.00 25.74 ? 20  PRO A CG  1 
ATOM   137 C CD  . PRO A 1 20 ? 5.326   9.055   12.025  1.00 15.36 ? 20  PRO A CD  1 
HETATM 138 N N   . HYP A 1 21 ? 9.354   9.647   14.290  1.00 13.32 ? 21  HYP A N   1 
HETATM 139 C CA  . HYP A 1 21 ? 9.929   9.389   15.630  1.00 16.25 ? 21  HYP A CA  1 
HETATM 140 C C   . HYP A 1 21 ? 8.988   9.852   16.800  1.00 14.30 ? 21  HYP A C   1 
HETATM 141 O O   . HYP A 1 21 ? 8.244   10.836  16.650  1.00 16.68 ? 21  HYP A O   1 
HETATM 142 C CB  . HYP A 1 21 ? 11.279  10.113  15.706  1.00 19.88 ? 21  HYP A CB  1 
HETATM 143 C CG  . HYP A 1 21 ? 11.764  10.186  14.256  1.00 19.91 ? 21  HYP A CG  1 
HETATM 144 C CD  . HYP A 1 21 ? 10.420  10.305  13.486  1.00 17.07 ? 21  HYP A CD  1 
HETATM 145 O OD1 . HYP A 1 21 ? 12.549  9.117   13.839  1.00 31.93 ? 21  HYP A OD1 1 
ATOM   146 N N   . GLY A 1 22 ? 9.035   9.134   17.916  1.00 13.25 ? 22  GLY A N   1 
ATOM   147 C CA  . GLY A 1 22 ? 8.259   9.502   19.083  1.00 13.52 ? 22  GLY A CA  1 
ATOM   148 C C   . GLY A 1 22 ? 8.770   10.769  19.736  1.00 18.60 ? 22  GLY A C   1 
ATOM   149 O O   . GLY A 1 22 ? 9.834   11.272  19.377  1.00 23.09 ? 22  GLY A O   1 
ATOM   150 N N   . PRO A 1 23 ? 8.004   11.307  20.692  1.00 16.29 ? 23  PRO A N   1 
ATOM   151 C CA  . PRO A 1 23 ? 8.449   12.492  21.435  1.00 23.70 ? 23  PRO A CA  1 
ATOM   152 C C   . PRO A 1 23 ? 9.643   12.170  22.326  1.00 23.94 ? 23  PRO A C   1 
ATOM   153 O O   . PRO A 1 23 ? 9.849   11.005  22.667  1.00 27.72 ? 23  PRO A O   1 
ATOM   154 C CB  . PRO A 1 23 ? 7.231   12.878  22.284  1.00 25.24 ? 23  PRO A CB  1 
ATOM   155 C CG  . PRO A 1 23 ? 6.094   12.056  21.798  1.00 26.91 ? 23  PRO A CG  1 
ATOM   156 C CD  . PRO A 1 23 ? 6.628   10.900  21.026  1.00 27.71 ? 23  PRO A CD  1 
HETATM 157 N N   . HYP A 1 24 ? 10.422  13.183  22.690  1.00 28.23 ? 24  HYP A N   1 
HETATM 158 C CA  . HYP A 1 24 ? 11.538  12.978  23.647  1.00 26.70 ? 24  HYP A CA  1 
HETATM 159 C C   . HYP A 1 24 ? 11.027  12.470  25.048  1.00 23.45 ? 24  HYP A C   1 
HETATM 160 O O   . HYP A 1 24 ? 9.910   12.824  25.463  1.00 19.86 ? 24  HYP A O   1 
HETATM 161 C CB  . HYP A 1 24 ? 12.300  14.306  23.793  1.00 31.61 ? 24  HYP A CB  1 
HETATM 162 C CG  . HYP A 1 24 ? 11.860  15.171  22.602  1.00 32.42 ? 24  HYP A CG  1 
HETATM 163 C CD  . HYP A 1 24 ? 10.438  14.622  22.329  1.00 22.60 ? 24  HYP A CD  1 
HETATM 164 O OD1 . HYP A 1 24 ? 12.696  15.123  21.490  1.00 33.67 ? 24  HYP A OD1 1 
ATOM   165 N N   . GLY A 1 25 ? 11.834  11.663  25.728  1.00 30.57 ? 25  GLY A N   1 
ATOM   166 C CA  . GLY A 1 25 ? 11.467  11.149  27.033  1.00 30.35 ? 25  GLY A CA  1 
ATOM   167 C C   . GLY A 1 25 ? 11.404  12.218  28.107  1.00 29.47 ? 25  GLY A C   1 
ATOM   168 O O   . GLY A 1 25 ? 11.819  13.355  27.883  1.00 30.43 ? 25  GLY A O   1 
ATOM   169 N N   . PRO A 1 26 ? 10.872  11.859  29.285  1.00 19.82 ? 26  PRO A N   1 
ATOM   170 C CA  . PRO A 1 26 ? 10.765  12.747  30.450  1.00 25.11 ? 26  PRO A CA  1 
ATOM   171 C C   . PRO A 1 26 ? 12.123  13.188  30.992  1.00 27.54 ? 26  PRO A C   1 
ATOM   172 O O   . PRO A 1 26 ? 13.055  12.383  31.043  1.00 24.22 ? 26  PRO A O   1 
ATOM   173 C CB  . PRO A 1 26 ? 10.045  11.879  31.488  1.00 21.07 ? 26  PRO A CB  1 
ATOM   174 C CG  . PRO A 1 26 ? 9.307   10.869  30.690  1.00 36.49 ? 26  PRO A CG  1 
ATOM   175 C CD  . PRO A 1 26 ? 10.190  10.574  29.516  1.00 24.45 ? 26  PRO A CD  1 
HETATM 176 N N   . HYP A 1 27 ? 12.230  14.450  31.395  1.00 35.10 ? 27  HYP A N   1 
HETATM 177 C CA  . HYP A 1 27 ? 13.477  14.949  32.033  1.00 27.33 ? 27  HYP A CA  1 
HETATM 178 C C   . HYP A 1 27 ? 13.692  14.385  33.488  1.00 26.54 ? 27  HYP A C   1 
HETATM 179 O O   . HYP A 1 27 ? 12.722  13.954  34.138  1.00 32.30 ? 27  HYP A O   1 
HETATM 180 C CB  . HYP A 1 27 ? 13.411  16.481  32.052  1.00 26.44 ? 27  HYP A CB  1 
HETATM 181 C CG  . HYP A 1 27 ? 12.513  16.840  30.866  1.00 27.93 ? 27  HYP A CG  1 
HETATM 182 C CD  . HYP A 1 27 ? 11.514  15.653  30.883  1.00 30.72 ? 27  HYP A CD  1 
HETATM 183 O OD1 . HYP A 1 27 ? 13.172  16.981  29.652  1.00 33.72 ? 27  HYP A OD1 1 
ATOM   184 N N   . GLY A 1 28 ? 14.938  14.392  33.953  1.00 30.32 ? 28  GLY A N   1 
ATOM   185 C CA  . GLY A 1 28 ? 15.257  14.005  35.315  1.00 40.45 ? 28  GLY A CA  1 
ATOM   186 C C   . GLY A 1 28 ? 15.107  12.529  35.631  1.00 38.63 ? 28  GLY A C   1 
ATOM   187 O O   . GLY A 1 28 ? 14.747  12.163  36.750  1.00 25.25 ? 28  GLY A O   1 
HETATM 188 N N   . NH2 A 1 29 ? 15.384  11.681  34.646  1.00 23.23 ? 29  NH2 A N   1 
HETATM 189 C C   . ACE B 1 1  ? -17.204 -14.348 -31.827 0.00 21.97 ? 1   ACE B C   1 
HETATM 190 O O   . ACE B 1 1  ? -17.942 -14.004 -30.906 0.00 23.04 ? 1   ACE B O   1 
HETATM 191 C CH3 . ACE B 1 1  ? -17.559 -14.000 -33.250 0.00 23.45 ? 1   ACE B CH3 1 
ATOM   192 N N   . PRO B 1 2  ? -16.076 -15.028 -31.619 1.00 23.28 ? 2   PRO B N   1 
ATOM   193 C CA  . PRO B 1 2  ? -15.644 -15.417 -30.271 1.00 23.11 ? 2   PRO B CA  1 
ATOM   194 C C   . PRO B 1 2  ? -15.397 -14.199 -29.393 1.00 20.91 ? 2   PRO B C   1 
ATOM   195 O O   . PRO B 1 2  ? -15.048 -13.140 -29.908 1.00 25.83 ? 2   PRO B O   1 
ATOM   196 C CB  . PRO B 1 2  ? -14.330 -16.173 -30.501 1.00 25.03 ? 2   PRO B CB  1 
ATOM   197 C CG  . PRO B 1 2  ? -14.199 -16.359 -31.945 1.00 24.52 ? 2   PRO B CG  1 
ATOM   198 C CD  . PRO B 1 2  ? -15.122 -15.436 -32.663 1.00 25.45 ? 2   PRO B CD  1 
HETATM 199 N N   . HYP B 1 3  ? -15.594 -14.353 -28.088 1.00 21.74 ? 3   HYP B N   1 
HETATM 200 C CA  . HYP B 1 3  ? -15.243 -13.258 -27.148 1.00 18.01 ? 3   HYP B CA  1 
HETATM 201 C C   . HYP B 1 3  ? -13.717 -12.892 -27.251 1.00 16.95 ? 3   HYP B C   1 
HETATM 202 O O   . HYP B 1 3  ? -12.879 -13.763 -27.551 1.00 17.24 ? 3   HYP B O   1 
HETATM 203 C CB  . HYP B 1 3  ? -15.601 -13.707 -25.734 1.00 15.55 ? 3   HYP B CB  1 
HETATM 204 C CG  . HYP B 1 3  ? -16.759 -14.701 -25.922 1.00 18.22 ? 3   HYP B CG  1 
HETATM 205 C CD  . HYP B 1 3  ? -16.394 -15.342 -27.297 1.00 25.14 ? 3   HYP B CD  1 
HETATM 206 O OD1 . HYP B 1 3  ? -18.030 -14.135 -25.883 1.00 37.30 ? 3   HYP B OD1 1 
ATOM   207 N N   . GLY B 1 4  ? -13.393 -11.631 -27.004 1.00 21.31 ? 4   GLY B N   1 
ATOM   208 C CA  . GLY B 1 4  ? -12.009 -11.208 -26.998 1.00 10.65 ? 4   GLY B CA  1 
ATOM   209 C C   . GLY B 1 4  ? -11.249 -11.870 -25.869 1.00 14.56 ? 4   GLY B C   1 
ATOM   210 O O   . GLY B 1 4  ? -11.853 -12.442 -24.963 1.00 13.79 ? 4   GLY B O   1 
ATOM   211 N N   . PRO B 1 5  ? -9.915  -11.815 -25.921 1.00 15.45 ? 5   PRO B N   1 
ATOM   212 C CA  . PRO B 1 5  ? -9.124  -12.350 -24.812 1.00 17.45 ? 5   PRO B CA  1 
ATOM   213 C C   . PRO B 1 5  ? -9.220  -11.445 -23.590 1.00 19.93 ? 5   PRO B C   1 
ATOM   214 O O   . PRO B 1 5  ? -9.614  -10.285 -23.719 1.00 14.84 ? 5   PRO B O   1 
ATOM   215 C CB  . PRO B 1 5  ? -7.706  -12.385 -25.381 1.00 20.40 ? 5   PRO B CB  1 
ATOM   216 C CG  . PRO B 1 5  ? -7.682  -11.286 -26.384 1.00 15.80 ? 5   PRO B CG  1 
ATOM   217 C CD  . PRO B 1 5  ? -9.075  -11.185 -26.955 1.00 11.92 ? 5   PRO B CD  1 
HETATM 218 N N   . HYP B 1 6  ? -8.884  -11.974 -22.420 1.00 11.80 ? 6   HYP B N   1 
HETATM 219 C CA  . HYP B 1 6  ? -8.934  -11.172 -21.177 1.00 13.13 ? 6   HYP B CA  1 
HETATM 220 C C   . HYP B 1 6  ? -7.975  -9.929  -21.217 1.00 13.91 ? 6   HYP B C   1 
HETATM 221 O O   . HYP B 1 6  ? -6.945  -9.959  -21.915 1.00 13.37 ? 6   HYP B O   1 
HETATM 222 C CB  . HYP B 1 6  ? -8.566  -12.088 -20.002 1.00 14.76 ? 6   HYP B CB  1 
HETATM 223 C CG  . HYP B 1 6  ? -8.823  -13.513 -20.503 1.00 16.42 ? 6   HYP B CG  1 
HETATM 224 C CD  . HYP B 1 6  ? -8.525  -13.360 -22.016 1.00 17.36 ? 6   HYP B CD  1 
HETATM 225 O OD1 . HYP B 1 6  ? -10.093 -14.013 -20.236 1.00 23.01 ? 6   HYP B OD1 1 
ATOM   226 N N   . GLY B 1 7  ? -8.331  -8.879  -20.490 1.00 10.73 ? 7   GLY B N   1 
ATOM   227 C CA  . GLY B 1 7  ? -7.458  -7.728  -20.365 1.00 6.68  ? 7   GLY B CA  1 
ATOM   228 C C   . GLY B 1 7  ? -6.244  -8.077  -19.526 1.00 6.65  ? 7   GLY B C   1 
ATOM   229 O O   . GLY B 1 7  ? -6.199  -9.140  -18.909 1.00 10.64 ? 7   GLY B O   1 
ATOM   230 N N   . GLN B 1 8  ? -5.253  -7.189  -19.514 1.00 9.54  ? 8   GLN B N   1 
ATOM   231 C CA  . GLN B 1 8  ? -4.078  -7.396  -18.683 1.00 8.06  ? 8   GLN B CA  1 
ATOM   232 C C   . GLN B 1 8  ? -4.441  -7.249  -17.208 1.00 10.45 ? 8   GLN B C   1 
ATOM   233 O O   . GLN B 1 8  ? -5.431  -6.609  -16.843 1.00 11.67 ? 8   GLN B O   1 
ATOM   234 C CB  . GLN B 1 8  ? -2.981  -6.397  -19.052 1.00 7.66  ? 8   GLN B CB  1 
ATOM   235 C CG  . GLN B 1 8  ? -2.506  -6.504  -20.488 1.00 9.19  ? 8   GLN B CG  1 
ATOM   236 C CD  . GLN B 1 8  ? -2.084  -7.912  -20.854 1.00 9.29  ? 8   GLN B CD  1 
ATOM   237 O OE1 . GLN B 1 8  ? -2.722  -8.576  -21.671 1.00 17.01 ? 8   GLN B OE1 1 
ATOM   238 N NE2 . GLN B 1 8  ? -0.997  -8.376  -20.251 1.00 18.64 ? 8   GLN B NE2 1 
ATOM   239 N N   . ARG B 1 9  ? -3.619  -7.855  -16.354 1.00 7.07  ? 9   ARG B N   1 
ATOM   240 C CA  . ARG B 1 9  ? -3.819  -7.723  -14.919 1.00 5.92  ? 9   ARG B CA  1 
ATOM   241 C C   . ARG B 1 9  ? -3.687  -6.266  -14.492 1.00 12.22 ? 9   ARG B C   1 
ATOM   242 O O   . ARG B 1 9  ? -2.903  -5.496  -15.054 1.00 6.42  ? 9   ARG B O   1 
ATOM   243 C CB  . ARG B 1 9  ? -2.814  -8.579  -14.150 1.00 6.07  ? 9   ARG B CB  1 
ATOM   244 C CG  . ARG B 1 9  ? -3.172  -8.749  -12.682 1.00 6.01  ? 9   ARG B CG  1 
ATOM   245 C CD  . ARG B 1 9  ? -2.057  -9.411  -11.902 1.00 10.15 ? 9   ARG B CD  1 
ATOM   246 N NE  . ARG B 1 9  ? -2.453  -9.713  -10.531 1.00 8.04  ? 9   ARG B NE  1 
ATOM   247 C CZ  . ARG B 1 9  ? -1.636  -10.230 -9.620  1.00 8.77  ? 9   ARG B CZ  1 
ATOM   248 N NH1 . ARG B 1 9  ? -0.377  -10.507 -9.940  1.00 14.89 ? 9   ARG B NH1 1 
ATOM   249 N NH2 . ARG B 1 9  ? -2.073  -10.478 -8.393  1.00 14.08 ? 9   ARG B NH2 1 
ATOM   250 N N   . GLY B 1 10 ? -4.469  -5.897  -13.482 1.00 7.65  ? 10  GLY B N   1 
ATOM   251 C CA  . GLY B 1 10 ? -4.442  -4.537  -12.988 1.00 5.69  ? 10  GLY B CA  1 
ATOM   252 C C   . GLY B 1 10 ? -3.114  -4.173  -12.353 1.00 5.67  ? 10  GLY B C   1 
ATOM   253 O O   . GLY B 1 10 ? -2.267  -5.016  -12.053 1.00 10.36 ? 10  GLY B O   1 
ATOM   254 N N   . ARG B 1 11 ? -2.948  -2.870  -12.161 1.00 8.33  ? 11  ARG B N   1 
ATOM   255 C CA  A ARG B 1 11 ? -1.740  -2.328  -11.552 0.48 6.50  ? 11  ARG B CA  1 
ATOM   256 C CA  B ARG B 1 11 ? -1.738  -2.343  -11.556 0.52 6.86  ? 11  ARG B CA  1 
ATOM   257 C C   . ARG B 1 11 ? -1.588  -2.818  -10.116 1.00 6.75  ? 11  ARG B C   1 
ATOM   258 O O   . ARG B 1 11 ? -2.571  -3.071  -9.414  1.00 14.98 ? 11  ARG B O   1 
ATOM   259 C CB  A ARG B 1 11 ? -1.789  -0.796  -11.561 0.48 11.79 ? 11  ARG B CB  1 
ATOM   260 C CB  B ARG B 1 11 ? -1.771  -0.822  -11.580 0.52 12.30 ? 11  ARG B CB  1 
ATOM   261 C CG  A ARG B 1 11 ? -0.444  -0.080  -11.673 0.48 20.02 ? 11  ARG B CG  1 
ATOM   262 C CG  B ARG B 1 11 ? -0.421  -0.200  -11.701 0.52 19.45 ? 11  ARG B CG  1 
ATOM   263 C CD  A ARG B 1 11 ? -0.600  1.373   -11.222 0.48 18.29 ? 11  ARG B CD  1 
ATOM   264 C CD  B ARG B 1 11 ? -0.537  1.295   -11.593 0.52 18.85 ? 11  ARG B CD  1 
ATOM   265 N NE  A ARG B 1 11 ? 0.459   2.262   -11.699 0.48 23.86 ? 11  ARG B NE  1 
ATOM   266 N NE  B ARG B 1 11 ? 0.758   1.876   -11.279 0.52 20.02 ? 11  ARG B NE  1 
ATOM   267 C CZ  A ARG B 1 11 ? 1.548   2.584   -11.005 0.48 12.93 ? 11  ARG B CZ  1 
ATOM   268 C CZ  B ARG B 1 11 ? 1.013   3.177   -11.274 0.52 16.11 ? 11  ARG B CZ  1 
ATOM   269 N NH1 A ARG B 1 11 ? 1.750   2.078   -9.801  0.48 19.10 ? 11  ARG B NH1 1 
ATOM   270 N NH1 B ARG B 1 11 ? 0.050   4.045   -11.555 0.52 16.55 ? 11  ARG B NH1 1 
ATOM   271 N NH2 A ARG B 1 11 ? 2.445   3.406   -11.531 0.48 24.31 ? 11  ARG B NH2 1 
ATOM   272 N NH2 B ARG B 1 11 ? 2.228   3.609   -10.970 0.52 25.55 ? 11  ARG B NH2 1 
ATOM   273 N N   . GLU B 1 12 ? -0.336  -2.937  -9.675  1.00 5.77  ? 12  GLU B N   1 
ATOM   274 C CA  . GLU B 1 12 ? -0.084  -3.174  -8.261  1.00 5.69  ? 12  GLU B CA  1 
ATOM   275 C C   . GLU B 1 12 ? -0.631  -2.001  -7.459  1.00 8.66  ? 12  GLU B C   1 
ATOM   276 O O   . GLU B 1 12 ? -0.521  -0.843  -7.873  1.00 9.49  ? 12  GLU B O   1 
ATOM   277 C CB  . GLU B 1 12 ? 1.411   -3.346  -7.994  1.00 5.94  ? 12  GLU B CB  1 
ATOM   278 C CG  . GLU B 1 12 ? 1.766   -3.466  -6.519  1.00 8.23  ? 12  GLU B CG  1 
ATOM   279 C CD  . GLU B 1 12 ? 3.201   -3.899  -6.293  1.00 15.93 ? 12  GLU B CD  1 
ATOM   280 O OE1 . GLU B 1 12 ? 3.599   -4.955  -6.827  1.00 18.12 ? 12  GLU B OE1 1 
ATOM   281 O OE2 . GLU B 1 12 ? 3.932   -3.182  -5.581  1.00 12.97 ? 12  GLU B OE2 1 
ATOM   282 N N   . GLY B 1 13 ? -1.237  -2.307  -6.316  1.00 8.28  ? 13  GLY B N   1 
ATOM   283 C CA  . GLY B 1 13 ? -1.877  -1.309  -5.493  1.00 5.75  ? 13  GLY B CA  1 
ATOM   284 C C   . GLY B 1 13 ? -0.929  -0.232  -5.005  1.00 6.09  ? 13  GLY B C   1 
ATOM   285 O O   . GLY B 1 13 ? 0.294   -0.403  -4.992  1.00 9.14  ? 13  GLY B O   1 
ATOM   286 N N   . PRO B 1 14 ? -1.480  0.913   -4.612  1.00 8.08  ? 14  PRO B N   1 
ATOM   287 C CA  . PRO B 1 14 ? -0.644  1.973   -4.041  1.00 6.46  ? 14  PRO B CA  1 
ATOM   288 C C   . PRO B 1 14 ? -0.101  1.565   -2.682  1.00 6.84  ? 14  PRO B C   1 
ATOM   289 O O   . PRO B 1 14 ? -0.642  0.698   -1.992  1.00 9.59  ? 14  PRO B O   1 
ATOM   290 C CB  . PRO B 1 14 ? -1.600  3.164   -3.917  1.00 6.93  ? 14  PRO B CB  1 
ATOM   291 C CG  . PRO B 1 14 ? -2.963  2.565   -3.922  1.00 8.18  ? 14  PRO B CG  1 
ATOM   292 C CD  . PRO B 1 14 ? -2.881  1.334   -4.770  1.00 6.44  ? 14  PRO B CD  1 
ATOM   293 N N   . MET B 1 15 ? 0.996   2.214   -2.306  1.00 6.57  ? 15  MET B N   1 
ATOM   294 C CA  . MET B 1 15 ? 1.600   1.979   -1.004  1.00 8.44  ? 15  MET B CA  1 
ATOM   295 C C   . MET B 1 15 ? 0.625   2.346   0.110   1.00 9.46  ? 15  MET B C   1 
ATOM   296 O O   . MET B 1 15 ? -0.197  3.257   -0.027  1.00 10.49 ? 15  MET B O   1 
ATOM   297 C CB  . MET B 1 15 ? 2.884   2.795   -0.877  1.00 7.94  ? 15  MET B CB  1 
ATOM   298 C CG  . MET B 1 15 ? 3.678   2.547   0.382   1.00 19.57 ? 15  MET B CG  1 
ATOM   299 S SD  . MET B 1 15 ? 5.299   3.303   0.231   1.00 45.10 ? 15  MET B SD  1 
ATOM   300 C CE  . MET B 1 15 ? 4.857   4.897   -0.456  1.00 14.82 ? 15  MET B CE  1 
ATOM   301 N N   . GLY B 1 16 ? 0.719   1.620   1.222   1.00 8.52  ? 16  GLY B N   1 
ATOM   302 C CA  . GLY B 1 16 ? -0.122  1.872   2.366   1.00 6.97  ? 16  GLY B CA  1 
ATOM   303 C C   . GLY B 1 16 ? 0.219   3.174   3.062   1.00 10.00 ? 16  GLY B C   1 
ATOM   304 O O   . GLY B 1 16 ? 1.232   3.818   2.768   1.00 11.52 ? 16  GLY B O   1 
ATOM   305 N N   . PRO B 1 17 ? -0.627  3.587   4.002   1.00 8.35  ? 17  PRO B N   1 
ATOM   306 C CA  . PRO B 1 17 ? -0.382  4.847   4.711   1.00 8.79  ? 17  PRO B CA  1 
ATOM   307 C C   . PRO B 1 17 ? 0.807   4.749   5.653   1.00 13.50 ? 17  PRO B C   1 
ATOM   308 O O   . PRO B 1 17 ? 1.253   3.667   6.041   1.00 11.77 ? 17  PRO B O   1 
ATOM   309 C CB  . PRO B 1 17 ? -1.682  5.072   5.492   1.00 14.13 ? 17  PRO B CB  1 
ATOM   310 C CG  . PRO B 1 17 ? -2.253  3.703   5.666   1.00 12.68 ? 17  PRO B CG  1 
ATOM   311 C CD  . PRO B 1 17 ? -1.880  2.942   4.426   1.00 7.94  ? 17  PRO B CD  1 
ATOM   312 N N   . ARG B 1 18 ? 1.317   5.921   6.018   1.00 12.18 ? 18  ARG B N   1 
ATOM   313 C CA  . ARG B 1 18 ? 2.432   6.017   6.944   1.00 8.76  ? 18  ARG B CA  1 
ATOM   314 C C   . ARG B 1 18 ? 2.029   5.511   8.325   1.00 14.21 ? 18  ARG B C   1 
ATOM   315 O O   . ARG B 1 18 ? 0.886   5.668   8.762   1.00 13.42 ? 18  ARG B O   1 
ATOM   316 C CB  . ARG B 1 18 ? 2.917   7.466   7.030   1.00 10.54 ? 18  ARG B CB  1 
ATOM   317 C CG  . ARG B 1 18 ? 4.191   7.673   7.833   1.00 16.96 ? 18  ARG B CG  1 
ATOM   318 C CD  . ARG B 1 18 ? 4.717   9.090   7.660   1.00 18.01 ? 18  ARG B CD  1 
ATOM   319 N NE  . ARG B 1 18 ? 4.969   9.414   6.259   1.00 11.69 ? 18  ARG B NE  1 
ATOM   320 C CZ  . ARG B 1 18 ? 6.127   9.202   5.642   1.00 14.39 ? 18  ARG B CZ  1 
ATOM   321 N NH1 . ARG B 1 18 ? 7.147   8.672   6.304   1.00 14.66 ? 18  ARG B NH1 1 
ATOM   322 N NH2 . ARG B 1 18 ? 6.269   9.527   4.364   1.00 16.78 ? 18  ARG B NH2 1 
ATOM   323 N N   . GLY B 1 19 ? 2.985   4.891   9.015   1.00 10.49 ? 19  GLY B N   1 
ATOM   324 C CA  . GLY B 1 19 ? 2.744   4.352   10.331  1.00 9.12  ? 19  GLY B CA  1 
ATOM   325 C C   . GLY B 1 19 ? 2.509   5.433   11.365  1.00 16.56 ? 19  GLY B C   1 
ATOM   326 O O   . GLY B 1 19 ? 2.768   6.617   11.130  1.00 13.60 ? 19  GLY B O   1 
ATOM   327 N N   . PRO B 1 20 ? 2.000   5.042   12.542  1.00 13.59 ? 20  PRO B N   1 
ATOM   328 C CA  . PRO B 1 20 ? 1.781   5.997   13.631  1.00 17.59 ? 20  PRO B CA  1 
ATOM   329 C C   . PRO B 1 20 ? 3.105   6.463   14.222  1.00 15.68 ? 20  PRO B C   1 
ATOM   330 O O   . PRO B 1 20 ? 4.121   5.794   14.037  1.00 18.03 ? 20  PRO B O   1 
ATOM   331 C CB  . PRO B 1 20 ? 0.967   5.199   14.662  1.00 16.14 ? 20  PRO B CB  1 
ATOM   332 C CG  . PRO B 1 20 ? 0.653   3.877   14.021  1.00 22.26 ? 20  PRO B CG  1 
ATOM   333 C CD  . PRO B 1 20 ? 1.635   3.668   12.921  1.00 14.67 ? 20  PRO B CD  1 
HETATM 334 N N   . HYP B 1 21 ? 3.093   7.596   14.913  1.00 19.11 ? 21  HYP B N   1 
HETATM 335 C CA  . HYP B 1 21 ? 4.324   8.114   15.552  1.00 17.74 ? 21  HYP B CA  1 
HETATM 336 C C   . HYP B 1 21 ? 4.909   7.117   16.616  1.00 18.62 ? 21  HYP B C   1 
HETATM 337 O O   . HYP B 1 21 ? 4.150   6.345   17.230  1.00 18.84 ? 21  HYP B O   1 
HETATM 338 C CB  . HYP B 1 21 ? 3.993   9.472   16.195  1.00 21.20 ? 21  HYP B CB  1 
HETATM 339 C CG  . HYP B 1 21 ? 2.683   9.924   15.538  1.00 19.30 ? 21  HYP B CG  1 
HETATM 340 C CD  . HYP B 1 21 ? 2.018   8.562   15.240  1.00 20.65 ? 21  HYP B CD  1 
HETATM 341 O OD1 . HYP B 1 21 ? 2.827   10.724  14.407  1.00 33.83 ? 21  HYP B OD1 1 
ATOM   342 N N   . GLY B 1 22 ? 6.222   7.146   16.800  1.00 20.10 ? 22  GLY B N   1 
ATOM   343 C CA  . GLY B 1 22 ? 6.867   6.276   17.763  1.00 21.30 ? 22  GLY B CA  1 
ATOM   344 C C   . GLY B 1 22 ? 6.446   6.548   19.190  1.00 28.58 ? 22  GLY B C   1 
ATOM   345 O O   . GLY B 1 22 ? 5.811   7.565   19.478  1.00 16.75 ? 22  GLY B O   1 
ATOM   346 N N   . PRO B 1 23 ? 6.791   5.631   20.100  1.00 18.34 ? 23  PRO B N   1 
ATOM   347 C CA  . PRO B 1 23 ? 6.526   5.865   21.517  1.00 20.32 ? 23  PRO B CA  1 
ATOM   348 C C   . PRO B 1 23 ? 7.536   6.831   22.113  1.00 21.56 ? 23  PRO B C   1 
ATOM   349 O O   . PRO B 1 23 ? 8.629   6.995   21.568  1.00 19.82 ? 23  PRO B O   1 
ATOM   350 C CB  . PRO B 1 23 ? 6.659   4.472   22.126  1.00 30.53 ? 23  PRO B CB  1 
ATOM   351 C CG  . PRO B 1 23 ? 7.671   3.794   21.266  1.00 29.39 ? 23  PRO B CG  1 
ATOM   352 C CD  . PRO B 1 23 ? 7.527   4.374   19.875  1.00 23.14 ? 23  PRO B CD  1 
HETATM 353 N N   . HYP B 1 24 ? 7.157   7.476   23.210  1.00 24.74 ? 24  HYP B N   1 
HETATM 354 C CA  . HYP B 1 24 ? 8.059   8.389   23.935  1.00 19.26 ? 24  HYP B CA  1 
HETATM 355 C C   . HYP B 1 24 ? 9.455   7.749   24.238  1.00 26.24 ? 24  HYP B C   1 
HETATM 356 O O   . HYP B 1 24 ? 9.542   6.535   24.496  1.00 30.72 ? 24  HYP B O   1 
HETATM 357 C CB  . HYP B 1 24 ? 7.372   8.793   25.239  1.00 30.71 ? 24  HYP B CB  1 
HETATM 358 C CG  . HYP B 1 24 ? 5.870   8.597   25.003  1.00 21.99 ? 24  HYP B CG  1 
HETATM 359 C CD  . HYP B 1 24 ? 5.840   7.529   23.874  1.00 28.85 ? 24  HYP B CD  1 
HETATM 360 O OD1 . HYP B 1 24 ? 5.159   9.751   24.687  1.00 36.42 ? 24  HYP B OD1 1 
ATOM   361 N N   . GLY B 1 25 ? 10.504  8.562   24.190  1.00 30.09 ? 25  GLY B N   1 
ATOM   362 C CA  . GLY B 1 25 ? 11.826  8.094   24.546  1.00 22.98 ? 25  GLY B CA  1 
ATOM   363 C C   . GLY B 1 25 ? 11.886  7.754   26.018  1.00 27.04 ? 25  GLY B C   1 
ATOM   364 O O   . GLY B 1 25 ? 10.958  8.054   26.770  1.00 20.63 ? 25  GLY B O   1 
ATOM   365 N N   . PRO B 1 26 ? 12.981  7.119   26.446  1.00 26.48 ? 26  PRO B N   1 
ATOM   366 C CA  . PRO B 1 26 ? 13.120  6.819   27.871  1.00 26.43 ? 26  PRO B CA  1 
ATOM   367 C C   . PRO B 1 26 ? 13.501  8.063   28.661  1.00 31.66 ? 26  PRO B C   1 
ATOM   368 O O   . PRO B 1 26 ? 14.013  9.024   28.085  1.00 25.98 ? 26  PRO B O   1 
ATOM   369 C CB  . PRO B 1 26 ? 14.240  5.769   27.907  1.00 22.18 ? 26  PRO B CB  1 
ATOM   370 C CG  . PRO B 1 26 ? 14.819  5.714   26.493  1.00 35.39 ? 26  PRO B CG  1 
ATOM   371 C CD  . PRO B 1 26 ? 14.215  6.830   25.703  1.00 25.32 ? 26  PRO B CD  1 
HETATM 372 N N   . HYP B 1 27 ? 13.232  8.051   29.961  1.00 27.69 ? 27  HYP B N   1 
HETATM 373 C CA  . HYP B 1 27 ? 13.649  9.166   30.838  1.00 30.91 ? 27  HYP B CA  1 
HETATM 374 C C   . HYP B 1 27 ? 15.213  9.380   30.808  1.00 31.67 ? 27  HYP B C   1 
HETATM 375 O O   . HYP B 1 27 ? 15.969  8.398   30.697  1.00 30.45 ? 27  HYP B O   1 
HETATM 376 C CB  . HYP B 1 27 ? 13.154  8.861   32.262  1.00 25.38 ? 27  HYP B CB  1 
HETATM 377 C CG  . HYP B 1 27 ? 12.050  7.802   32.110  1.00 27.08 ? 27  HYP B CG  1 
HETATM 378 C CD  . HYP B 1 27 ? 12.466  7.093   30.796  1.00 32.97 ? 27  HYP B CD  1 
HETATM 379 O OD1 . HYP B 1 27 ? 10.746  8.290   32.091  1.00 27.35 ? 27  HYP B OD1 1 
ATOM   380 N N   . GLY B 1 28 ? 15.655  10.629  30.888  1.00 26.84 ? 28  GLY B N   1 
ATOM   381 C CA  . GLY B 1 28 ? 17.075  10.926  30.840  1.00 28.86 ? 28  GLY B CA  1 
ATOM   382 C C   . GLY B 1 28 ? 17.455  12.233  31.507  1.00 38.23 ? 28  GLY B C   1 
ATOM   383 O O   . GLY B 1 28 ? 16.590  13.020  31.891  1.00 32.61 ? 28  GLY B O   1 
HETATM 384 N N   . NH2 B 1 29 ? 18.757  12.462  31.646  1.00 21.09 ? 29  NH2 B N   1 
HETATM 385 C C   . ACE C 1 1  ? -15.372 -13.268 -36.898 0.00 11.49 ? 1   ACE C C   1 
HETATM 386 O O   . ACE C 1 1  ? -14.711 -14.146 -36.344 0.00 11.01 ? 1   ACE C O   1 
HETATM 387 C CH3 . ACE C 1 1  ? -16.660 -13.577 -37.592 0.00 12.27 ? 1   ACE C CH3 1 
ATOM   388 N N   . PRO C 1 2  ? -14.977 -11.999 -36.923 1.00 37.63 ? 2   PRO C N   1 
ATOM   389 C CA  . PRO C 1 2  ? -13.726 -11.651 -36.247 1.00 31.43 ? 2   PRO C CA  1 
ATOM   390 C C   . PRO C 1 2  ? -13.902 -11.632 -34.735 1.00 21.93 ? 2   PRO C C   1 
ATOM   391 O O   . PRO C 1 2  ? -14.953 -11.221 -34.241 1.00 30.07 ? 2   PRO C O   1 
ATOM   392 C CB  . PRO C 1 2  ? -13.422 -10.257 -36.794 1.00 34.15 ? 2   PRO C CB  1 
ATOM   393 C CG  . PRO C 1 2  ? -14.791 -9.674  -36.966 1.00 34.04 ? 2   PRO C CG  1 
ATOM   394 C CD  . PRO C 1 2  ? -15.550 -10.821 -37.602 1.00 35.55 ? 2   PRO C CD  1 
HETATM 395 N N   . HYP C 1 3  ? -12.888 -12.091 -34.014 1.00 25.56 ? 3   HYP C N   1 
HETATM 396 C CA  . HYP C 1 3  ? -12.937 -12.102 -32.538 1.00 24.00 ? 3   HYP C CA  1 
HETATM 397 C C   . HYP C 1 3  ? -13.108 -10.664 -31.932 1.00 24.28 ? 3   HYP C C   1 
HETATM 398 O O   . HYP C 1 3  ? -12.670 -9.673  -32.544 1.00 18.15 ? 3   HYP C O   1 
HETATM 399 C CB  . HYP C 1 3  ? -11.650 -12.755 -32.025 1.00 20.70 ? 3   HYP C CB  1 
HETATM 400 C CG  . HYP C 1 3  ? -11.106 -13.571 -33.208 1.00 29.18 ? 3   HYP C CG  1 
HETATM 401 C CD  . HYP C 1 3  ? -11.623 -12.746 -34.414 1.00 22.99 ? 3   HYP C CD  1 
HETATM 402 O OD1 . HYP C 1 3  ? -11.495 -14.908 -33.243 1.00 34.35 ? 3   HYP C OD1 1 
ATOM   403 N N   . GLY C 1 4  ? -13.742 -10.583 -30.769 1.00 17.74 ? 4   GLY C N   1 
ATOM   404 C CA  . GLY C 1 4  ? -13.890 -9.316  -30.085 1.00 12.86 ? 4   GLY C CA  1 
ATOM   405 C C   . GLY C 1 4  ? -12.552 -8.777  -29.633 1.00 13.81 ? 4   GLY C C   1 
ATOM   406 O O   . GLY C 1 4  ? -11.560 -9.507  -29.601 1.00 13.95 ? 4   GLY C O   1 
ATOM   407 N N   . PRO C 1 5  ? -12.511 -7.485  -29.290 1.00 11.70 ? 5   PRO C N   1 
ATOM   408 C CA  . PRO C 1 5  ? -11.263 -6.891  -28.813 1.00 8.72  ? 5   PRO C CA  1 
ATOM   409 C C   . PRO C 1 5  ? -10.905 -7.357  -27.412 1.00 10.28 ? 5   PRO C C   1 
ATOM   410 O O   . PRO C 1 5  ? -11.749 -7.899  -26.694 1.00 13.93 ? 5   PRO C O   1 
ATOM   411 C CB  . PRO C 1 5  ? -11.569 -5.394  -28.826 1.00 9.15  ? 5   PRO C CB  1 
ATOM   412 C CG  . PRO C 1 5  ? -13.024 -5.330  -28.548 1.00 11.94 ? 5   PRO C CG  1 
ATOM   413 C CD  . PRO C 1 5  ? -13.615 -6.510  -29.287 1.00 12.89 ? 5   PRO C CD  1 
HETATM 414 N N   . HYP C 1 6  ? -9.653  -7.145  -27.033 1.00 12.45 ? 6   HYP C N   1 
HETATM 415 C CA  . HYP C 1 6  ? -9.261  -7.397  -25.668 1.00 8.67  ? 6   HYP C CA  1 
HETATM 416 C C   . HYP C 1 6  ? -10.005 -6.439  -24.696 1.00 10.78 ? 6   HYP C C   1 
HETATM 417 O O   . HYP C 1 6  ? -10.306 -5.283  -25.041 1.00 18.44 ? 6   HYP C O   1 
HETATM 418 C CB  . HYP C 1 6  ? -7.744  -7.221  -25.535 1.00 13.41 ? 6   HYP C CB  1 
HETATM 419 C CG  . HYP C 1 6  ? -7.235  -7.159  -26.973 1.00 12.42 ? 6   HYP C CG  1 
HETATM 420 C CD  . HYP C 1 6  ? -8.463  -6.574  -27.685 1.00 15.65 ? 6   HYP C CD  1 
HETATM 421 O OD1 . HYP C 1 6  ? -6.838  -8.375  -27.514 1.00 14.84 ? 6   HYP C OD1 1 
ATOM   422 N N   . GLY C 1 7  ? -10.305 -6.953  -23.519 1.00 19.63 ? 7   GLY C N   1 
ATOM   423 C CA  . GLY C 1 7  ? -11.025 -6.198  -22.528 1.00 19.46 ? 7   GLY C CA  1 
ATOM   424 C C   . GLY C 1 7  ? -10.118 -5.244  -21.802 1.00 11.56 ? 7   GLY C C   1 
ATOM   425 O O   . GLY C 1 7  ? -8.908  -5.296  -21.935 1.00 10.25 ? 7   GLY C O   1 
ATOM   426 N N   . GLN C 1 8  ? -10.739 -4.352  -21.045 1.00 18.37 ? 8   GLN C N   1 
ATOM   427 C CA  . GLN C 1 8  ? -10.054 -3.419  -20.158 1.00 15.66 ? 8   GLN C CA  1 
ATOM   428 C C   . GLN C 1 8  ? -9.123  -4.129  -19.186 1.00 9.63  ? 8   GLN C C   1 
ATOM   429 O O   . GLN C 1 8  ? -9.470  -5.196  -18.674 1.00 11.18 ? 8   GLN C O   1 
ATOM   430 C CB  . GLN C 1 8  ? -11.103 -2.613  -19.387 1.00 20.67 ? 8   GLN C CB  1 
ATOM   431 C CG  . GLN C 1 8  ? -12.026 -3.515  -18.514 1.00 19.73 ? 8   GLN C CG  1 
ATOM   432 C CD  . GLN C 1 8  ? -13.078 -2.703  -17.767 1.00 25.74 ? 8   GLN C CD  1 
ATOM   433 O OE1 . GLN C 1 8  ? -13.043 -1.478  -17.816 1.00 35.92 ? 8   GLN C OE1 1 
ATOM   434 N NE2 . GLN C 1 8  ? -13.984 -3.370  -17.047 1.00 30.03 ? 8   GLN C NE2 1 
ATOM   435 N N   . ARG C 1 9  ? -7.939  -3.559  -18.946 1.00 16.37 ? 9   ARG C N   1 
ATOM   436 C CA  . ARG C 1 9  ? -7.102  -3.941  -17.820 1.00 13.50 ? 9   ARG C CA  1 
ATOM   437 C C   . ARG C 1 9  ? -7.925  -4.109  -16.550 1.00 12.75 ? 9   ARG C C   1 
ATOM   438 O O   . ARG C 1 9  ? -8.916  -3.404  -16.331 1.00 10.82 ? 9   ARG C O   1 
ATOM   439 C CB  . ARG C 1 9  ? -6.034  -2.873  -17.610 1.00 9.46  ? 9   ARG C CB  1 
ATOM   440 C CG  . ARG C 1 9  ? -4.929  -3.280  -16.671 1.00 5.47  ? 9   ARG C CG  1 
ATOM   441 C CD  . ARG C 1 9  ? -3.815  -2.264  -16.743 1.00 11.60 ? 9   ARG C CD  1 
ATOM   442 N NE  . ARG C 1 9  ? -2.636  -2.693  -16.010 1.00 8.53  ? 9   ARG C NE  1 
ATOM   443 C CZ  . ARG C 1 9  ? -1.559  -1.936  -15.842 1.00 9.91  ? 9   ARG C CZ  1 
ATOM   444 N NH1 . ARG C 1 9  ? -1.510  -0.728  -16.386 1.00 17.21 ? 9   ARG C NH1 1 
ATOM   445 N NH2 . ARG C 1 9  ? -0.530  -2.394  -15.146 1.00 12.89 ? 9   ARG C NH2 1 
ATOM   446 N N   . GLY C 1 10 ? -7.473  -5.010  -15.689 1.00 6.15  ? 10  GLY C N   1 
ATOM   447 C CA  . GLY C 1 10 ? -8.141  -5.237  -14.429 1.00 4.89  ? 10  GLY C CA  1 
ATOM   448 C C   . GLY C 1 10 ? -8.038  -4.049  -13.489 1.00 8.29  ? 10  GLY C C   1 
ATOM   449 O O   . GLY C 1 10 ? -7.304  -3.087  -13.713 1.00 12.20 ? 10  GLY C O   1 
ATOM   450 N N   . ARG C 1 11 ? -8.803  -4.131  -12.403 1.00 14.42 ? 11  ARG C N   1 
ATOM   451 C CA  . ARG C 1 11 ? -8.812  -3.077  -11.399 1.00 5.89  ? 11  ARG C CA  1 
ATOM   452 C C   . ARG C 1 11 ? -7.448  -2.954  -10.730 1.00 10.28 ? 11  ARG C C   1 
ATOM   453 O O   . ARG C 1 11 ? -6.709  -3.933  -10.590 1.00 9.26  ? 11  ARG C O   1 
ATOM   454 C CB  . ARG C 1 11 ? -9.874  -3.376  -10.341 1.00 11.68 ? 11  ARG C CB  1 
ATOM   455 C CG  . ARG C 1 11 ? -11.295 -3.119  -10.789 1.00 12.59 ? 11  ARG C CG  1 
ATOM   456 C CD  . ARG C 1 11 ? -12.273 -3.721  -9.798  1.00 16.09 ? 11  ARG C CD  1 
ATOM   457 N NE  . ARG C 1 11 ? -13.629 -3.203  -9.954  1.00 15.01 ? 11  ARG C NE  1 
ATOM   458 C CZ  . ARG C 1 11 ? -14.498 -3.089  -8.957  1.00 13.74 ? 11  ARG C CZ  1 
ATOM   459 N NH1 . ARG C 1 11 ? -14.154 -3.461  -7.732  1.00 11.33 ? 11  ARG C NH1 1 
ATOM   460 N NH2 . ARG C 1 11 ? -15.712 -2.610  -9.186  1.00 16.63 ? 11  ARG C NH2 1 
ATOM   461 N N   . GLU C 1 12 ? -7.122  -1.732  -10.314 1.00 6.10  ? 12  GLU C N   1 
ATOM   462 C CA  . GLU C 1 12 ? -5.939  -1.499  -9.498  1.00 7.72  ? 12  GLU C CA  1 
ATOM   463 C C   . GLU C 1 12 ? -6.004  -2.325  -8.218  1.00 8.70  ? 12  GLU C C   1 
ATOM   464 O O   . GLU C 1 12 ? -7.076  -2.512  -7.635  1.00 9.20  ? 12  GLU C O   1 
ATOM   465 C CB  . GLU C 1 12 ? -5.832  -0.009  -9.166  1.00 9.04  ? 12  GLU C CB  1 
ATOM   466 C CG  . GLU C 1 12 ? -4.597  0.416   -8.396  1.00 18.18 ? 12  GLU C CG  1 
ATOM   467 C CD  . GLU C 1 12 ? -4.680  1.869   -7.962  1.00 11.26 ? 12  GLU C CD  1 
ATOM   468 O OE1 . GLU C 1 12 ? -5.696  2.248   -7.335  1.00 14.14 ? 12  GLU C OE1 1 
ATOM   469 O OE2 . GLU C 1 12 ? -3.734  2.632   -8.244  1.00 25.71 ? 12  GLU C OE2 1 
ATOM   470 N N   . GLY C 1 13 ? -4.854  -2.838  -7.789  1.00 6.65  ? 13  GLY C N   1 
ATOM   471 C CA  . GLY C 1 13 ? -4.771  -3.554  -6.538  1.00 4.77  ? 13  GLY C CA  1 
ATOM   472 C C   . GLY C 1 13 ? -5.152  -2.672  -5.367  1.00 7.72  ? 13  GLY C C   1 
ATOM   473 O O   . GLY C 1 13 ? -5.089  -1.441  -5.445  1.00 10.39 ? 13  GLY C O   1 
ATOM   474 N N   . PRO C 1 14 ? -5.568  -3.280  -4.260  1.00 5.73  ? 14  PRO C N   1 
ATOM   475 C CA  . PRO C 1 14 ? -5.934  -2.486  -3.085  1.00 7.89  ? 14  PRO C CA  1 
ATOM   476 C C   . PRO C 1 14 ? -4.710  -1.821  -2.478  1.00 7.77  ? 14  PRO C C   1 
ATOM   477 O O   . PRO C 1 14 ? -3.573  -2.266  -2.652  1.00 9.88  ? 14  PRO C O   1 
ATOM   478 C CB  . PRO C 1 14 ? -6.539  -3.513  -2.122  1.00 8.38  ? 14  PRO C CB  1 
ATOM   479 C CG  . PRO C 1 14 ? -6.007  -4.824  -2.574  1.00 12.00 ? 14  PRO C CG  1 
ATOM   480 C CD  . PRO C 1 14 ? -5.793  -4.720  -4.052  1.00 6.88  ? 14  PRO C CD  1 
ATOM   481 N N   . MET C 1 15 ? -4.964  -0.729  -1.763  1.00 7.49  ? 15  MET C N   1 
ATOM   482 C CA  . MET C 1 15 ? -3.890  -0.036  -1.062  1.00 4.13  ? 15  MET C CA  1 
ATOM   483 C C   . MET C 1 15 ? -3.241  -0.971  -0.048  1.00 11.07 ? 15  MET C C   1 
ATOM   484 O O   . MET C 1 15 ? -3.915  -1.781  0.597   1.00 10.14 ? 15  MET C O   1 
ATOM   485 C CB  . MET C 1 15 ? -4.435  1.215   -0.369  1.00 9.13  ? 15  MET C CB  1 
ATOM   486 C CG  . MET C 1 15 ? -3.471  1.853   0.609   1.00 9.15  ? 15  MET C CG  1 
ATOM   487 S SD  . MET C 1 15 ? -4.073  3.412   1.284   1.00 22.59 ? 15  MET C SD  1 
ATOM   488 C CE  . MET C 1 15 ? -4.392  4.341   -0.212  1.00 19.67 ? 15  MET C CE  1 
ATOM   489 N N   . GLY C 1 16 ? -1.919  -0.872  0.075   1.00 7.69  ? 16  GLY C N   1 
ATOM   490 C CA  . GLY C 1 16 ? -1.163  -1.738  0.949   1.00 4.31  ? 16  GLY C CA  1 
ATOM   491 C C   . GLY C 1 16 ? -1.438  -1.497  2.420   1.00 10.00 ? 16  GLY C C   1 
ATOM   492 O O   . GLY C 1 16 ? -2.129  -0.548  2.801   1.00 10.65 ? 16  GLY C O   1 
ATOM   493 N N   . PRO C 1 17 ? -0.895  -2.360  3.276   1.00 7.29  ? 17  PRO C N   1 
ATOM   494 C CA  . PRO C 1 17 ? -1.094  -2.192  4.718   1.00 9.47  ? 17  PRO C CA  1 
ATOM   495 C C   . PRO C 1 17 ? -0.341  -0.984  5.252   1.00 12.42 ? 17  PRO C C   1 
ATOM   496 O O   . PRO C 1 17 ? 0.617   -0.488  4.654   1.00 6.73  ? 17  PRO C O   1 
ATOM   497 C CB  . PRO C 1 17 ? -0.540  -3.493  5.308   1.00 10.51 ? 17  PRO C CB  1 
ATOM   498 C CG  . PRO C 1 17 ? 0.450   -3.965  4.302   1.00 13.17 ? 17  PRO C CG  1 
ATOM   499 C CD  . PRO C 1 17 ? -0.090  -3.551  2.959   1.00 9.58  ? 17  PRO C CD  1 
ATOM   500 N N   . ARG C 1 18 ? -0.801  -0.513  6.407   1.00 10.34 ? 18  ARG C N   1 
ATOM   501 C CA  . ARG C 1 18 ? -0.186  0.625   7.072   1.00 9.66  ? 18  ARG C CA  1 
ATOM   502 C C   . ARG C 1 18 ? 1.234   0.290   7.517   1.00 8.14  ? 18  ARG C C   1 
ATOM   503 O O   . ARG C 1 18 ? 1.546   -0.848  7.880   1.00 11.06 ? 18  ARG C O   1 
ATOM   504 C CB  . ARG C 1 18 ? -1.030  1.044   8.277   1.00 8.53  ? 18  ARG C CB  1 
ATOM   505 C CG  . ARG C 1 18 ? -0.530  2.276   9.008   1.00 12.43 ? 18  ARG C CG  1 
ATOM   506 C CD  . ARG C 1 18 ? -1.508  2.707   10.087  1.00 15.62 ? 18  ARG C CD  1 
ATOM   507 N NE  . ARG C 1 18 ? -2.814  3.038   9.523   1.00 15.65 ? 18  ARG C NE  1 
ATOM   508 C CZ  . ARG C 1 18 ? -3.152  4.247   9.087   1.00 17.64 ? 18  ARG C CZ  1 
ATOM   509 N NH1 . ARG C 1 18 ? -2.280  5.244   9.148   1.00 17.43 ? 18  ARG C NH1 1 
ATOM   510 N NH2 . ARG C 1 18 ? -4.361  4.459   8.586   1.00 21.41 ? 18  ARG C NH2 1 
ATOM   511 N N   . GLY C 1 19 ? 2.102   1.297   7.475   1.00 10.31 ? 19  GLY C N   1 
ATOM   512 C CA  . GLY C 1 19 ? 3.459   1.146   7.942   1.00 8.84  ? 19  GLY C CA  1 
ATOM   513 C C   . GLY C 1 19 ? 3.515   0.914   9.437   1.00 11.30 ? 19  GLY C C   1 
ATOM   514 O O   . GLY C 1 19 ? 2.546   1.155   10.164  1.00 12.76 ? 19  GLY C O   1 
ATOM   515 N N   . PRO C 1 20 ? 4.659   0.424   9.928   1.00 13.60 ? 20  PRO C N   1 
ATOM   516 C CA  . PRO C 1 20 ? 4.830   0.200   11.365  1.00 21.40 ? 20  PRO C CA  1 
ATOM   517 C C   . PRO C 1 20 ? 4.948   1.507   12.139  1.00 23.13 ? 20  PRO C C   1 
ATOM   518 O O   . PRO C 1 20 ? 5.263   2.544   11.553  1.00 10.09 ? 20  PRO C O   1 
ATOM   519 C CB  . PRO C 1 20 ? 6.133   -0.599  11.441  1.00 15.30 ? 20  PRO C CB  1 
ATOM   520 C CG  . PRO C 1 20 ? 6.888   -0.188  10.229  1.00 17.43 ? 20  PRO C CG  1 
ATOM   521 C CD  . PRO C 1 20 ? 5.850   0.021   9.159   1.00 8.77  ? 20  PRO C CD  1 
HETATM 522 N N   . HYP C 1 21 ? 4.686   1.457   13.439  1.00 18.25 ? 21  HYP C N   1 
HETATM 523 C CA  . HYP C 1 21 ? 4.889   2.635   14.306  1.00 15.01 ? 21  HYP C CA  1 
HETATM 524 C C   . HYP C 1 21 ? 6.377   3.138   14.264  1.00 19.09 ? 21  HYP C C   1 
HETATM 525 O O   . HYP C 1 21 ? 7.300   2.322   14.096  1.00 20.61 ? 21  HYP C O   1 
HETATM 526 C CB  . HYP C 1 21 ? 4.473   2.254   15.734  1.00 22.00 ? 21  HYP C CB  1 
HETATM 527 C CG  . HYP C 1 21 ? 3.485   1.094   15.562  1.00 21.74 ? 21  HYP C CG  1 
HETATM 528 C CD  . HYP C 1 21 ? 4.020   0.420   14.272  1.00 22.03 ? 21  HYP C CD  1 
HETATM 529 O OD1 . HYP C 1 21 ? 2.144   1.457   15.481  1.00 24.49 ? 21  HYP C OD1 1 
ATOM   530 N N   . GLY C 1 22 ? 6.572   4.446   14.402  1.00 16.45 ? 22  GLY C N   1 
ATOM   531 C CA  . GLY C 1 22 ? 7.901   5.022   14.348  1.00 10.13 ? 22  GLY C CA  1 
ATOM   532 C C   . GLY C 1 22 ? 8.818   4.559   15.461  1.00 21.02 ? 22  GLY C C   1 
ATOM   533 O O   . GLY C 1 22 ? 8.375   3.914   16.412  1.00 18.96 ? 22  GLY C O   1 
ATOM   534 N N   . PRO C 1 23 ? 10.113  4.879   15.344  1.00 20.97 ? 23  PRO C N   1 
ATOM   535 C CA  . PRO C 1 23 ? 11.061  4.555   16.409  1.00 29.25 ? 23  PRO C CA  1 
ATOM   536 C C   . PRO C 1 23 ? 10.770  5.379   17.652  1.00 20.67 ? 23  PRO C C   1 
ATOM   537 O O   . PRO C 1 23 ? 10.179  6.454   17.541  1.00 17.97 ? 23  PRO C O   1 
ATOM   538 C CB  . PRO C 1 23 ? 12.411  4.931   15.793  1.00 22.35 ? 23  PRO C CB  1 
ATOM   539 C CG  . PRO C 1 23 ? 12.067  6.035   14.853  1.00 25.89 ? 23  PRO C CG  1 
ATOM   540 C CD  . PRO C 1 23 ? 10.771  5.587   14.232  1.00 16.56 ? 23  PRO C CD  1 
HETATM 541 N N   . HYP C 1 24 ? 11.161  4.881   18.818  1.00 31.28 ? 24  HYP C N   1 
HETATM 542 C CA  . HYP C 1 24 ? 10.970  5.649   20.063  1.00 20.62 ? 24  HYP C CA  1 
HETATM 543 C C   . HYP C 1 24 ? 11.722  7.026   20.009  1.00 29.86 ? 24  HYP C C   1 
HETATM 544 O O   . HYP C 1 24 ? 12.742  7.147   19.309  1.00 28.51 ? 24  HYP C O   1 
HETATM 545 C CB  . HYP C 1 24 ? 11.467  4.795   21.244  1.00 30.71 ? 24  HYP C CB  1 
HETATM 546 C CG  . HYP C 1 24 ? 11.653  3.376   20.684  1.00 32.05 ? 24  HYP C CG  1 
HETATM 547 C CD  . HYP C 1 24 ? 11.918  3.666   19.187  1.00 30.95 ? 24  HYP C CD  1 
HETATM 548 O OD1 . HYP C 1 24 ? 10.588  2.507   20.894  1.00 35.03 ? 24  HYP C OD1 1 
ATOM   549 N N   . GLY C 1 25 ? 11.205  8.021   20.719  1.00 23.87 ? 25  GLY C N   1 
ATOM   550 C CA  . GLY C 1 25 ? 11.841  9.321   20.753  1.00 28.38 ? 25  GLY C CA  1 
ATOM   551 C C   . GLY C 1 25 ? 13.205  9.288   21.409  1.00 29.57 ? 25  GLY C C   1 
ATOM   552 O O   . GLY C 1 25 ? 13.609  8.269   21.970  1.00 30.92 ? 25  GLY C O   1 
ATOM   553 N N   . PRO C 1 26 ? 13.930  10.411  21.342  1.00 29.61 ? 26  PRO C N   1 
ATOM   554 C CA  . PRO C 1 26 ? 15.228  10.489  22.012  1.00 27.57 ? 26  PRO C CA  1 
ATOM   555 C C   . PRO C 1 26 ? 15.052  10.511  23.526  1.00 32.95 ? 26  PRO C C   1 
ATOM   556 O O   . PRO C 1 26 ? 13.957  10.795  24.012  1.00 30.20 ? 26  PRO C O   1 
ATOM   557 C CB  . PRO C 1 26 ? 15.822  11.801  21.495  1.00 35.21 ? 26  PRO C CB  1 
ATOM   558 C CG  . PRO C 1 26 ? 14.667  12.603  21.006  1.00 31.53 ? 26  PRO C CG  1 
ATOM   559 C CD  . PRO C 1 26 ? 13.496  11.698  20.777  1.00 33.73 ? 26  PRO C CD  1 
HETATM 560 N N   . HYP C 1 27 ? 16.113  10.201  24.260  1.00 35.72 ? 27  HYP C N   1 
HETATM 561 C CA  . HYP C 1 27 ? 16.032  10.150  25.742  1.00 38.38 ? 27  HYP C CA  1 
HETATM 562 C C   . HYP C 1 27 ? 15.720  11.550  26.395  1.00 34.50 ? 27  HYP C C   1 
HETATM 563 O O   . HYP C 1 27 ? 15.791  12.584  25.711  1.00 28.00 ? 27  HYP C O   1 
HETATM 564 C CB  . HYP C 1 27 ? 17.360  9.592   26.251  1.00 35.90 ? 27  HYP C CB  1 
HETATM 565 C CG  . HYP C 1 27 ? 17.918  8.765   25.086  1.00 40.37 ? 27  HYP C CG  1 
HETATM 566 C CD  . HYP C 1 27 ? 17.416  9.594   23.882  1.00 34.99 ? 27  HYP C CD  1 
HETATM 567 O OD1 . HYP C 1 27 ? 17.510  7.434   25.045  1.00 33.85 ? 27  HYP C OD1 1 
ATOM   568 N N   . GLY C 1 28 ? 15.382  11.553  27.680  1.00 36.54 ? 28  GLY C N   1 
ATOM   569 C CA  . GLY C 1 28 ? 15.078  12.787  28.382  1.00 40.49 ? 28  GLY C CA  1 
ATOM   570 C C   . GLY C 1 28 ? 16.290  13.673  28.595  1.00 33.19 ? 28  GLY C C   1 
ATOM   571 O O   . GLY C 1 28 ? 16.158  14.844  28.947  1.00 37.37 ? 28  GLY C O   1 
HETATM 572 N N   . NH2 C 1 29 ? 17.476  13.113  28.379  1.00 29.77 ? 29  NH2 C N   1 
HETATM 573 S S   . SO4 D 2 .  ? 2.659   4.484   -4.791  1.00 14.64 ? 101 SO4 B S   1 
HETATM 574 O O1  . SO4 D 2 .  ? 1.393   4.801   -4.137  1.00 14.39 ? 101 SO4 B O1  1 
HETATM 575 O O2  . SO4 D 2 .  ? 3.600   5.591   -4.611  1.00 12.33 ? 101 SO4 B O2  1 
HETATM 576 O O3  . SO4 D 2 .  ? 2.425   4.266   -6.216  1.00 13.63 ? 101 SO4 B O3  1 
HETATM 577 O O4  . SO4 D 2 .  ? 3.220   3.268   -4.204  1.00 13.27 ? 101 SO4 B O4  1 
HETATM 578 O O   . HOH E 3 .  ? 13.379  2.633   12.749  1.00 35.87 ? 101 HOH A O   1 
HETATM 579 O O   . HOH E 3 .  ? -15.533 -2.674  -26.002 1.00 32.50 ? 102 HOH A O   1 
HETATM 580 O O   . HOH E 3 .  ? 15.397  9.313   34.943  1.00 20.40 ? 103 HOH A O   1 
HETATM 581 O O   . HOH E 3 .  ? -9.832  -11.940 -16.877 1.00 34.99 ? 104 HOH A O   1 
HETATM 582 O O   . HOH E 3 .  ? -6.459  -5.464  0.676   1.00 22.64 ? 105 HOH A O   1 
HETATM 583 O O   . HOH E 3 .  ? 8.016   -0.140  14.705  1.00 19.72 ? 106 HOH A O   1 
HETATM 584 O O   . HOH E 3 .  ? -2.000  -7.106  3.982   1.00 17.07 ? 107 HOH A O   1 
HETATM 585 O O   . HOH E 3 .  ? 7.851   12.064  26.945  1.00 37.51 ? 108 HOH A O   1 
HETATM 586 O O   . HOH E 3 .  ? 13.715  13.594  38.731  1.00 26.65 ? 109 HOH A O   1 
HETATM 587 O O   . HOH E 3 .  ? 1.706   -5.858  0.676   1.00 26.92 ? 110 HOH A O   1 
HETATM 588 O O   . HOH E 3 .  ? 6.742   -0.281  0.534   1.00 22.72 ? 111 HOH A O   1 
HETATM 589 O O   . HOH E 3 .  ? -16.214 -7.535  -32.784 1.00 28.87 ? 112 HOH A O   1 
HETATM 590 O O   . HOH E 3 .  ? 9.857   5.943   7.673   1.00 27.62 ? 113 HOH A O   1 
HETATM 591 O O   . HOH E 3 .  ? -16.643 -10.889 -22.098 1.00 18.97 ? 114 HOH A O   1 
HETATM 592 O O   . HOH E 3 .  ? 12.114  8.622   11.109  1.00 27.07 ? 115 HOH A O   1 
HETATM 593 O O   . HOH E 3 .  ? -13.479 -5.942  -20.400 1.00 12.19 ? 116 HOH A O   1 
HETATM 594 O O   . HOH E 3 .  ? -17.162 -5.668  -29.336 1.00 29.03 ? 117 HOH A O   1 
HETATM 595 O O   . HOH E 3 .  ? 6.705   12.857  15.323  1.00 23.84 ? 118 HOH A O   1 
HETATM 596 O O   . HOH E 3 .  ? -0.583  -6.266  -10.010 1.00 8.87  ? 119 HOH A O   1 
HETATM 597 O O   . HOH E 3 .  ? -16.409 -7.882  -21.149 1.00 22.73 ? 120 HOH A O   1 
HETATM 598 O O   . HOH E 3 .  ? -5.627  -10.854 -16.344 1.00 27.98 ? 121 HOH A O   1 
HETATM 599 O O   . HOH E 3 .  ? -9.233  -10.774 -9.874  1.00 21.37 ? 122 HOH A O   1 
HETATM 600 O O   . HOH E 3 .  ? 5.834   -4.240  1.333   1.00 22.81 ? 123 HOH A O   1 
HETATM 601 O O   . HOH E 3 .  ? 10.941  6.787   10.503  1.00 33.47 ? 124 HOH A O   1 
HETATM 602 O O   . HOH E 3 .  ? -17.180 -6.745  -18.716 1.00 46.85 ? 125 HOH A O   1 
HETATM 603 O O   . HOH E 3 .  ? 11.683  16.512  26.874  1.00 35.09 ? 126 HOH A O   1 
HETATM 604 O O   . HOH E 3 .  ? 13.522  -0.150  15.911  1.00 36.57 ? 127 HOH A O   1 
HETATM 605 O O   . HOH E 3 .  ? 5.611   -10.243 -7.506  1.00 29.90 ? 128 HOH A O   1 
HETATM 606 O O   . HOH E 3 .  ? 14.608  19.506  31.263  1.00 33.22 ? 129 HOH A O   1 
HETATM 607 O O   . HOH E 3 .  ? 11.925  0.322   18.003  1.00 37.85 ? 130 HOH A O   1 
HETATM 608 O O   . HOH E 3 .  ? 15.560  10.396  12.599  1.00 27.05 ? 131 HOH A O   1 
HETATM 609 O O   . HOH E 3 .  ? 9.553   -1.498  13.012  1.00 24.87 ? 132 HOH A O   1 
HETATM 610 O O   . HOH E 3 .  ? -10.118 -10.688 -4.964  1.00 44.69 ? 133 HOH A O   1 
HETATM 611 O O   . HOH E 3 .  ? -11.370 -7.415  -10.196 1.00 33.36 ? 134 HOH A O   1 
HETATM 612 O O   . HOH E 3 .  ? -9.356  -4.513  -4.019  1.00 37.05 ? 135 HOH A O   1 
HETATM 613 O O   . HOH E 3 .  ? -14.437 -2.920  -23.614 1.00 17.92 ? 136 HOH A O   1 
HETATM 614 O O   . HOH E 3 .  ? 10.557  -0.514  10.553  1.00 36.27 ? 137 HOH A O   1 
HETATM 615 O O   . HOH E 3 .  ? -15.071 -4.358  -21.561 1.00 18.34 ? 138 HOH A O   1 
HETATM 616 O O   . HOH E 3 .  ? -11.277 -10.920 -11.687 1.00 37.26 ? 139 HOH A O   1 
HETATM 617 O O   . HOH E 3 .  ? 15.953  3.435   13.338  1.00 24.66 ? 140 HOH A O   1 
HETATM 618 O O   . HOH E 3 .  ? -0.639  -11.487 -15.080 1.00 43.95 ? 141 HOH A O   1 
HETATM 619 O O   . HOH F 3 .  ? 2.581   5.518   -10.435 1.00 26.35 ? 201 HOH B O   1 
HETATM 620 O O   . HOH F 3 .  ? 5.572   11.809  25.755  1.00 30.39 ? 202 HOH B O   1 
HETATM 621 O O   . HOH F 3 .  ? -11.301 -15.821 -21.182 1.00 25.22 ? 203 HOH B O   1 
HETATM 622 O O   . HOH F 3 .  ? 4.250   12.552  15.070  1.00 45.37 ? 204 HOH B O   1 
HETATM 623 O O   . HOH F 3 .  ? -0.199  6.624   -4.422  1.00 24.24 ? 205 HOH B O   1 
HETATM 624 O O   . HOH F 3 .  ? 9.779   4.119   24.756  1.00 34.14 ? 206 HOH B O   1 
HETATM 625 O O   . HOH F 3 .  ? 3.117   0.043   -9.827  1.00 24.83 ? 207 HOH B O   1 
HETATM 626 O O   . HOH F 3 .  ? 2.740   5.467   19.135  1.00 31.87 ? 208 HOH B O   1 
HETATM 627 O O   . HOH F 3 .  ? 3.100   8.927   23.466  1.00 31.73 ? 209 HOH B O   1 
HETATM 628 O O   . HOH F 3 .  ? 7.835   8.612   8.764   1.00 23.21 ? 210 HOH B O   1 
HETATM 629 O O   . HOH F 3 .  ? -2.307  4.448   -12.491 1.00 19.00 ? 211 HOH B O   1 
HETATM 630 O O   . HOH F 3 .  ? 5.840   -6.205  -6.316  1.00 18.76 ? 212 HOH B O   1 
HETATM 631 O O   . HOH F 3 .  ? 1.907   9.019   11.712  1.00 28.02 ? 213 HOH B O   1 
HETATM 632 O O   . HOH F 3 .  ? 0.364   5.389   -1.439  1.00 20.64 ? 214 HOH B O   1 
HETATM 633 O O   . HOH F 3 .  ? 2.484   1.651   -13.487 1.00 31.14 ? 215 HOH B O   1 
HETATM 634 O O   . HOH F 3 .  ? 4.067   -0.823  -6.747  1.00 19.23 ? 216 HOH B O   1 
HETATM 635 O O   . HOH F 3 .  ? -4.890  -8.316  -23.154 1.00 11.97 ? 217 HOH B O   1 
HETATM 636 O O   . HOH F 3 .  ? -0.478  -6.039  -15.948 1.00 16.67 ? 218 HOH B O   1 
HETATM 637 O O   . HOH F 3 .  ? 4.543   1.976   -12.301 1.00 15.64 ? 219 HOH B O   1 
HETATM 638 O O   . HOH F 3 .  ? 0.515   -7.623  -18.194 1.00 20.39 ? 220 HOH B O   1 
HETATM 639 O O   . HOH F 3 .  ? 2.740   0.632   -5.191  1.00 17.43 ? 221 HOH B O   1 
HETATM 640 O O   . HOH F 3 .  ? -0.086  -5.297  -13.568 1.00 21.20 ? 222 HOH B O   1 
HETATM 641 O O   . HOH F 3 .  ? -10.680 -14.335 -29.058 1.00 32.61 ? 223 HOH B O   1 
HETATM 642 O O   . HOH F 3 .  ? 1.414   6.419   1.903   1.00 21.83 ? 224 HOH B O   1 
HETATM 643 O O   . HOH F 3 .  ? -4.730  -1.038  -13.262 1.00 13.67 ? 225 HOH B O   1 
HETATM 644 O O   . HOH F 3 .  ? -6.007  -4.862  -20.887 1.00 16.56 ? 226 HOH B O   1 
HETATM 645 O O   . HOH F 3 .  ? -4.868  -10.485 -8.018  1.00 15.73 ? 227 HOH B O   1 
HETATM 646 O O   . HOH F 3 .  ? -4.917  -11.980 -22.059 1.00 28.15 ? 228 HOH B O   1 
HETATM 647 O O   . HOH F 3 .  ? -0.904  5.938   0.760   1.00 27.32 ? 229 HOH B O   1 
HETATM 648 O O   . HOH F 3 .  ? 3.432   8.718   20.632  1.00 20.28 ? 230 HOH B O   1 
HETATM 649 O O   . HOH F 3 .  ? -1.731  -10.090 -17.197 1.00 22.05 ? 231 HOH B O   1 
HETATM 650 O O   . HOH F 3 .  ? 9.989   7.438   5.970   1.00 23.37 ? 232 HOH B O   1 
HETATM 651 O O   . HOH F 3 .  ? -12.783 -15.138 -23.443 1.00 27.35 ? 233 HOH B O   1 
HETATM 652 O O   . HOH F 3 .  ? 0.943   1.632   -14.958 1.00 52.60 ? 234 HOH B O   1 
HETATM 653 O O   . HOH F 3 .  ? 9.595   8.971   3.786   1.00 41.36 ? 235 HOH B O   1 
HETATM 654 O O   . HOH F 3 .  ? 1.240   8.499   3.635   1.00 32.40 ? 236 HOH B O   1 
HETATM 655 O O   . HOH F 3 .  ? -1.634  -11.698 -18.838 1.00 31.19 ? 237 HOH B O   1 
HETATM 656 O O   . HOH F 3 .  ? -16.839 -17.142 -23.206 1.00 34.53 ? 238 HOH B O   1 
HETATM 657 O O   . HOH F 3 .  ? -16.903 -13.523 -21.884 1.00 25.62 ? 239 HOH B O   1 
HETATM 658 O O   . HOH F 3 .  ? -4.677  -5.438  -23.693 1.00 20.39 ? 240 HOH B O   1 
HETATM 659 O O   . HOH F 3 .  ? -20.702 -16.722 -32.659 1.00 35.41 ? 241 HOH B O   1 
HETATM 660 O O   . HOH F 3 .  ? -2.072  6.524   -2.144  1.00 16.59 ? 242 HOH B O   1 
HETATM 661 O O   . HOH F 3 .  ? -2.390  7.154   2.082   1.00 30.90 ? 243 HOH B O   1 
HETATM 662 O O   . HOH G 3 .  ? -10.838 -15.724 -31.415 1.00 25.87 ? 101 HOH C O   1 
HETATM 663 O O   . HOH G 3 .  ? 10.581  1.905   23.160  1.00 28.00 ? 102 HOH C O   1 
HETATM 664 O O   . HOH G 3 .  ? 1.474   -0.964  -14.997 1.00 20.87 ? 103 HOH C O   1 
HETATM 665 O O   . HOH G 3 .  ? 1.104   -0.263  11.713  1.00 23.87 ? 104 HOH C O   1 
HETATM 666 O O   . HOH G 3 .  ? -14.980 0.247   -18.139 1.00 37.55 ? 105 HOH C O   1 
HETATM 667 O O   . HOH G 3 .  ? -7.615  -3.621  -23.504 1.00 25.30 ? 106 HOH C O   1 
HETATM 668 O O   . HOH G 3 .  ? -6.469  -1.408  1.284   1.00 12.17 ? 107 HOH C O   1 
HETATM 669 O O   . HOH G 3 .  ? -5.136  4.578   -6.150  1.00 21.94 ? 108 HOH C O   1 
HETATM 670 O O   . HOH G 3 .  ? -11.867 -3.277  -24.191 1.00 15.32 ? 109 HOH C O   1 
HETATM 671 O O   . HOH G 3 .  ? -6.399  0.913   -5.117  1.00 14.20 ? 110 HOH C O   1 
HETATM 672 O O   . HOH G 3 .  ? -13.511 -7.181  -33.153 1.00 27.23 ? 111 HOH C O   1 
HETATM 673 O O   . HOH G 3 .  ? -10.443 -6.352  -12.300 1.00 17.43 ? 112 HOH C O   1 
HETATM 674 O O   . HOH G 3 .  ? -9.137  -0.678  -15.848 1.00 19.78 ? 113 HOH C O   1 
HETATM 675 O O   . HOH G 3 .  ? -8.866  0.424   -9.990  1.00 34.88 ? 114 HOH C O   1 
HETATM 676 O O   . HOH G 3 .  ? 19.683  14.660  29.118  1.00 22.29 ? 115 HOH C O   1 
HETATM 677 O O   . HOH G 3 .  ? -4.957  6.933   7.393   1.00 34.97 ? 116 HOH C O   1 
HETATM 678 O O   . HOH G 3 .  ? -11.420 -3.208  -15.002 1.00 18.14 ? 117 HOH C O   1 
HETATM 679 O O   . HOH G 3 .  ? -8.357  2.429   -8.363  1.00 20.05 ? 118 HOH C O   1 
HETATM 680 O O   . HOH G 3 .  ? -7.257  -0.242  -13.976 1.00 34.21 ? 119 HOH C O   1 
HETATM 681 O O   . HOH G 3 .  ? -4.870  -9.326  -25.657 1.00 24.87 ? 120 HOH C O   1 
HETATM 682 O O   . HOH G 3 .  ? -16.133 -2.042  -18.432 1.00 21.31 ? 121 HOH C O   1 
HETATM 683 O O   . HOH G 3 .  ? -4.200  -0.231  4.832   1.00 23.16 ? 122 HOH C O   1 
HETATM 684 O O   . HOH G 3 .  ? -4.493  -3.305  3.076   1.00 39.13 ? 123 HOH C O   1 
HETATM 685 O O   . HOH G 3 .  ? 8.738   1.572   18.215  1.00 28.19 ? 124 HOH C O   1 
HETATM 686 O O   . HOH G 3 .  ? -7.849  -0.349  -1.022  1.00 18.86 ? 125 HOH C O   1 
HETATM 687 O O   . HOH G 3 .  ? -3.389  0.909   -18.071 1.00 23.00 ? 126 HOH C O   1 
HETATM 688 O O   . HOH G 3 .  ? -7.728  -0.783  -20.146 1.00 15.20 ? 127 HOH C O   1 
HETATM 689 O O   . HOH G 3 .  ? -8.093  0.791   -11.690 1.00 35.85 ? 128 HOH C O   1 
HETATM 690 O O   . HOH G 3 .  ? -2.344  -2.668  7.988   1.00 24.79 ? 129 HOH C O   1 
HETATM 691 O O   . HOH G 3 .  ? -1.926  3.066   -15.215 1.00 18.37 ? 130 HOH C O   1 
HETATM 692 O O   . HOH G 3 .  ? -4.274  1.398   -14.425 1.00 19.83 ? 131 HOH C O   1 
HETATM 693 O O   . HOH G 3 .  ? -6.283  2.853   -2.965  1.00 17.18 ? 132 HOH C O   1 
HETATM 694 O O   . HOH G 3 .  ? -5.575  3.044   4.858   1.00 30.05 ? 133 HOH C O   1 
HETATM 695 O O   . HOH G 3 .  ? -5.192  5.402   4.513   1.00 22.14 ? 134 HOH C O   1 
HETATM 696 O O   . HOH G 3 .  ? -3.415  8.195   12.091  1.00 31.93 ? 135 HOH C O   1 
HETATM 697 O O   . HOH G 3 .  ? -4.621  -0.431  -20.395 1.00 27.60 ? 136 HOH C O   1 
# 
loop_
_atom_site_anisotrop.id 
_atom_site_anisotrop.type_symbol 
_atom_site_anisotrop.pdbx_label_atom_id 
_atom_site_anisotrop.pdbx_label_alt_id 
_atom_site_anisotrop.pdbx_label_comp_id 
_atom_site_anisotrop.pdbx_label_asym_id 
_atom_site_anisotrop.pdbx_label_seq_id 
_atom_site_anisotrop.pdbx_PDB_ins_code 
_atom_site_anisotrop.U[1][1] 
_atom_site_anisotrop.U[2][2] 
_atom_site_anisotrop.U[3][3] 
_atom_site_anisotrop.U[1][2] 
_atom_site_anisotrop.U[1][3] 
_atom_site_anisotrop.U[2][3] 
_atom_site_anisotrop.pdbx_auth_seq_id 
_atom_site_anisotrop.pdbx_auth_comp_id 
_atom_site_anisotrop.pdbx_auth_asym_id 
_atom_site_anisotrop.pdbx_auth_atom_id 
1   C C   . ACE A 1  ? 0.1955 0.2111 0.1692 0.0096  -0.0015 -0.0049 1   ACE A C   
2   O O   . ACE A 1  ? 0.2130 0.2284 0.1895 0.0176  0.0005  -0.0045 1   ACE A O   
3   C CH3 . ACE A 1  ? 0.2256 0.2327 0.1915 0.0054  -0.0041 -0.0061 1   ACE A CH3 
4   N N   . PRO A 2  ? 0.1719 0.1944 0.1481 0.0035  -0.0018 -0.0044 2   PRO A N   
5   C CA  . PRO A 2  ? 0.1752 0.2068 0.1587 0.0070  0.0006  -0.0040 2   PRO A CA  
6   C C   . PRO A 2  ? 0.1510 0.1675 0.1346 0.0107  0.0032  -0.0031 2   PRO A C   
7   O O   . PRO A 2  ? 0.1472 0.1483 0.1254 0.0088  0.0026  -0.0034 2   PRO A O   
8   C CB  . PRO A 2  ? 0.1317 0.1755 0.1158 -0.0034 -0.0007 -0.0041 2   PRO A CB  
9   C CG  . PRO A 2  ? 0.2031 0.2346 0.1773 -0.0131 -0.0038 -0.0036 2   PRO A CG  
10  C CD  . PRO A 2  ? 0.2376 0.2585 0.2076 -0.0083 -0.0048 -0.0044 2   PRO A CD  
11  N N   . HYP A 3  ? 0.1449 0.1665 0.1340 0.0164  0.0057  -0.0028 3   HYP A N   
12  C CA  . HYP A 3  ? 0.1594 0.1692 0.1491 0.0190  0.0083  -0.0022 3   HYP A CA  
13  C C   . HYP A 3  ? 0.1810 0.1837 0.1682 0.0117  0.0071  -0.0016 3   HYP A C   
14  O O   . HYP A 3  ? 0.1765 0.1868 0.1625 0.0040  0.0054  -0.0011 3   HYP A O   
15  C CB  . HYP A 3  ? 0.1486 0.1658 0.1435 0.0250  0.0106  -0.0021 3   HYP A CB  
16  C CG  . HYP A 3  ? 0.2369 0.2658 0.2329 0.0299  0.0089  -0.0030 3   HYP A CG  
17  C CD  . HYP A 3  ? 0.2359 0.2735 0.2309 0.0220  0.0061  -0.0036 3   HYP A CD  
18  O OD1 . HYP A 3  ? 0.2785 0.2982 0.2699 0.0358  0.0087  -0.0026 3   HYP A OD1 
19  N N   . GLY A 4  ? 0.1740 0.1627 0.1592 0.0139  0.0076  -0.0018 4   GLY A N   
20  C CA  . GLY A 4  ? 0.1467 0.1254 0.1277 0.0089  0.0052  -0.0013 4   GLY A CA  
21  C C   . GLY A 4  ? 0.1153 0.1014 0.0998 0.0060  0.0066  0.0003  4   GLY A C   
22  O O   . GLY A 4  ? 0.1377 0.1355 0.1287 0.0101  0.0099  0.0002  4   GLY A O   
23  N N   . PRO A 5  ? 0.1233 0.1011 0.1018 -0.0008 0.0037  0.0015  5   PRO A N   
24  C CA  . PRO A 5  ? 0.1664 0.1507 0.1470 -0.0045 0.0051  0.0030  5   PRO A CA  
25  C C   . PRO A 5  ? 0.1993 0.1818 0.1859 0.0035  0.0082  0.0026  5   PRO A C   
26  O O   . PRO A 5  ? 0.1550 0.1281 0.1421 0.0097  0.0082  0.0013  5   PRO A O   
27  C CB  . PRO A 5  ? 0.1421 0.1120 0.1112 -0.0139 0.0000  0.0048  5   PRO A CB  
28  C CG  . PRO A 5  ? 0.1838 0.1403 0.1445 -0.0153 -0.0044 0.0040  5   PRO A CG  
29  C CD  . PRO A 5  ? 0.1876 0.1473 0.1553 -0.0050 -0.0017 0.0015  5   PRO A CD  
30  N N   . HYP A 6  ? 0.1266 0.1193 0.1174 0.0027  0.0109  0.0031  6   HYP A N   
31  C CA  . HYP A 6  ? 0.1425 0.1324 0.1375 0.0086  0.0136  0.0028  6   HYP A CA  
32  C C   . HYP A 6  ? 0.1276 0.1017 0.1179 0.0078  0.0105  0.0035  6   HYP A C   
33  O O   . HYP A 6  ? 0.1683 0.1336 0.1506 0.0013  0.0059  0.0048  6   HYP A O   
34  C CB  . HYP A 6  ? 0.1674 0.1707 0.1664 0.0071  0.0163  0.0028  6   HYP A CB  
35  C CG  . HYP A 6  ? 0.2003 0.2196 0.2004 0.0033  0.0162  0.0019  6   HYP A CG  
36  C CD  . HYP A 6  ? 0.2034 0.2130 0.1960 -0.0034 0.0121  0.0031  6   HYP A CD  
37  O OD1 . HYP A 6  ? 0.2073 0.2358 0.2126 0.0110  0.0180  -0.0001 6   HYP A OD1 
38  N N   . GLY A 7  ? 0.1664 0.1372 0.1604 0.0141  0.0123  0.0024  7   GLY A N   
39  C CA  . GLY A 7  ? 0.1669 0.1263 0.1580 0.0153  0.0090  0.0020  7   GLY A CA  
40  C C   . GLY A 7  ? 0.1528 0.1100 0.1401 0.0094  0.0072  0.0043  7   GLY A C   
41  O O   . GLY A 7  ? 0.1409 0.1082 0.1294 0.0047  0.0098  0.0057  7   GLY A O   
42  N N   . GLN A 8  ? 0.1212 0.0656 0.1032 0.0100  0.0022  0.0042  8   GLN A N   
43  C CA  . GLN A 8  ? 0.1424 0.0821 0.1189 0.0046  -0.0004 0.0067  8   GLN A CA  
44  C C   . GLN A 8  ? 0.1383 0.0893 0.1226 0.0062  0.0050  0.0066  8   GLN A C   
45  O O   . GLN A 8  ? 0.1314 0.0886 0.1236 0.0128  0.0091  0.0044  8   GLN A O   
46  C CB  . GLN A 8  ? 0.1858 0.1081 0.1550 0.0079  -0.0078 0.0060  8   GLN A CB  
47  C CG  . GLN A 8  ? 0.3621 0.2672 0.3184 0.0045  -0.0152 0.0068  8   GLN A CG  
48  C CD  . GLN A 8  ? 0.4750 0.3606 0.4217 0.0085  -0.0240 0.0060  8   GLN A CD  
49  O OE1 . GLN A 8  ? 0.5136 0.3989 0.4659 0.0195  -0.0254 0.0017  8   GLN A OE1 
50  N NE2 . GLN A 8  ? 0.4478 0.3176 0.3792 -0.0002 -0.0304 0.0100  8   GLN A NE2 
51  N N   . ARG A 9  ? 0.1453 0.0982 0.1256 -0.0009 0.0048  0.0090  9   ARG A N   
52  C CA  . ARG A 9  ? 0.1687 0.1295 0.1542 0.0002  0.0089  0.0086  9   ARG A CA  
53  C C   . ARG A 9  ? 0.1684 0.1223 0.1558 0.0064  0.0069  0.0073  9   ARG A C   
54  O O   . ARG A 9  ? 0.1743 0.1160 0.1564 0.0083  0.0007  0.0071  9   ARG A O   
55  C CB  . ARG A 9  ? 0.1832 0.1460 0.1620 -0.0093 0.0082  0.0111  9   ARG A CB  
56  C CG  . ARG A 9  ? 0.1967 0.1706 0.1808 -0.0087 0.0133  0.0101  9   ARG A CG  
57  C CD  . ARG A 9  ? 0.2511 0.2216 0.2269 -0.0174 0.0108  0.0125  9   ARG A CD  
58  N NE  . ARG A 9  ? 0.2683 0.2234 0.2391 -0.0153 0.0051  0.0138  9   ARG A NE  
59  C CZ  . ARG A 9  ? 0.3367 0.2835 0.2979 -0.0217 0.0009  0.0164  9   ARG A CZ  
60  N NH1 . ARG A 9  ? 0.2748 0.2081 0.2322 -0.0176 -0.0052 0.0169  9   ARG A NH1 
61  N NH2 . ARG A 9  ? 0.2332 0.1866 0.1884 -0.0323 0.0026  0.0181  9   ARG A NH2 
62  N N   . GLY A 10 ? 0.1120 0.0739 0.1062 0.0098  0.0118  0.0059  10  GLY A N   
63  C CA  . GLY A 10 ? 0.1070 0.0664 0.1037 0.0142  0.0105  0.0041  10  GLY A CA  
64  C C   . GLY A 10 ? 0.2112 0.1641 0.2020 0.0107  0.0058  0.0060  10  GLY A C   
65  O O   . GLY A 10 ? 0.1449 0.0967 0.1297 0.0035  0.0052  0.0088  10  GLY A O   
66  N N   . ARG A 11 ? 0.1130 0.0628 0.1052 0.0157  0.0022  0.0040  11  ARG A N   
67  C CA  . ARG A 11 ? 0.1218 0.0648 0.1083 0.0140  -0.0031 0.0054  11  ARG A CA  
68  C C   . ARG A 11 ? 0.1159 0.0668 0.1040 0.0091  0.0020  0.0066  11  ARG A C   
69  O O   . ARG A 11 ? 0.1139 0.0749 0.1089 0.0101  0.0088  0.0050  11  ARG A O   
70  C CB  . ARG A 11 ? 0.1376 0.0801 0.1277 0.0224  -0.0078 0.0014  11  ARG A CB  
71  C CG  . ARG A 11 ? 0.2941 0.2314 0.2797 0.0229  -0.0140 0.0019  11  ARG A CG  
72  C CD  . ARG A 11 ? 0.2167 0.1612 0.2098 0.0326  -0.0168 -0.0039 11  ARG A CD  
73  N NE  . ARG A 11 ? 0.1556 0.0965 0.1494 0.0402  -0.0208 -0.0076 11  ARG A NE  
74  C CZ  . ARG A 11 ? 0.1440 0.0975 0.1472 0.0445  -0.0157 -0.0122 11  ARG A CZ  
75  N NH1 . ARG A 11 ? 0.1339 0.1024 0.1453 0.0412  -0.0069 -0.0130 11  ARG A NH1 
76  N NH2 . ARG A 11 ? 0.1581 0.1076 0.1606 0.0515  -0.0198 -0.0159 11  ARG A NH2 
77  N N   . GLU A 12 ? 0.1252 0.0698 0.1050 0.0033  -0.0019 0.0095  12  GLU A N   
78  C CA  . GLU A 12 ? 0.1213 0.0729 0.1018 -0.0010 0.0023  0.0101  12  GLU A CA  
79  C C   . GLU A 12 ? 0.1875 0.1452 0.1753 0.0042  0.0039  0.0071  12  GLU A C   
80  O O   . GLU A 12 ? 0.1197 0.0747 0.1089 0.0097  -0.0013 0.0052  12  GLU A O   
81  C CB  . GLU A 12 ? 0.1381 0.0811 0.1066 -0.0088 -0.0029 0.0137  12  GLU A CB  
82  C CG  . GLU A 12 ? 0.2827 0.2337 0.2516 -0.0134 0.0016  0.0138  12  GLU A CG  
83  C CD  . GLU A 12 ? 0.2561 0.1999 0.2119 -0.0230 -0.0027 0.0175  12  GLU A CD  
84  O OE1 . GLU A 12 ? 0.2197 0.1518 0.1683 -0.0224 -0.0105 0.0191  12  GLU A OE1 
85  O OE2 . GLU A 12 ? 0.3336 0.2841 0.2858 -0.0311 0.0015  0.0184  12  GLU A OE2 
86  N N   . GLY A 13 ? 0.1068 0.0733 0.0986 0.0026  0.0108  0.0060  13  GLY A N   
87  C CA  . GLY A 13 ? 0.1020 0.0743 0.0990 0.0051  0.0132  0.0032  13  GLY A CA  
88  C C   . GLY A 13 ? 0.1080 0.0789 0.1026 0.0042  0.0081  0.0034  13  GLY A C   
89  O O   . GLY A 13 ? 0.1172 0.0806 0.1041 0.0008  0.0029  0.0062  13  GLY A O   
90  N N   . PRO A 14 ? 0.1093 0.0875 0.1093 0.0065  0.0090  0.0002  14  PRO A N   
91  C CA  . PRO A 14 ? 0.1102 0.0893 0.1088 0.0065  0.0038  -0.0003 14  PRO A CA  
92  C C   . PRO A 14 ? 0.1678 0.1460 0.1609 -0.0005 0.0061  0.0017  14  PRO A C   
93  O O   . PRO A 14 ? 0.2002 0.1792 0.1920 -0.0043 0.0126  0.0023  14  PRO A O   
94  C CB  . PRO A 14 ? 0.1346 0.1263 0.1417 0.0098  0.0054  -0.0052 14  PRO A CB  
95  C CG  . PRO A 14 ? 0.1762 0.1709 0.1859 0.0080  0.0138  -0.0060 14  PRO A CG  
96  C CD  . PRO A 14 ? 0.1007 0.0871 0.1076 0.0089  0.0142  -0.0032 14  PRO A CD  
97  N N   . MET A 15 ? 0.1596 0.1360 0.1489 -0.0014 0.0001  0.0023  15  MET A N   
98  C CA  . MET A 15 ? 0.1230 0.0991 0.1066 -0.0082 0.0018  0.0039  15  MET A CA  
99  C C   . MET A 15 ? 0.1768 0.1616 0.1648 -0.0102 0.0089  0.0009  15  MET A C   
100 O O   . MET A 15 ? 0.1786 0.1712 0.1734 -0.0073 0.0097  -0.0025 15  MET A O   
101 C CB  . MET A 15 ? 0.1892 0.1610 0.1671 -0.0082 -0.0071 0.0051  15  MET A CB  
102 C CG  . MET A 15 ? 0.2312 0.2002 0.2004 -0.0164 -0.0064 0.0076  15  MET A CG  
103 S SD  . MET A 15 ? 0.3163 0.2749 0.2744 -0.0172 -0.0187 0.0106  15  MET A SD  
104 C CE  . MET A 15 ? 0.3099 0.2809 0.2789 -0.0087 -0.0227 0.0053  15  MET A CE  
105 N N   . GLY A 16 ? 0.1528 0.1364 0.1358 -0.0157 0.0138  0.0015  16  GLY A N   
106 C CA  . GLY A 16 ? 0.1562 0.1435 0.1395 -0.0183 0.0195  -0.0011 16  GLY A CA  
107 C C   . GLY A 16 ? 0.1182 0.1104 0.1017 -0.0209 0.0167  -0.0026 16  GLY A C   
108 O O   . GLY A 16 ? 0.1298 0.1225 0.1126 -0.0199 0.0097  -0.0014 16  GLY A O   
109 N N   . PRO A 17 ? 0.1225 0.1177 0.1054 -0.0243 0.0214  -0.0052 17  PRO A N   
110 C CA  . PRO A 17 ? 0.1448 0.1470 0.1280 -0.0279 0.0190  -0.0071 17  PRO A CA  
111 C C   . PRO A 17 ? 0.1307 0.1295 0.1065 -0.0324 0.0169  -0.0054 17  PRO A C   
112 O O   . PRO A 17 ? 0.1460 0.1377 0.1154 -0.0345 0.0197  -0.0039 17  PRO A O   
113 C CB  . PRO A 17 ? 0.1512 0.1541 0.1325 -0.0324 0.0253  -0.0100 17  PRO A CB  
114 C CG  . PRO A 17 ? 0.2297 0.2214 0.2059 -0.0313 0.0304  -0.0090 17  PRO A CG  
115 C CD  . PRO A 17 ? 0.1595 0.1502 0.1401 -0.0251 0.0283  -0.0067 17  PRO A CD  
116 N N   . ARG A 18 ? 0.1625 0.1678 0.1391 -0.0338 0.0116  -0.0063 18  ARG A N   
117 C CA  . ARG A 18 ? 0.2265 0.2288 0.1950 -0.0390 0.0094  -0.0048 18  ARG A CA  
118 C C   . ARG A 18 ? 0.1422 0.1409 0.1042 -0.0454 0.0166  -0.0065 18  ARG A C   
119 O O   . ARG A 18 ? 0.1860 0.1861 0.1491 -0.0471 0.0213  -0.0093 18  ARG A O   
120 C CB  . ARG A 18 ? 0.2364 0.2476 0.2073 -0.0387 0.0018  -0.0059 18  ARG A CB  
121 C CG  . ARG A 18 ? 0.2470 0.2544 0.2083 -0.0447 -0.0009 -0.0041 18  ARG A CG  
122 C CD  . ARG A 18 ? 0.2304 0.2459 0.1929 -0.0437 -0.0097 -0.0051 18  ARG A CD  
123 N NE  . ARG A 18 ? 0.3826 0.3892 0.3338 -0.0474 -0.0149 -0.0012 18  ARG A NE  
124 C CZ  . ARG A 18 ? 0.3973 0.4069 0.3457 -0.0471 -0.0239 -0.0010 18  ARG A CZ  
125 N NH1 . ARG A 18 ? 0.4871 0.5112 0.4447 -0.0423 -0.0285 -0.0050 18  ARG A NH1 
126 N NH2 . ARG A 18 ? 0.4660 0.4651 0.4016 -0.0517 -0.0282 0.0031  18  ARG A NH2 
127 N N   . GLY A 19 ? 0.1791 0.1722 0.1326 -0.0494 0.0171  -0.0052 19  GLY A N   
128 C CA  . GLY A 19 ? 0.1596 0.1481 0.1055 -0.0541 0.0233  -0.0076 19  GLY A CA  
129 C C   . GLY A 19 ? 0.1969 0.1885 0.1402 -0.0597 0.0234  -0.0102 19  GLY A C   
130 O O   . GLY A 19 ? 0.1783 0.1787 0.1263 -0.0605 0.0184  -0.0102 19  GLY A O   
131 N N   . PRO A 20 ? 0.1882 0.1724 0.1230 -0.0636 0.0288  -0.0129 20  PRO A N   
132 C CA  . PRO A 20 ? 0.2204 0.2049 0.1498 -0.0708 0.0294  -0.0156 20  PRO A CA  
133 C C   . PRO A 20 ? 0.2136 0.2034 0.1396 -0.0758 0.0250  -0.0148 20  PRO A C   
134 O O   . PRO A 20 ? 0.2127 0.2019 0.1366 -0.0746 0.0227  -0.0124 20  PRO A O   
135 C CB  . PRO A 20 ? 0.2780 0.2484 0.1961 -0.0719 0.0355  -0.0187 20  PRO A CB  
136 C CG  . PRO A 20 ? 0.3637 0.3298 0.2844 -0.0640 0.0380  -0.0182 20  PRO A CG  
137 C CD  . PRO A 20 ? 0.2263 0.2017 0.1555 -0.0610 0.0340  -0.0144 20  PRO A CD  
138 N N   . HYP A 21 ? 0.1956 0.1908 0.1198 -0.0822 0.0235  -0.0167 21  HYP A N   
139 C CA  . HYP A 21 ? 0.2323 0.2326 0.1525 -0.0872 0.0186  -0.0162 21  HYP A CA  
140 C C   . HYP A 21 ? 0.2151 0.2055 0.1229 -0.0908 0.0216  -0.0167 21  HYP A C   
141 O O   . HYP A 21 ? 0.2511 0.2308 0.1519 -0.0910 0.0278  -0.0194 21  HYP A O   
142 C CB  . HYP A 21 ? 0.2756 0.2844 0.1956 -0.0945 0.0179  -0.0193 21  HYP A CB  
143 C CG  . HYP A 21 ? 0.2709 0.2861 0.1996 -0.0922 0.0195  -0.0205 21  HYP A CG  
144 C CD  . HYP A 21 ? 0.2402 0.2411 0.1673 -0.0861 0.0246  -0.0193 21  HYP A CD  
145 O OD1 . HYP A 21 ? 0.4132 0.4449 0.3549 -0.0870 0.0136  -0.0202 21  HYP A OD1 
146 N N   . GLY A 22 ? 0.2019 0.1953 0.1064 -0.0930 0.0167  -0.0144 22  GLY A N   
147 C CA  . GLY A 22 ? 0.2112 0.1984 0.1040 -0.0976 0.0193  -0.0152 22  GLY A CA  
148 C C   . GLY A 22 ? 0.2798 0.2635 0.1634 -0.1050 0.0220  -0.0194 22  GLY A C   
149 O O   . GLY A 22 ? 0.3348 0.3220 0.2206 -0.1081 0.0211  -0.0209 22  GLY A O   
150 N N   . PRO A 23 ? 0.2565 0.2338 0.1286 -0.1082 0.0256  -0.0218 23  PRO A N   
151 C CA  . PRO A 23 ? 0.3559 0.3276 0.2170 -0.1155 0.0278  -0.0260 23  PRO A CA  
152 C C   . PRO A 23 ? 0.3564 0.3368 0.2163 -0.1229 0.0214  -0.0243 23  PRO A C   
153 O O   . PRO A 23 ? 0.4003 0.3884 0.2646 -0.1217 0.0152  -0.0200 23  PRO A O   
154 C CB  . PRO A 23 ? 0.3809 0.3466 0.2315 -0.1155 0.0324  -0.0294 23  PRO A CB  
155 C CG  . PRO A 23 ? 0.3987 0.3678 0.2557 -0.1085 0.0339  -0.0274 23  PRO A CG  
156 C CD  . PRO A 23 ? 0.4026 0.3784 0.2719 -0.1054 0.0285  -0.0216 23  PRO A CD  
157 N N   . HYP A 24 ? 0.4141 0.3919 0.2666 -0.1303 0.0221  -0.0277 24  HYP A N   
158 C CA  . HYP A 24 ? 0.3923 0.3796 0.2427 -0.1379 0.0160  -0.0268 24  HYP A CA  
159 C C   . HYP A 24 ? 0.3542 0.3411 0.1958 -0.1408 0.0137  -0.0252 24  HYP A C   
160 O O   . HYP A 24 ? 0.3144 0.2927 0.1474 -0.1404 0.0190  -0.0274 24  HYP A O   
161 C CB  . HYP A 24 ? 0.4589 0.4417 0.3003 -0.1470 0.0185  -0.0314 24  HYP A CB  
162 C CG  . HYP A 24 ? 0.4738 0.4442 0.3139 -0.1440 0.0247  -0.0340 24  HYP A CG  
163 C CD  . HYP A 24 ? 0.3502 0.3151 0.1934 -0.1337 0.0276  -0.0326 24  HYP A CD  
164 O OD1 . HYP A 24 ? 0.4839 0.4620 0.3333 -0.1445 0.0236  -0.0333 24  HYP A OD1 
165 N N   . GLY A 25 ? 0.4407 0.4372 0.2836 -0.1435 0.0055  -0.0219 25  GLY A N   
166 C CA  . GLY A 25 ? 0.4416 0.4368 0.2747 -0.1476 0.0023  -0.0196 25  GLY A CA  
167 C C   . GLY A 25 ? 0.4349 0.4252 0.2597 -0.1537 0.0071  -0.0223 25  GLY A C   
168 O O   . GLY A 25 ? 0.4485 0.4354 0.2722 -0.1562 0.0113  -0.0261 25  GLY A O   
169 N N   . PRO A 26 ? 0.3155 0.3042 0.1333 -0.1567 0.0064  -0.0202 26  PRO A N   
170 C CA  . PRO A 26 ? 0.3865 0.3713 0.1963 -0.1627 0.0101  -0.0230 26  PRO A CA  
171 C C   . PRO A 26 ? 0.4162 0.4056 0.2245 -0.1684 0.0062  -0.0227 26  PRO A C   
172 O O   . PRO A 26 ? 0.3698 0.3681 0.1822 -0.1683 -0.0021 -0.0189 26  PRO A O   
173 C CB  . PRO A 26 ? 0.3367 0.3224 0.1414 -0.1650 0.0080  -0.0195 26  PRO A CB  
174 C CG  . PRO A 26 ? 0.5303 0.5165 0.3396 -0.1596 0.0068  -0.0166 26  PRO A CG  
175 C CD  . PRO A 26 ? 0.3743 0.3636 0.1910 -0.1550 0.0024  -0.0153 26  PRO A CD  
176 N N   . HYP A 27 ? 0.5158 0.4994 0.3184 -0.1726 0.0114  -0.0269 27  HYP A N   
177 C CA  . HYP A 27 ? 0.4168 0.4051 0.2166 -0.1794 0.0083  -0.0268 27  HYP A CA  
178 C C   . HYP A 27 ? 0.4072 0.3999 0.2012 -0.1843 0.0033  -0.0236 27  HYP A C   
179 O O   . HYP A 27 ? 0.4829 0.4718 0.2724 -0.1843 0.0045  -0.0226 27  HYP A O   
180 C CB  . HYP A 27 ? 0.4116 0.3887 0.2042 -0.1829 0.0153  -0.0319 27  HYP A CB  
181 C CG  . HYP A 27 ? 0.4328 0.4004 0.2278 -0.1759 0.0208  -0.0349 27  HYP A CG  
182 C CD  . HYP A 27 ? 0.4654 0.4371 0.2647 -0.1702 0.0195  -0.0326 27  HYP A CD  
183 O OD1 . HYP A 27 ? 0.5036 0.4732 0.3045 -0.1748 0.0204  -0.0346 27  HYP A OD1 
184 N N   . GLY A 28 ? 0.4521 0.4532 0.2467 -0.1885 -0.0023 -0.0221 28  GLY A N   
185 C CA  . GLY A 28 ? 0.5817 0.5855 0.3698 -0.1933 -0.0072 -0.0194 28  GLY A CA  
186 C C   . GLY A 28 ? 0.5574 0.5640 0.3462 -0.1898 -0.0155 -0.0137 28  GLY A C   
187 O O   . GLY A 28 ? 0.3919 0.3950 0.1724 -0.1938 -0.0172 -0.0112 28  GLY A O   
188 N N   . NH2 A 29 ? 0.3707 0.3571 0.1550 -0.1660 -0.0203 -0.0034 29  NH2 A N   
189 C C   . ACE B 1  ? 0.3302 0.2579 0.2467 -0.0537 -0.0375 -0.0096 1   ACE B C   
190 O O   . ACE B 1  ? 0.3342 0.2747 0.2664 -0.0535 -0.0387 -0.0141 1   ACE B O   
191 C CH3 . ACE B 1  ? 0.3497 0.2779 0.2635 -0.0579 -0.0457 -0.0066 1   ACE B CH3 
192 N N   . PRO B 2  ? 0.3565 0.2706 0.2576 -0.0499 -0.0298 -0.0079 2   PRO B N   
193 C CA  . PRO B 2  ? 0.3560 0.2661 0.2561 -0.0455 -0.0230 -0.0101 2   PRO B CA  
194 C C   . PRO B 2  ? 0.3165 0.2403 0.2379 -0.0389 -0.0255 -0.0093 2   PRO B C   
195 O O   . PRO B 2  ? 0.3734 0.3037 0.3042 -0.0356 -0.0316 -0.0055 2   PRO B O   
196 C CB  . PRO B 2  ? 0.3919 0.2863 0.2727 -0.0395 -0.0173 -0.0086 2   PRO B CB  
197 C CG  . PRO B 2  ? 0.3902 0.2811 0.2602 -0.0424 -0.0194 -0.0070 2   PRO B CG  
198 C CD  . PRO B 2  ? 0.3933 0.2968 0.2769 -0.0486 -0.0277 -0.0049 2   PRO B CD  
199 N N   . HYP B 3  ? 0.3242 0.2508 0.2509 -0.0382 -0.0215 -0.0128 3   HYP B N   
200 C CA  . HYP B 3  ? 0.2671 0.2051 0.2120 -0.0312 -0.0231 -0.0126 3   HYP B CA  
201 C C   . HYP B 3  ? 0.2569 0.1895 0.1976 -0.0232 -0.0216 -0.0071 3   HYP B C   
202 O O   . HYP B 3  ? 0.2704 0.1912 0.1936 -0.0213 -0.0165 -0.0058 3   HYP B O   
203 C CB  . HYP B 3  ? 0.2348 0.1748 0.1811 -0.0335 -0.0174 -0.0174 3   HYP B CB  
204 C CG  . HYP B 3  ? 0.2725 0.2110 0.2088 -0.0452 -0.0157 -0.0219 3   HYP B CG  
205 C CD  . HYP B 3  ? 0.3713 0.2942 0.2897 -0.0464 -0.0166 -0.0179 3   HYP B CD  
206 O OD1 . HYP B 3  ? 0.5007 0.4611 0.4555 -0.0499 -0.0203 -0.0279 3   HYP B OD1 
207 N N   . GLY B 4  ? 0.3040 0.2458 0.2598 -0.0188 -0.0265 -0.0048 4   GLY B N   
208 C CA  . GLY B 4  ? 0.1704 0.1114 0.1230 -0.0138 -0.0250 -0.0002 4   GLY B CA  
209 C C   . GLY B 4  ? 0.2229 0.1602 0.1703 -0.0085 -0.0169 -0.0019 4   GLY B C   
210 O O   . GLY B 4  ? 0.2142 0.1484 0.1613 -0.0098 -0.0136 -0.0058 4   GLY B O   
211 N N   . PRO B 5  ? 0.2356 0.1737 0.1775 -0.0034 -0.0142 0.0007  5   PRO B N   
212 C CA  . PRO B 5  ? 0.2636 0.1985 0.2012 0.0033  -0.0083 -0.0009 5   PRO B CA  
213 C C   . PRO B 5  ? 0.2872 0.2297 0.2404 0.0046  -0.0096 -0.0009 5   PRO B C   
214 O O   . PRO B 5  ? 0.2155 0.1660 0.1822 0.0023  -0.0155 0.0006  5   PRO B O   
215 C CB  . PRO B 5  ? 0.3014 0.2418 0.2320 0.0084  -0.0063 0.0005  5   PRO B CB  
216 C CG  . PRO B 5  ? 0.2377 0.1880 0.1745 0.0022  -0.0116 0.0048  5   PRO B CG  
217 C CD  . PRO B 5  ? 0.1896 0.1341 0.1292 -0.0046 -0.0168 0.0050  5   PRO B CD  
218 N N   . HYP B 6  ? 0.1870 0.1247 0.1365 0.0086  -0.0050 -0.0029 6   HYP B N   
219 C CA  . HYP B 6  ? 0.1969 0.1420 0.1599 0.0096  -0.0055 -0.0035 6   HYP B CA  
220 C C   . HYP B 6  ? 0.1997 0.1561 0.1728 0.0126  -0.0086 0.0004  6   HYP B C   
221 O O   . HYP B 6  ? 0.1939 0.1535 0.1606 0.0148  -0.0079 0.0031  6   HYP B O   
222 C CB  . HYP B 6  ? 0.2243 0.1598 0.1765 0.0126  -0.0004 -0.0054 6   HYP B CB  
223 C CG  . HYP B 6  ? 0.2580 0.1762 0.1898 0.0110  0.0016  -0.0070 6   HYP B CG  
224 C CD  . HYP B 6  ? 0.2688 0.1911 0.1996 0.0121  -0.0005 -0.0052 6   HYP B CD  
225 O OD1 . HYP B 6  ? 0.3447 0.2569 0.2725 0.0018  0.0023  -0.0101 6   HYP B OD1 
226 N N   . GLY B 7  ? 0.1526 0.1152 0.1400 0.0120  -0.0120 -0.0002 7   GLY B N   
227 C CA  . GLY B 7  ? 0.0969 0.0663 0.0907 0.0133  -0.0155 0.0035  7   GLY B CA  
228 C C   . GLY B 7  ? 0.0971 0.0695 0.0862 0.0181  -0.0099 0.0043  7   GLY B C   
229 O O   . GLY B 7  ? 0.1522 0.1186 0.1336 0.0215  -0.0046 0.0016  7   GLY B O   
230 N N   . GLN B 8  ? 0.1299 0.1106 0.1219 0.0178  -0.0119 0.0078  8   GLN B N   
231 C CA  . GLN B 8  ? 0.1098 0.0970 0.0995 0.0226  -0.0075 0.0080  8   GLN B CA  
232 C C   . GLN B 8  ? 0.1388 0.1230 0.1352 0.0247  -0.0064 0.0054  8   GLN B C   
233 O O   . GLN B 8  ? 0.1519 0.1338 0.1576 0.0219  -0.0097 0.0034  8   GLN B O   
234 C CB  . GLN B 8  ? 0.1002 0.0998 0.0910 0.0189  -0.0101 0.0122  8   GLN B CB  
235 C CG  . GLN B 8  ? 0.1200 0.1265 0.1028 0.0146  -0.0106 0.0143  8   GLN B CG  
236 C CD  . GLN B 8  ? 0.1234 0.1322 0.0971 0.0219  -0.0044 0.0101  8   GLN B CD  
237 O OE1 . GLN B 8  ? 0.2261 0.2266 0.1935 0.0215  -0.0042 0.0088  8   GLN B OE1 
238 N NE2 . GLN B 8  ? 0.2390 0.2581 0.2110 0.0295  -0.0004 0.0073  8   GLN B NE2 
239 N N   . ARG B 9  ? 0.0973 0.0827 0.0886 0.0302  -0.0021 0.0045  9   ARG B N   
240 C CA  . ARG B 9  ? 0.0823 0.0653 0.0775 0.0309  -0.0008 0.0026  9   ARG B CA  
241 C C   . ARG B 9  ? 0.1552 0.1462 0.1627 0.0278  -0.0048 0.0040  9   ARG B C   
242 O O   . ARG B 9  ? 0.0788 0.0775 0.0876 0.0257  -0.0077 0.0079  9   ARG B O   
243 C CB  . ARG B 9  ? 0.0878 0.0693 0.0734 0.0378  0.0025  0.0022  9   ARG B CB  
244 C CG  . ARG B 9  ? 0.0897 0.0644 0.0743 0.0371  0.0042  0.0002  9   ARG B CG  
245 C CD  . ARG B 9  ? 0.1461 0.1187 0.1209 0.0444  0.0052  0.0006  9   ARG B CD  
246 N NE  . ARG B 9  ? 0.1246 0.0871 0.0940 0.0419  0.0063  -0.0009 9   ARG B NE  
247 C CZ  . ARG B 9  ? 0.1387 0.0961 0.0984 0.0474  0.0058  -0.0005 9   ARG B CZ  
248 N NH1 . ARG B 9  ? 0.2142 0.1799 0.1715 0.0546  0.0038  0.0003  9   ARG B NH1 
249 N NH2 . ARG B 9  ? 0.2117 0.1587 0.1643 0.0427  0.0067  -0.0014 9   ARG B NH2 
250 N N   . GLY B 10 ? 0.0958 0.0845 0.1106 0.0265  -0.0050 0.0004  10  GLY B N   
251 C CA  . GLY B 10 ? 0.0662 0.0590 0.0912 0.0246  -0.0098 0.0004  10  GLY B CA  
252 C C   . GLY B 10 ? 0.0643 0.0636 0.0873 0.0255  -0.0088 0.0037  10  GLY B C   
253 O O   . GLY B 10 ? 0.1252 0.1275 0.1407 0.0293  -0.0043 0.0049  10  GLY B O   
254 N N   . ARG B 11 ? 0.0956 0.0962 0.1246 0.0225  -0.0143 0.0050  11  ARG B N   
255 C CA  A ARG B 11 ? 0.0706 0.0785 0.0981 0.0211  -0.0143 0.0081  11  ARG B CA  
256 C CA  B ARG B 11 ? 0.0752 0.0830 0.1025 0.0211  -0.0142 0.0081  11  ARG B CA  
257 C C   . ARG B 11 ? 0.0730 0.0825 0.1009 0.0247  -0.0091 0.0051  11  ARG B C   
258 O O   . ARG B 11 ? 0.1779 0.1822 0.2091 0.0255  -0.0073 -0.0001 11  ARG B O   
259 C CB  A ARG B 11 ? 0.1380 0.1412 0.1689 0.0158  -0.0227 0.0096  11  ARG B CB  
260 C CB  B ARG B 11 ? 0.1444 0.1478 0.1752 0.0158  -0.0225 0.0097  11  ARG B CB  
261 C CG  A ARG B 11 ? 0.2417 0.2524 0.2666 0.0093  -0.0249 0.0155  11  ARG B CG  
262 C CG  B ARG B 11 ? 0.2343 0.2457 0.2590 0.0098  -0.0241 0.0154  11  ARG B CG  
263 C CD  A ARG B 11 ? 0.2229 0.2230 0.2489 0.0045  -0.0336 0.0158  11  ARG B CD  
264 C CD  B ARG B 11 ? 0.2304 0.2312 0.2547 0.0035  -0.0337 0.0169  11  ARG B CD  
265 N NE  A ARG B 11 ? 0.2959 0.2982 0.3123 -0.0061 -0.0386 0.0224  11  ARG B NE  
266 N NE  B ARG B 11 ? 0.2442 0.2539 0.2624 -0.0037 -0.0342 0.0215  11  ARG B NE  
267 C CZ  A ARG B 11 ? 0.1550 0.1677 0.1686 -0.0105 -0.0367 0.0246  11  ARG B CZ  
268 C CZ  B ARG B 11 ? 0.2000 0.1999 0.2121 -0.0125 -0.0429 0.0247  11  ARG B CZ  
269 N NH1 A ARG B 11 ? 0.2286 0.2491 0.2482 -0.0041 -0.0303 0.0209  11  ARG B NH1 
270 N NH1 B ARG B 11 ? 0.2131 0.1915 0.2243 -0.0127 -0.0533 0.0234  11  ARG B NH1 
271 N NH2 A ARG B 11 ? 0.3017 0.3173 0.3047 -0.0231 -0.0415 0.0305  11  ARG B NH2 
272 N NH2 B ARG B 11 ? 0.3182 0.3288 0.3238 -0.0208 -0.0424 0.0287  11  ARG B NH2 
273 N N   . GLU B 12 ? 0.0590 0.0774 0.0828 0.0258  -0.0071 0.0078  12  GLU B N   
274 C CA  . GLU B 12 ? 0.0582 0.0769 0.0811 0.0281  -0.0041 0.0058  12  GLU B CA  
275 C C   . GLU B 12 ? 0.0943 0.1098 0.1250 0.0240  -0.0073 0.0032  12  GLU B C   
276 O O   . GLU B 12 ? 0.1038 0.1190 0.1378 0.0198  -0.0130 0.0050  12  GLU B O   
277 C CB  . GLU B 12 ? 0.0585 0.0902 0.0771 0.0305  -0.0031 0.0089  12  GLU B CB  
278 C CG  . GLU B 12 ? 0.0879 0.1196 0.1049 0.0323  -0.0015 0.0076  12  GLU B CG  
279 C CD  . GLU B 12 ? 0.1824 0.2281 0.1950 0.0375  -0.0012 0.0093  12  GLU B CD  
280 O OE1 . GLU B 12 ? 0.2114 0.2591 0.2179 0.0451  -0.0002 0.0085  12  GLU B OE1 
281 O OE2 . GLU B 12 ? 0.1409 0.1960 0.1560 0.0344  -0.0024 0.0104  12  GLU B OE2 
282 N N   . GLY B 13 ? 0.0904 0.1024 0.1219 0.0247  -0.0041 -0.0017 13  GLY B N   
283 C CA  . GLY B 13 ? 0.0561 0.0668 0.0956 0.0222  -0.0064 -0.0069 13  GLY B CA  
284 C C   . GLY B 13 ? 0.0592 0.0729 0.0992 0.0196  -0.0101 -0.0041 13  GLY B C   
285 O O   . GLY B 13 ? 0.0974 0.1180 0.1319 0.0191  -0.0092 0.0014  13  GLY B O   
286 N N   . PRO B 14 ? 0.0838 0.0930 0.1301 0.0181  -0.0151 -0.0087 14  PRO B N   
287 C CA  . PRO B 14 ? 0.0640 0.0729 0.1085 0.0143  -0.0192 -0.0065 14  PRO B CA  
288 C C   . PRO B 14 ? 0.0677 0.0831 0.1092 0.0139  -0.0135 -0.0073 14  PRO B C   
289 O O   . PRO B 14 ? 0.1021 0.1189 0.1434 0.0157  -0.0076 -0.0115 14  PRO B O   
290 C CB  . PRO B 14 ? 0.0711 0.0699 0.1221 0.0152  -0.0269 -0.0135 14  PRO B CB  
291 C CG  . PRO B 14 ? 0.0835 0.0845 0.1428 0.0201  -0.0237 -0.0220 14  PRO B CG  
292 C CD  . PRO B 14 ? 0.0617 0.0662 0.1169 0.0204  -0.0185 -0.0169 14  PRO B CD  
293 N N   . MET B 15 ? 0.0642 0.0833 0.1020 0.0098  -0.0159 -0.0030 15  MET B N   
294 C CA  . MET B 15 ? 0.0871 0.1120 0.1216 0.0090  -0.0121 -0.0035 15  MET B CA  
295 C C   . MET B 15 ? 0.1002 0.1202 0.1390 0.0088  -0.0109 -0.0123 15  MET B C   
296 O O   . MET B 15 ? 0.1135 0.1264 0.1584 0.0093  -0.0157 -0.0183 15  MET B O   
297 C CB  . MET B 15 ? 0.0802 0.1112 0.1105 0.0032  -0.0158 0.0021  15  MET B CB  
298 C CG  . MET B 15 ? 0.2259 0.2652 0.2525 0.0024  -0.0127 0.0026  15  MET B CG  
299 S SD  . MET B 15 ? 0.5462 0.5994 0.5682 -0.0053 -0.0167 0.0095  15  MET B SD  
300 C CE  . MET B 15 ? 0.1684 0.2058 0.1890 -0.0138 -0.0254 0.0097  15  MET B CE  
301 N N   . GLY B 16 ? 0.0885 0.1121 0.1229 0.0084  -0.0052 -0.0140 16  GLY B N   
302 C CA  . GLY B 16 ? 0.0684 0.0913 0.1052 0.0064  -0.0028 -0.0230 16  GLY B CA  
303 C C   . GLY B 16 ? 0.1066 0.1281 0.1452 0.0035  -0.0071 -0.0257 16  GLY B C   
304 O O   . GLY B 16 ? 0.1273 0.1478 0.1627 0.0012  -0.0120 -0.0190 16  GLY B O   
305 N N   . PRO B 17 ? 0.0841 0.1063 0.1267 0.0026  -0.0056 -0.0361 17  PRO B N   
306 C CA  . PRO B 17 ? 0.0908 0.1093 0.1340 0.0006  -0.0105 -0.0403 17  PRO B CA  
307 C C   . PRO B 17 ? 0.1524 0.1744 0.1861 -0.0050 -0.0085 -0.0340 17  PRO B C   
308 O O   . PRO B 17 ? 0.1309 0.1585 0.1580 -0.0063 -0.0031 -0.0292 17  PRO B O   
309 C CB  . PRO B 17 ? 0.1544 0.1775 0.2051 0.0023  -0.0079 -0.0553 17  PRO B CB  
310 C CG  . PRO B 17 ? 0.1336 0.1656 0.1824 0.0001  0.0012  -0.0564 17  PRO B CG  
311 C CD  . PRO B 17 ? 0.0758 0.1038 0.1222 0.0027  0.0004  -0.0459 17  PRO B CD  
312 N N   . ARG B 18 ? 0.1382 0.1549 0.1698 -0.0080 -0.0143 -0.0345 18  ARG B N   
313 C CA  . ARG B 18 ? 0.0963 0.1173 0.1195 -0.0140 -0.0135 -0.0295 18  ARG B CA  
314 C C   . ARG B 18 ? 0.1642 0.1907 0.1849 -0.0162 -0.0067 -0.0361 18  ARG B C   
315 O O   . ARG B 18 ? 0.1525 0.1792 0.1784 -0.0149 -0.0042 -0.0477 18  ARG B O   
316 C CB  . ARG B 18 ? 0.1229 0.1345 0.1429 -0.0184 -0.0218 -0.0295 18  ARG B CB  
317 C CG  . ARG B 18 ? 0.2052 0.2227 0.2164 -0.0260 -0.0220 -0.0234 18  ARG B CG  
318 C CD  . ARG B 18 ? 0.2245 0.2302 0.2294 -0.0327 -0.0313 -0.0217 18  ARG B CD  
319 N NE  . ARG B 18 ? 0.1471 0.1469 0.1502 -0.0342 -0.0375 -0.0150 18  ARG B NE  
320 C CZ  . ARG B 18 ? 0.1788 0.1906 0.1773 -0.0407 -0.0378 -0.0045 18  ARG B CZ  
321 N NH1 . ARG B 18 ? 0.1768 0.2069 0.1732 -0.0440 -0.0334 -0.0001 18  ARG B NH1 
322 N NH2 . ARG B 18 ? 0.2119 0.2184 0.2074 -0.0439 -0.0431 0.0008  18  ARG B NH2 
323 N N   . GLY B 19 ? 0.1181 0.1504 0.1299 -0.0200 -0.0041 -0.0294 19  GLY B N   
324 C CA  . GLY B 19 ? 0.1022 0.1372 0.1070 -0.0242 0.0013  -0.0336 19  GLY B CA  
325 C C   . GLY B 19 ? 0.1967 0.2307 0.2017 -0.0288 0.0005  -0.0425 19  GLY B C   
326 O O   . GLY B 19 ? 0.1599 0.1886 0.1680 -0.0287 -0.0056 -0.0437 19  GLY B O   
327 N N   . PRO B 20 ? 0.1596 0.1977 0.1592 -0.0340 0.0063  -0.0494 20  PRO B N   
328 C CA  . PRO B 20 ? 0.2101 0.2491 0.2090 -0.0385 0.0064  -0.0593 20  PRO B CA  
329 C C   . PRO B 20 ? 0.1895 0.2266 0.1796 -0.0435 0.0023  -0.0513 20  PRO B C   
330 O O   . PRO B 20 ? 0.2207 0.2598 0.2044 -0.0439 0.0011  -0.0394 20  PRO B O   
331 C CB  . PRO B 20 ? 0.1914 0.2379 0.1840 -0.0452 0.0149  -0.0670 20  PRO B CB  
332 C CG  . PRO B 20 ? 0.2701 0.3163 0.2596 -0.0441 0.0183  -0.0613 20  PRO B CG  
333 C CD  . PRO B 20 ? 0.1754 0.2157 0.1661 -0.0373 0.0126  -0.0480 20  PRO B CD  
334 N N   . HYP B 21 ? 0.2342 0.2683 0.2237 -0.0466 -0.0003 -0.0588 21  HYP B N   
335 C CA  . HYP B 21 ? 0.2203 0.2532 0.2005 -0.0531 -0.0042 -0.0521 21  HYP B CA  
336 C C   . HYP B 21 ? 0.2331 0.2733 0.2012 -0.0594 0.0003  -0.0465 21  HYP B C   
337 O O   . HYP B 21 ? 0.2362 0.2792 0.2004 -0.0619 0.0067  -0.0518 21  HYP B O   
338 C CB  . HYP B 21 ? 0.2667 0.2922 0.2468 -0.0553 -0.0076 -0.0635 21  HYP B CB  
339 C CG  . HYP B 21 ? 0.2402 0.2609 0.2323 -0.0464 -0.0088 -0.0760 21  HYP B CG  
340 C CD  . HYP B 21 ? 0.2520 0.2837 0.2486 -0.0441 -0.0008 -0.0751 21  HYP B CD  
341 O OD1 . HYP B 21 ? 0.4275 0.4349 0.4230 -0.0416 -0.0180 -0.0728 21  HYP B OD1 
342 N N   . GLY B 22 ? 0.2529 0.2964 0.2144 -0.0627 -0.0039 -0.0363 22  GLY B N   
343 C CA  . GLY B 22 ? 0.2707 0.3188 0.2197 -0.0671 -0.0026 -0.0306 22  GLY B CA  
344 C C   . GLY B 22 ? 0.3664 0.4131 0.3064 -0.0760 0.0011  -0.0390 22  GLY B C   
345 O O   . GLY B 22 ? 0.2159 0.2600 0.1604 -0.0780 0.0020  -0.0500 22  GLY B O   
346 N N   . PRO B 23 ? 0.2411 0.2887 0.1669 -0.0810 0.0023  -0.0346 23  PRO B N   
347 C CA  . PRO B 23 ? 0.2700 0.3175 0.1846 -0.0916 0.0056  -0.0416 23  PRO B CA  
348 C C   . PRO B 23 ? 0.2859 0.3358 0.1973 -0.0965 0.0006  -0.0395 23  PRO B C   
349 O O   . PRO B 23 ? 0.2618 0.3154 0.1759 -0.0931 -0.0055 -0.0300 23  PRO B O   
350 C CB  . PRO B 23 ? 0.4065 0.4500 0.3037 -0.0956 0.0063  -0.0350 23  PRO B CB  
351 C CG  . PRO B 23 ? 0.3916 0.4350 0.2899 -0.0857 -0.0004 -0.0221 23  PRO B CG  
352 C CD  . PRO B 23 ? 0.3047 0.3522 0.2224 -0.0767 -0.0008 -0.0230 23  PRO B CD  
353 N N   . HYP B 24 ? 0.3278 0.3763 0.2360 -0.1028 0.0042  -0.0473 24  HYP B N   
354 C CA  . HYP B 24 ? 0.2596 0.3083 0.1638 -0.1077 0.0004  -0.0450 24  HYP B CA  
355 C C   . HYP B 24 ? 0.3497 0.4037 0.2437 -0.1105 -0.0055 -0.0316 24  HYP B C   
356 O O   . HYP B 24 ? 0.4096 0.4629 0.2948 -0.1099 -0.0053 -0.0259 24  HYP B O   
357 C CB  . HYP B 24 ? 0.4062 0.4536 0.3069 -0.1131 0.0067  -0.0540 24  HYP B CB  
358 C CG  . HYP B 24 ? 0.2922 0.3413 0.2020 -0.1089 0.0139  -0.0651 24  HYP B CG  
359 C CD  . HYP B 24 ? 0.3785 0.4277 0.2900 -0.1044 0.0127  -0.0587 24  HYP B CD  
360 O OD1 . HYP B 24 ? 0.4715 0.5186 0.3936 -0.1025 0.0134  -0.0765 24  HYP B OD1 
361 N N   . GLY B 25 ? 0.3966 0.4547 0.2921 -0.1123 -0.0110 -0.0268 25  GLY B N   
362 C CA  . GLY B 25 ? 0.3055 0.3725 0.1953 -0.1133 -0.0163 -0.0158 25  GLY B CA  
363 C C   . GLY B 25 ? 0.3620 0.4255 0.2399 -0.1199 -0.0144 -0.0158 25  GLY B C   
364 O O   . GLY B 25 ? 0.2843 0.3408 0.1588 -0.1251 -0.0082 -0.0244 25  GLY B O   
365 N N   . PRO B 26 ? 0.3545 0.4241 0.2274 -0.1187 -0.0199 -0.0069 26  PRO B N   
366 C CA  . PRO B 26 ? 0.3598 0.4242 0.2204 -0.1257 -0.0197 -0.0062 26  PRO B CA  
367 C C   . PRO B 26 ? 0.4254 0.4923 0.2852 -0.1347 -0.0187 -0.0091 26  PRO B C   
368 O O   . PRO B 26 ? 0.3489 0.4218 0.2164 -0.1347 -0.0207 -0.0086 26  PRO B O   
369 C CB  . PRO B 26 ? 0.3055 0.3747 0.1624 -0.1181 -0.0279 0.0036  26  PRO B CB  
370 C CG  . PRO B 26 ? 0.4642 0.5462 0.3344 -0.1073 -0.0317 0.0074  26  PRO B CG  
371 C CD  . PRO B 26 ? 0.3330 0.4163 0.2130 -0.1109 -0.0269 0.0017  26  PRO B CD  
372 N N   . HYP B 27 ? 0.3806 0.4415 0.2300 -0.1431 -0.0157 -0.0117 27  HYP B N   
373 C CA  . HYP B 27 ? 0.4220 0.4841 0.2683 -0.1516 -0.0151 -0.0140 27  HYP B CA  
374 C C   . HYP B 27 ? 0.4270 0.5008 0.2755 -0.1513 -0.0230 -0.0050 27  HYP B C   
375 O O   . HYP B 27 ? 0.4095 0.4898 0.2578 -0.1451 -0.0290 0.0024  27  HYP B O   
376 C CB  . HYP B 27 ? 0.3583 0.4137 0.1924 -0.1606 -0.0107 -0.0172 27  HYP B CB  
377 C CG  . HYP B 27 ? 0.3827 0.4317 0.2144 -0.1588 -0.0062 -0.0199 27  HYP B CG  
378 C CD  . HYP B 27 ? 0.4543 0.5058 0.2927 -0.1473 -0.0120 -0.0132 27  HYP B CD  
379 O OD1 . HYP B 27 ? 0.3851 0.4327 0.2214 -0.1603 0.0029  -0.0314 27  HYP B OD1 
380 N N   . GLY B 28 ? 0.3646 0.4405 0.2147 -0.1567 -0.0232 -0.0064 28  GLY B N   
381 C CA  . GLY B 28 ? 0.3846 0.4742 0.2376 -0.1582 -0.0291 0.0011  28  GLY B CA  
382 C C   . GLY B 28 ? 0.5060 0.5928 0.3536 -0.1686 -0.0284 -0.0007 28  GLY B C   
383 O O   . GLY B 28 ? 0.4413 0.5142 0.2834 -0.1725 -0.0240 -0.0088 28  GLY B O   
384 N N   . NH2 B 29 ? 0.2863 0.3719 0.1431 -0.1270 -0.0431 -0.0192 29  NH2 B N   
385 C C   . ACE C 1  ? 0.0897 0.2602 0.0867 0.0062  0.0089  -0.0499 1   ACE C C   
386 O O   . ACE C 1  ? 0.0869 0.2446 0.0867 0.0020  0.0140  -0.0482 1   ACE C O   
387 C CH3 . ACE C 1  ? 0.0941 0.2799 0.0921 0.0055  0.0051  -0.0571 1   ACE C CH3 
388 N N   . PRO C 2  ? 0.4228 0.5927 0.4141 0.0119  0.0063  -0.0450 2   PRO C N   
389 C CA  . PRO C 2  ? 0.3491 0.5053 0.3400 0.0121  0.0100  -0.0380 2   PRO C CA  
390 C C   . PRO C 2  ? 0.2263 0.3794 0.2275 0.0127  0.0096  -0.0375 2   PRO C C   
391 O O   . PRO C 2  ? 0.3244 0.4877 0.3303 0.0159  0.0050  -0.0411 2   PRO C O   
392 C CB  . PRO C 2  ? 0.3870 0.5437 0.3668 0.0175  0.0063  -0.0332 2   PRO C CB  
393 C CG  . PRO C 2  ? 0.3817 0.5506 0.3610 0.0228  -0.0017 -0.0374 2   PRO C CG  
394 C CD  . PRO C 2  ? 0.3971 0.5738 0.3799 0.0182  -0.0009 -0.0444 2   PRO C CD  
395 N N   . HYP C 3  ? 0.2767 0.4144 0.2801 0.0096  0.0143  -0.0332 3   HYP C N   
396 C CA  . HYP C 3  ? 0.2574 0.3870 0.2675 0.0097  0.0142  -0.0316 3   HYP C CA  
397 C C   . HYP C 3  ? 0.2595 0.3933 0.2696 0.0154  0.0100  -0.0291 3   HYP C C   
398 O O   . HYP C 3  ? 0.1822 0.3205 0.1867 0.0193  0.0088  -0.0259 3   HYP C O   
399 C CB  . HYP C 3  ? 0.2212 0.3335 0.2316 0.0068  0.0198  -0.0267 3   HYP C CB  
400 C CG  . HYP C 3  ? 0.3309 0.4412 0.3368 0.0041  0.0236  -0.0274 3   HYP C CG  
401 C CD  . HYP C 3  ? 0.2497 0.3743 0.2496 0.0062  0.0201  -0.0296 3   HYP C CD  
402 O OD1 . HYP C 3  ? 0.3967 0.5040 0.4042 0.0008  0.0258  -0.0310 3   HYP C OD1 
403 N N   . GLY C 4  ? 0.1760 0.3071 0.1910 0.0159  0.0084  -0.0302 4   GLY C N   
404 C CA  . GLY C 4  ? 0.1140 0.2457 0.1288 0.0211  0.0050  -0.0278 4   GLY C CA  
405 C C   . GLY C 4  ? 0.1300 0.2513 0.1435 0.0213  0.0076  -0.0210 4   GLY C C   
406 O O   . GLY C 4  ? 0.1348 0.2463 0.1487 0.0169  0.0121  -0.0185 4   GLY C O   
407 N N   . PRO C 5  ? 0.1033 0.2264 0.1150 0.0267  0.0046  -0.0181 5   PRO C N   
408 C CA  . PRO C 5  ? 0.0687 0.1834 0.0791 0.0266  0.0068  -0.0117 5   PRO C CA  
409 C C   . PRO C 5  ? 0.0911 0.1927 0.1069 0.0224  0.0092  -0.0107 5   PRO C C   
410 O O   . PRO C 5  ? 0.1370 0.2360 0.1564 0.0208  0.0089  -0.0142 5   PRO C O   
411 C CB  . PRO C 5  ? 0.0734 0.1937 0.0806 0.0347  0.0018  -0.0093 5   PRO C CB  
412 C CG  . PRO C 5  ? 0.1071 0.2303 0.1163 0.0373  -0.0024 -0.0150 5   PRO C CG  
413 C CD  . PRO C 5  ? 0.1162 0.2469 0.1266 0.0336  -0.0011 -0.0205 5   PRO C CD  
414 N N   . HYP C 6  ? 0.1211 0.2151 0.1367 0.0207  0.0117  -0.0058 6   HYP C N   
415 C CA  . HYP C 6  ? 0.0756 0.1584 0.0955 0.0180  0.0134  -0.0048 6   HYP C CA  
416 C C   . HYP C 6  ? 0.1019 0.1853 0.1225 0.0215  0.0099  -0.0052 6   HYP C C   
417 O O   . HYP C 6  ? 0.1978 0.2877 0.2150 0.0270  0.0065  -0.0040 6   HYP C O   
418 C CB  . HYP C 6  ? 0.1377 0.2146 0.1572 0.0159  0.0159  -0.0001 6   HYP C CB  
419 C CG  . HYP C 6  ? 0.1247 0.2078 0.1395 0.0162  0.0170  0.0018  6   HYP C CG  
420 C CD  . HYP C 6  ? 0.1627 0.2578 0.1741 0.0211  0.0134  -0.0004 6   HYP C CD  
421 O OD1 . HYP C 6  ? 0.1566 0.2348 0.1725 0.0124  0.0206  -0.0003 6   HYP C OD1 
422 N N   . GLY C 7  ? 0.2150 0.2909 0.2397 0.0188  0.0112  -0.0067 7   GLY C N   
423 C CA  . GLY C 7  ? 0.2129 0.2880 0.2386 0.0213  0.0088  -0.0075 7   GLY C CA  
424 C C   . GLY C 7  ? 0.1146 0.1853 0.1394 0.0225  0.0083  -0.0035 7   GLY C C   
425 O O   . GLY C 7  ? 0.0990 0.1673 0.1232 0.0206  0.0101  -0.0001 7   GLY C O   
426 N N   . GLN C 8  ? 0.2011 0.2713 0.2256 0.0257  0.0057  -0.0041 8   GLN C N   
427 C CA  . GLN C 8  ? 0.1686 0.2339 0.1924 0.0271  0.0049  -0.0007 8   GLN C CA  
428 C C   . GLN C 8  ? 0.0936 0.1519 0.1205 0.0218  0.0082  0.0004  8   GLN C C   
429 O O   . GLN C 8  ? 0.1128 0.1700 0.1420 0.0190  0.0103  -0.0022 8   GLN C O   
430 C CB  . GLN C 8  ? 0.2325 0.2966 0.2561 0.0307  0.0021  -0.0030 8   GLN C CB  
431 C CG  . GLN C 8  ? 0.2195 0.2823 0.2477 0.0272  0.0043  -0.0069 8   GLN C CG  
432 C CD  . GLN C 8  ? 0.2956 0.3586 0.3237 0.0308  0.0019  -0.0092 8   GLN C CD  
433 O OE1 . GLN C 8  ? 0.4261 0.4879 0.4506 0.0358  -0.0015 -0.0080 8   GLN C OE1 
434 N NE2 . GLN C 8  ? 0.3482 0.4144 0.3784 0.0296  0.0032  -0.0129 8   GLN C NE2 
435 N N   . ARG C 9  ? 0.1802 0.2366 0.2053 0.0220  0.0082  0.0050  9   ARG C N   
436 C CA  . ARG C 9  ? 0.1451 0.1958 0.1722 0.0183  0.0099  0.0057  9   ARG C CA  
437 C C   . ARG C 9  ? 0.1359 0.1836 0.1651 0.0181  0.0098  0.0023  9   ARG C C   
438 O O   . ARG C 9  ? 0.1111 0.1595 0.1405 0.0211  0.0078  0.0006  9   ARG C O   
439 C CB  . ARG C 9  ? 0.0947 0.1453 0.1195 0.0200  0.0090  0.0125  9   ARG C CB  
440 C CG  . ARG C 9  ? 0.0452 0.0914 0.0711 0.0162  0.0105  0.0145  9   ARG C CG  
441 C CD  . ARG C 9  ? 0.1226 0.1701 0.1481 0.0167  0.0102  0.0229  9   ARG C CD  
442 N NE  . ARG C 9  ? 0.0843 0.1284 0.1113 0.0129  0.0111  0.0252  9   ARG C NE  
443 C CZ  . ARG C 9  ? 0.1009 0.1459 0.1297 0.0115  0.0105  0.0325  9   ARG C CZ  
444 N NH1 . ARG C 9  ? 0.1935 0.2397 0.2205 0.0124  0.0084  0.0382  9   ARG C NH1 
445 N NH2 . ARG C 9  ? 0.1394 0.1811 0.1693 0.0088  0.0100  0.0328  9   ARG C NH2 
446 N N   . GLY C 10 ? 0.0527 0.0980 0.0829 0.0153  0.0118  0.0019  10  GLY C N   
447 C CA  . GLY C 10 ? 0.0368 0.0803 0.0688 0.0150  0.0124  -0.0006 10  GLY C CA  
448 C C   . GLY C 10 ? 0.0811 0.1219 0.1122 0.0169  0.0105  0.0006  10  GLY C C   
449 O O   . GLY C 10 ? 0.1316 0.1710 0.1609 0.0183  0.0085  0.0040  10  GLY C O   
450 N N   . ARG C 11 ? 0.1586 0.1982 0.1911 0.0172  0.0111  -0.0018 11  ARG C N   
451 C CA  . ARG C 11 ? 0.0518 0.0882 0.0837 0.0192  0.0095  -0.0013 11  ARG C CA  
452 C C   . ARG C 11 ? 0.1092 0.1424 0.1391 0.0176  0.0091  0.0019  11  ARG C C   
453 O O   . ARG C 11 ? 0.0964 0.1297 0.1258 0.0147  0.0109  0.0032  11  ARG C O   
454 C CB  . ARG C 11 ? 0.1248 0.1610 0.1581 0.0193  0.0113  -0.0043 11  ARG C CB  
455 C CG  . ARG C 11 ? 0.1350 0.1751 0.1680 0.0223  0.0108  -0.0066 11  ARG C CG  
456 C CD  . ARG C 11 ? 0.1788 0.2202 0.2125 0.0216  0.0131  -0.0092 11  ARG C CD  
457 N NE  . ARG C 11 ? 0.1635 0.2099 0.1970 0.0249  0.0114  -0.0127 11  ARG C NE  
458 C CZ  . ARG C 11 ? 0.1471 0.1943 0.1808 0.0259  0.0122  -0.0153 11  ARG C CZ  
459 N NH1 . ARG C 11 ? 0.1179 0.1611 0.1513 0.0239  0.0150  -0.0145 11  ARG C NH1 
460 N NH2 . ARG C 11 ? 0.1815 0.2343 0.2159 0.0291  0.0104  -0.0189 11  ARG C NH2 
461 N N   . GLU C 12 ? 0.0579 0.0887 0.0852 0.0213  0.0072  0.0059  12  GLU C N   
462 C CA  . GLU C 12 ? 0.0798 0.1074 0.1061 0.0203  0.0073  0.0114  12  GLU C CA  
463 C C   . GLU C 12 ? 0.0924 0.1187 0.1194 0.0180  0.0094  0.0090  12  GLU C C   
464 O O   . GLU C 12 ? 0.0985 0.1250 0.1261 0.0185  0.0099  0.0034  12  GLU C O   
465 C CB  . GLU C 12 ? 0.1003 0.1209 0.1223 0.0243  0.0034  0.0151  12  GLU C CB  
466 C CG  . GLU C 12 ? 0.2191 0.2329 0.2388 0.0215  0.0018  0.0214  12  GLU C CG  
467 C CD  . GLU C 12 ? 0.1391 0.1397 0.1492 0.0230  -0.0035 0.0225  12  GLU C CD  
468 O OE1 . GLU C 12 ? 0.1775 0.1746 0.1851 0.0273  -0.0041 0.0183  12  GLU C OE1 
469 O OE2 . GLU C 12 ? 0.3262 0.3198 0.3308 0.0190  -0.0067 0.0266  12  GLU C OE2 
470 N N   . GLY C 13 ? 0.0666 0.0919 0.0942 0.0150  0.0106  0.0131  13  GLY C N   
471 C CA  . GLY C 13 ? 0.0437 0.0666 0.0711 0.0133  0.0121  0.0122  13  GLY C CA  
472 C C   . GLY C 13 ? 0.0824 0.1019 0.1091 0.0165  0.0121  0.0128  13  GLY C C   
473 O O   . GLY C 13 ? 0.1181 0.1337 0.1431 0.0198  0.0091  0.0155  13  GLY C O   
474 N N   . PRO C 14 ? 0.0581 0.0760 0.0838 0.0157  0.0141  0.0099  14  PRO C N   
475 C CA  . PRO C 14 ? 0.0880 0.1003 0.1113 0.0192  0.0146  0.0098  14  PRO C CA  
476 C C   . PRO C 14 ? 0.0911 0.0945 0.1096 0.0164  0.0104  0.0158  14  PRO C C   
477 O O   . PRO C 14 ? 0.1162 0.1216 0.1376 0.0130  0.0099  0.0207  14  PRO C O   
478 C CB  . PRO C 14 ? 0.0945 0.1073 0.1166 0.0166  0.0176  0.0052  14  PRO C CB  
479 C CG  . PRO C 14 ? 0.1390 0.1546 0.1623 0.0124  0.0177  0.0058  14  PRO C CG  
480 C CD  . PRO C 14 ? 0.0724 0.0917 0.0974 0.0121  0.0154  0.0061  14  PRO C CD  
481 N N   . MET C 15 ? 0.0936 0.0869 0.1039 0.0174  0.0072  0.0149  15  MET C N   
482 C CA  . MET C 15 ? 0.0567 0.0401 0.0603 0.0135  0.0026  0.0198  15  MET C CA  
483 C C   . MET C 15 ? 0.1443 0.1277 0.1485 0.0099  0.0042  0.0215  15  MET C C   
484 O O   . MET C 15 ? 0.1318 0.1169 0.1365 0.0108  0.0085  0.0179  15  MET C O   
485 C CB  . MET C 15 ? 0.1274 0.0986 0.1207 0.0155  -0.0005 0.0174  15  MET C CB  
486 C CG  . MET C 15 ? 0.1342 0.0941 0.1192 0.0110  -0.0049 0.0212  15  MET C CG  
487 S SD  . MET C 15 ? 0.3144 0.2579 0.2859 0.0135  -0.0086 0.0182  15  MET C SD  
488 C CE  . MET C 15 ? 0.2767 0.2212 0.2494 0.0170  -0.0109 0.0185  15  MET C CE  
489 N N   . GLY C 16 ? 0.1021 0.0841 0.1060 0.0056  0.0006  0.0269  16  GLY C N   
490 C CA  . GLY C 16 ? 0.0588 0.0422 0.0629 0.0024  0.0010  0.0275  16  GLY C CA  
491 C C   . GLY C 16 ? 0.1374 0.1101 0.1323 0.0016  0.0002  0.0269  16  GLY C C   
492 O O   . GLY C 16 ? 0.1510 0.1149 0.1388 0.0032  -0.0011 0.0250  16  GLY C O   
493 N N   . PRO C 17 ? 0.1033 0.0763 0.0971 -0.0004 0.0008  0.0273  17  PRO C N   
494 C CA  . PRO C 17 ? 0.1378 0.1003 0.1219 -0.0015 0.0003  0.0270  17  PRO C CA  
495 C C   . PRO C 17 ? 0.1778 0.1364 0.1577 -0.0035 -0.0045 0.0277  17  PRO C C   
496 O O   . PRO C 17 ? 0.1033 0.0661 0.0863 -0.0051 -0.0074 0.0291  17  PRO C O   
497 C CB  . PRO C 17 ? 0.1496 0.1150 0.1347 -0.0028 0.0017  0.0275  17  PRO C CB  
498 C CG  . PRO C 17 ? 0.1764 0.1529 0.1712 -0.0028 0.0008  0.0287  17  PRO C CG  
499 C CD  . PRO C 17 ? 0.1268 0.1091 0.1280 -0.0011 0.0020  0.0281  17  PRO C CD  
500 N N   . ARG C 18 ? 0.1577 0.1068 0.1285 -0.0045 -0.0058 0.0260  18  ARG C N   
501 C CA  . ARG C 18 ? 0.1534 0.0963 0.1175 -0.0073 -0.0107 0.0259  18  ARG C CA  
502 C C   . ARG C 18 ? 0.1315 0.0794 0.0985 -0.0105 -0.0136 0.0288  18  ARG C C   
503 O O   . ARG C 18 ? 0.1660 0.1182 0.1359 -0.0102 -0.0119 0.0299  18  ARG C O   
504 C CB  . ARG C 18 ? 0.1477 0.0775 0.0987 -0.0073 -0.0108 0.0225  18  ARG C CB  
505 C CG  . ARG C 18 ? 0.2031 0.1241 0.1451 -0.0103 -0.0159 0.0220  18  ARG C CG  
506 C CD  . ARG C 18 ? 0.2532 0.1595 0.1806 -0.0093 -0.0148 0.0179  18  ARG C CD  
507 N NE  . ARG C 18 ? 0.2564 0.1573 0.1810 -0.0041 -0.0113 0.0143  18  ARG C NE  
508 C CZ  . ARG C 18 ? 0.2850 0.1797 0.2056 -0.0019 -0.0133 0.0125  18  ARG C CZ  
509 N NH1 . ARG C 18 ? 0.2840 0.1762 0.2019 -0.0055 -0.0186 0.0142  18  ARG C NH1 
510 N NH2 . ARG C 18 ? 0.3343 0.2254 0.2538 0.0044  -0.0099 0.0085  18  ARG C NH2 
511 N N   . GLY C 19 ? 0.1597 0.1065 0.1252 -0.0138 -0.0185 0.0298  19  GLY C N   
512 C CA  . GLY C 19 ? 0.1393 0.0898 0.1067 -0.0177 -0.0225 0.0324  19  GLY C CA  
513 C C   . GLY C 19 ? 0.1756 0.1193 0.1346 -0.0194 -0.0244 0.0321  19  GLY C C   
514 O O   . GLY C 19 ? 0.2002 0.1344 0.1502 -0.0184 -0.0230 0.0293  19  GLY C O   
515 N N   . PRO C 20 ? 0.2023 0.1504 0.1641 -0.0220 -0.0277 0.0349  20  PRO C N   
516 C CA  . PRO C 20 ? 0.3062 0.2474 0.2594 -0.0240 -0.0302 0.0348  20  PRO C CA  
517 C C   . PRO C 20 ? 0.3355 0.2658 0.2775 -0.0285 -0.0354 0.0336  20  PRO C C   
518 O O   . PRO C 20 ? 0.1705 0.1000 0.1129 -0.0310 -0.0382 0.0338  20  PRO C O   
519 C CB  . PRO C 20 ? 0.2235 0.1737 0.1841 -0.0255 -0.0331 0.0388  20  PRO C CB  
520 C CG  . PRO C 20 ? 0.2441 0.2034 0.2145 -0.0272 -0.0349 0.0409  20  PRO C CG  
521 C CD  . PRO C 20 ? 0.1338 0.0932 0.1062 -0.0234 -0.0297 0.0382  20  PRO C CD  
522 N N   . HYP C 21 ? 0.2806 0.2014 0.2115 -0.0298 -0.0366 0.0323  21  HYP C N   
523 C CA  . HYP C 21 ? 0.2478 0.1564 0.1661 -0.0346 -0.0420 0.0309  21  HYP C CA  
524 C C   . HYP C 21 ? 0.2970 0.2098 0.2188 -0.0408 -0.0493 0.0345  21  HYP C C   
525 O O   . HYP C 21 ? 0.3093 0.2330 0.2409 -0.0414 -0.0506 0.0382  21  HYP C O   
526 C CB  . HYP C 21 ? 0.3438 0.2423 0.2498 -0.0351 -0.0417 0.0291  21  HYP C CB  
527 C CG  . HYP C 21 ? 0.3381 0.2402 0.2476 -0.0296 -0.0344 0.0280  21  HYP C CG  
528 C CD  . HYP C 21 ? 0.3312 0.2486 0.2574 -0.0272 -0.0327 0.0311  21  HYP C CD  
529 O OD1 . HYP C 21 ? 0.3779 0.2721 0.2805 -0.0269 -0.0298 0.0240  21  HYP C OD1 
530 N N   . GLY C 22 ? 0.2692 0.1731 0.1827 -0.0454 -0.0537 0.0335  22  GLY C N   
531 C CA  . GLY C 22 ? 0.1874 0.0943 0.1031 -0.0525 -0.0608 0.0369  22  GLY C CA  
532 C C   . GLY C 22 ? 0.3262 0.2329 0.2397 -0.0570 -0.0659 0.0396  22  GLY C C   
533 O O   . GLY C 22 ? 0.3038 0.2055 0.2112 -0.0547 -0.0641 0.0382  22  GLY C O   
534 N N   . PRO C 23 ? 0.3219 0.2343 0.2407 -0.0639 -0.0722 0.0438  23  PRO C N   
535 C CA  . PRO C 23 ? 0.4275 0.3395 0.3444 -0.0687 -0.0775 0.0471  23  PRO C CA  
536 C C   . PRO C 23 ? 0.3309 0.2247 0.2299 -0.0730 -0.0811 0.0442  23  PRO C C   
537 O O   . PRO C 23 ? 0.3039 0.1864 0.1925 -0.0745 -0.0814 0.0406  23  PRO C O   
538 C CB  . PRO C 23 ? 0.3333 0.2554 0.2604 -0.0757 -0.0827 0.0525  23  PRO C CB  
539 C CG  . PRO C 23 ? 0.3800 0.2987 0.3049 -0.0776 -0.0828 0.0504  23  PRO C CG  
540 C CD  . PRO C 23 ? 0.2613 0.1806 0.1874 -0.0679 -0.0748 0.0462  23  PRO C CD  
541 N N   . HYP C 24 ? 0.4680 0.3585 0.3619 -0.0745 -0.0835 0.0457  24  HYP C N   
542 C CA  . HYP C 24 ? 0.3450 0.2173 0.2210 -0.0792 -0.0869 0.0434  24  HYP C CA  
543 C C   . HYP C 24 ? 0.4658 0.3318 0.3371 -0.0874 -0.0921 0.0453  24  HYP C C   
544 O O   . HYP C 24 ? 0.4408 0.3187 0.3236 -0.0908 -0.0946 0.0502  24  HYP C O   
545 C CB  . HYP C 24 ? 0.4734 0.3464 0.3469 -0.0790 -0.0890 0.0458  24  HYP C CB  
546 C CG  . HYP C 24 ? 0.4796 0.3699 0.3682 -0.0722 -0.0854 0.0482  24  HYP C CG  
547 C CD  . HYP C 24 ? 0.4571 0.3591 0.3596 -0.0723 -0.0842 0.0498  24  HYP C CD  
548 O OD1 . HYP C 24 ? 0.5191 0.4073 0.4045 -0.0650 -0.0791 0.0450  24  HYP C OD1 
549 N N   . GLY C 25 ? 0.4004 0.2509 0.2558 -0.0880 -0.0918 0.0420  25  GLY C N   
550 C CA  . GLY C 25 ? 0.4613 0.3061 0.3108 -0.0932 -0.0948 0.0440  25  GLY C CA  
551 C C   . GLY C 25 ? 0.4755 0.3226 0.3255 -0.1010 -0.1014 0.0506  25  GLY C C   
552 O O   . GLY C 25 ? 0.4898 0.3412 0.3440 -0.1022 -0.1038 0.0530  25  GLY C O   
553 N N   . PRO C 26 ? 0.4787 0.3224 0.3236 -0.1066 -0.1046 0.0539  26  PRO C N   
554 C CA  . PRO C 26 ? 0.4529 0.2982 0.2963 -0.1151 -0.1116 0.0602  26  PRO C CA  
555 C C   . PRO C 26 ? 0.5313 0.3614 0.3594 -0.1176 -0.1144 0.0589  26  PRO C C   
556 O O   . PRO C 26 ? 0.5051 0.3215 0.3210 -0.1133 -0.1106 0.0533  26  PRO C O   
557 C CB  . PRO C 26 ? 0.5521 0.3953 0.3905 -0.1203 -0.1139 0.0630  26  PRO C CB  
558 C CG  . PRO C 26 ? 0.5115 0.3450 0.3416 -0.1143 -0.1087 0.0574  26  PRO C CG  
559 C CD  . PRO C 26 ? 0.5364 0.3721 0.3730 -0.1055 -0.1025 0.0520  26  PRO C CD  
560 N N   . HYP C 27 ? 0.5650 0.3987 0.3936 -0.1238 -0.1208 0.0637  27  HYP C N   
561 C CA  . HYP C 27 ? 0.6069 0.4295 0.4218 -0.1249 -0.1234 0.0616  27  HYP C CA  
562 C C   . HYP C 27 ? 0.5725 0.3726 0.3658 -0.1299 -0.1245 0.0606  27  HYP C C   
563 O O   . HYP C 27 ? 0.4919 0.2895 0.2824 -0.1318 -0.1239 0.0613  27  HYP C O   
564 C CB  . HYP C 27 ? 0.5673 0.4061 0.3908 -0.1276 -0.1296 0.0653  27  HYP C CB  
565 C CG  . HYP C 27 ? 0.6088 0.4706 0.4544 -0.1242 -0.1283 0.0683  27  HYP C CG  
566 C CD  . HYP C 27 ? 0.5423 0.3990 0.3882 -0.1253 -0.1244 0.0684  27  HYP C CD  
567 O OD1 . HYP C 27 ? 0.5205 0.3910 0.3747 -0.1162 -0.1252 0.0668  27  HYP C OD1 
568 N N   . GLY C 28 ? 0.6074 0.3946 0.3866 -0.1302 -0.1253 0.0579  28  GLY C N   
569 C CA  . GLY C 28 ? 0.6713 0.4377 0.4296 -0.1340 -0.1261 0.0567  28  GLY C CA  
570 C C   . GLY C 28 ? 0.5791 0.3478 0.3342 -0.1427 -0.1328 0.0605  28  GLY C C   
571 O O   . GLY C 28 ? 0.6427 0.3957 0.3814 -0.1465 -0.1335 0.0598  28  GLY C O   
572 N N   . NH2 C 29 ? 0.4905 0.3287 0.3120 -0.0938 -0.1555 0.0449  29  NH2 C N   
573 S S   . SO4 D .  ? 0.1835 0.1366 0.2363 0.0682  0.0636  -0.0180 101 SO4 B S   
574 O O1  . SO4 D .  ? 0.1813 0.1400 0.2254 0.0381  0.0293  0.0020  101 SO4 B O1  
575 O O2  . SO4 D .  ? 0.1513 0.1172 0.1999 0.0651  -0.0107 0.0161  101 SO4 B O2  
576 O O3  . SO4 D .  ? 0.1522 0.1612 0.2044 0.0280  0.0143  0.0048  101 SO4 B O3  
577 O O4  . SO4 D .  ? 0.1198 0.1457 0.2386 -0.0067 0.0261  -0.0197 101 SO4 B O4  
# 
loop_
_pdbx_poly_seq_scheme.asym_id 
_pdbx_poly_seq_scheme.entity_id 
_pdbx_poly_seq_scheme.seq_id 
_pdbx_poly_seq_scheme.mon_id 
_pdbx_poly_seq_scheme.ndb_seq_num 
_pdbx_poly_seq_scheme.pdb_seq_num 
_pdbx_poly_seq_scheme.auth_seq_num 
_pdbx_poly_seq_scheme.pdb_mon_id 
_pdbx_poly_seq_scheme.auth_mon_id 
_pdbx_poly_seq_scheme.pdb_strand_id 
_pdbx_poly_seq_scheme.pdb_ins_code 
_pdbx_poly_seq_scheme.hetero 
A 1 1  ACE 1  1  1  ACE ACE A . n 
A 1 2  PRO 2  2  2  PRO PRO A . n 
A 1 3  HYP 3  3  3  HYP HYP A . n 
A 1 4  GLY 4  4  4  GLY GLY A . n 
A 1 5  PRO 5  5  5  PRO PRO A . n 
A 1 6  HYP 6  6  6  HYP HYP A . n 
A 1 7  GLY 7  7  7  GLY GLY A . n 
A 1 8  GLN 8  8  8  GLN GLN A . n 
A 1 9  ARG 9  9  9  ARG ARG A . n 
A 1 10 GLY 10 10 10 GLY GLY A . n 
A 1 11 ARG 11 11 11 ARG ARG A . n 
A 1 12 GLU 12 12 12 GLU GLU A . n 
A 1 13 GLY 13 13 13 GLY GLY A . n 
A 1 14 PRO 14 14 14 PRO PRO A . n 
A 1 15 MET 15 15 15 MET MET A . n 
A 1 16 GLY 16 16 16 GLY GLY A . n 
A 1 17 PRO 17 17 17 PRO PRO A . n 
A 1 18 ARG 18 18 18 ARG ARG A . n 
A 1 19 GLY 19 19 19 GLY GLY A . n 
A 1 20 PRO 20 20 20 PRO PRO A . n 
A 1 21 HYP 21 21 21 HYP HYP A . n 
A 1 22 GLY 22 22 22 GLY GLY A . n 
A 1 23 PRO 23 23 23 PRO PRO A . n 
A 1 24 HYP 24 24 24 HYP HYP A . n 
A 1 25 GLY 25 25 25 GLY GLY A . n 
A 1 26 PRO 26 26 26 PRO PRO A . n 
A 1 27 HYP 27 27 27 HYP HYP A . n 
A 1 28 GLY 28 28 28 GLY GLY A . n 
A 1 29 NH2 29 29 29 NH2 NH2 A . n 
B 1 1  ACE 1  1  1  ACE ACE B . n 
B 1 2  PRO 2  2  2  PRO PRO B . n 
B 1 3  HYP 3  3  3  HYP HYP B . n 
B 1 4  GLY 4  4  4  GLY GLY B . n 
B 1 5  PRO 5  5  5  PRO PRO B . n 
B 1 6  HYP 6  6  6  HYP HYP B . n 
B 1 7  GLY 7  7  7  GLY GLY B . n 
B 1 8  GLN 8  8  8  GLN GLN B . n 
B 1 9  ARG 9  9  9  ARG ARG B . n 
B 1 10 GLY 10 10 10 GLY GLY B . n 
B 1 11 ARG 11 11 11 ARG ARG B . n 
B 1 12 GLU 12 12 12 GLU GLU B . n 
B 1 13 GLY 13 13 13 GLY GLY B . n 
B 1 14 PRO 14 14 14 PRO PRO B . n 
B 1 15 MET 15 15 15 MET MET B . n 
B 1 16 GLY 16 16 16 GLY GLY B . n 
B 1 17 PRO 17 17 17 PRO PRO B . n 
B 1 18 ARG 18 18 18 ARG ARG B . n 
B 1 19 GLY 19 19 19 GLY GLY B . n 
B 1 20 PRO 20 20 20 PRO PRO B . n 
B 1 21 HYP 21 21 21 HYP HYP B . n 
B 1 22 GLY 22 22 22 GLY GLY B . n 
B 1 23 PRO 23 23 23 PRO PRO B . n 
B 1 24 HYP 24 24 24 HYP HYP B . n 
B 1 25 GLY 25 25 25 GLY GLY B . n 
B 1 26 PRO 26 26 26 PRO PRO B . n 
B 1 27 HYP 27 27 27 HYP HYP B . n 
B 1 28 GLY 28 28 28 GLY GLY B . n 
B 1 29 NH2 29 29 29 NH2 NH2 B . n 
C 1 1  ACE 1  1  1  ACE ACE C . n 
C 1 2  PRO 2  2  2  PRO PRO C . n 
C 1 3  HYP 3  3  3  HYP HYP C . n 
C 1 4  GLY 4  4  4  GLY GLY C . n 
C 1 5  PRO 5  5  5  PRO PRO C . n 
C 1 6  HYP 6  6  6  HYP HYP C . n 
C 1 7  GLY 7  7  7  GLY GLY C . n 
C 1 8  GLN 8  8  8  GLN GLN C . n 
C 1 9  ARG 9  9  9  ARG ARG C . n 
C 1 10 GLY 10 10 10 GLY GLY C . n 
C 1 11 ARG 11 11 11 ARG ARG C . n 
C 1 12 GLU 12 12 12 GLU GLU C . n 
C 1 13 GLY 13 13 13 GLY GLY C . n 
C 1 14 PRO 14 14 14 PRO PRO C . n 
C 1 15 MET 15 15 15 MET MET C . n 
C 1 16 GLY 16 16 16 GLY GLY C . n 
C 1 17 PRO 17 17 17 PRO PRO C . n 
C 1 18 ARG 18 18 18 ARG ARG C . n 
C 1 19 GLY 19 19 19 GLY GLY C . n 
C 1 20 PRO 20 20 20 PRO PRO C . n 
C 1 21 HYP 21 21 21 HYP HYP C . n 
C 1 22 GLY 22 22 22 GLY GLY C . n 
C 1 23 PRO 23 23 23 PRO PRO C . n 
C 1 24 HYP 24 24 24 HYP HYP C . n 
C 1 25 GLY 25 25 25 GLY GLY C . n 
C 1 26 PRO 26 26 26 PRO PRO C . n 
C 1 27 HYP 27 27 27 HYP HYP C . n 
C 1 28 GLY 28 28 28 GLY GLY C . n 
C 1 29 NH2 29 29 29 NH2 NH2 C . n 
# 
loop_
_pdbx_nonpoly_scheme.asym_id 
_pdbx_nonpoly_scheme.entity_id 
_pdbx_nonpoly_scheme.mon_id 
_pdbx_nonpoly_scheme.ndb_seq_num 
_pdbx_nonpoly_scheme.pdb_seq_num 
_pdbx_nonpoly_scheme.auth_seq_num 
_pdbx_nonpoly_scheme.pdb_mon_id 
_pdbx_nonpoly_scheme.auth_mon_id 
_pdbx_nonpoly_scheme.pdb_strand_id 
_pdbx_nonpoly_scheme.pdb_ins_code 
D 2 SO4 1  101 1   SO4 SO4 B . 
E 3 HOH 1  101 60  HOH HOH A . 
E 3 HOH 2  102 80  HOH HOH A . 
E 3 HOH 3  103 62  HOH HOH A . 
E 3 HOH 4  104 31  HOH HOH A . 
E 3 HOH 5  105 41  HOH HOH A . 
E 3 HOH 6  106 76  HOH HOH A . 
E 3 HOH 7  107 32  HOH HOH A . 
E 3 HOH 8  108 38  HOH HOH A . 
E 3 HOH 9  109 28  HOH HOH A . 
E 3 HOH 10 110 27  HOH HOH A . 
E 3 HOH 11 111 49  HOH HOH A . 
E 3 HOH 12 112 63  HOH HOH A . 
E 3 HOH 13 113 82  HOH HOH A . 
E 3 HOH 14 114 23  HOH HOH A . 
E 3 HOH 15 115 92  HOH HOH A . 
E 3 HOH 16 116 5   HOH HOH A . 
E 3 HOH 17 117 86  HOH HOH A . 
E 3 HOH 18 118 91  HOH HOH A . 
E 3 HOH 19 119 1   HOH HOH A . 
E 3 HOH 20 120 26  HOH HOH A . 
E 3 HOH 21 121 110 HOH HOH A . 
E 3 HOH 22 122 77  HOH HOH A . 
E 3 HOH 23 123 81  HOH HOH A . 
E 3 HOH 24 124 100 HOH HOH A . 
E 3 HOH 25 125 119 HOH HOH A . 
E 3 HOH 26 126 112 HOH HOH A . 
E 3 HOH 27 127 50  HOH HOH A . 
E 3 HOH 28 128 109 HOH HOH A . 
E 3 HOH 29 129 105 HOH HOH A . 
E 3 HOH 30 130 40  HOH HOH A . 
E 3 HOH 31 131 90  HOH HOH A . 
E 3 HOH 32 132 72  HOH HOH A . 
E 3 HOH 33 133 120 HOH HOH A . 
E 3 HOH 34 134 104 HOH HOH A . 
E 3 HOH 35 135 117 HOH HOH A . 
E 3 HOH 36 136 24  HOH HOH A . 
E 3 HOH 37 137 118 HOH HOH A . 
E 3 HOH 38 138 14  HOH HOH A . 
E 3 HOH 39 139 88  HOH HOH A . 
E 3 HOH 40 140 34  HOH HOH A . 
E 3 HOH 41 141 114 HOH HOH A . 
F 3 HOH 1  201 44  HOH HOH B . 
F 3 HOH 2  202 87  HOH HOH B . 
F 3 HOH 3  203 93  HOH HOH B . 
F 3 HOH 4  204 108 HOH HOH B . 
F 3 HOH 5  205 48  HOH HOH B . 
F 3 HOH 6  206 106 HOH HOH B . 
F 3 HOH 7  207 10  HOH HOH B . 
F 3 HOH 8  208 116 HOH HOH B . 
F 3 HOH 9  209 73  HOH HOH B . 
F 3 HOH 10 210 18  HOH HOH B . 
F 3 HOH 11 211 13  HOH HOH B . 
F 3 HOH 12 212 21  HOH HOH B . 
F 3 HOH 13 213 58  HOH HOH B . 
F 3 HOH 14 214 30  HOH HOH B . 
F 3 HOH 15 215 46  HOH HOH B . 
F 3 HOH 16 216 11  HOH HOH B . 
F 3 HOH 17 217 39  HOH HOH B . 
F 3 HOH 18 218 9   HOH HOH B . 
F 3 HOH 19 219 15  HOH HOH B . 
F 3 HOH 20 220 47  HOH HOH B . 
F 3 HOH 21 221 3   HOH HOH B . 
F 3 HOH 22 222 75  HOH HOH B . 
F 3 HOH 23 223 53  HOH HOH B . 
F 3 HOH 24 224 19  HOH HOH B . 
F 3 HOH 25 225 2   HOH HOH B . 
F 3 HOH 26 226 33  HOH HOH B . 
F 3 HOH 27 227 7   HOH HOH B . 
F 3 HOH 28 228 101 HOH HOH B . 
F 3 HOH 29 229 35  HOH HOH B . 
F 3 HOH 30 230 74  HOH HOH B . 
F 3 HOH 31 231 97  HOH HOH B . 
F 3 HOH 32 232 69  HOH HOH B . 
F 3 HOH 33 233 16  HOH HOH B . 
F 3 HOH 34 234 113 HOH HOH B . 
F 3 HOH 35 235 59  HOH HOH B . 
F 3 HOH 36 236 84  HOH HOH B . 
F 3 HOH 37 237 56  HOH HOH B . 
F 3 HOH 38 238 42  HOH HOH B . 
F 3 HOH 39 239 55  HOH HOH B . 
F 3 HOH 40 240 51  HOH HOH B . 
F 3 HOH 41 241 115 HOH HOH B . 
F 3 HOH 42 242 36  HOH HOH B . 
F 3 HOH 43 243 89  HOH HOH B . 
G 3 HOH 1  101 78  HOH HOH C . 
G 3 HOH 2  102 98  HOH HOH C . 
G 3 HOH 3  103 65  HOH HOH C . 
G 3 HOH 4  104 43  HOH HOH C . 
G 3 HOH 5  105 83  HOH HOH C . 
G 3 HOH 6  106 68  HOH HOH C . 
G 3 HOH 7  107 6   HOH HOH C . 
G 3 HOH 8  108 20  HOH HOH C . 
G 3 HOH 9  109 17  HOH HOH C . 
G 3 HOH 10 110 12  HOH HOH C . 
G 3 HOH 11 111 79  HOH HOH C . 
G 3 HOH 12 112 8   HOH HOH C . 
G 3 HOH 13 113 96  HOH HOH C . 
G 3 HOH 14 114 52  HOH HOH C . 
G 3 HOH 15 115 64  HOH HOH C . 
G 3 HOH 16 116 107 HOH HOH C . 
G 3 HOH 17 117 111 HOH HOH C . 
G 3 HOH 18 118 25  HOH HOH C . 
G 3 HOH 19 119 99  HOH HOH C . 
G 3 HOH 20 120 71  HOH HOH C . 
G 3 HOH 21 121 45  HOH HOH C . 
G 3 HOH 22 122 95  HOH HOH C . 
G 3 HOH 23 123 54  HOH HOH C . 
G 3 HOH 24 124 102 HOH HOH C . 
G 3 HOH 25 125 4   HOH HOH C . 
G 3 HOH 26 126 37  HOH HOH C . 
G 3 HOH 27 127 22  HOH HOH C . 
G 3 HOH 28 128 103 HOH HOH C . 
G 3 HOH 29 129 61  HOH HOH C . 
G 3 HOH 30 130 67  HOH HOH C . 
G 3 HOH 31 131 57  HOH HOH C . 
G 3 HOH 32 132 29  HOH HOH C . 
G 3 HOH 33 133 66  HOH HOH C . 
G 3 HOH 34 134 70  HOH HOH C . 
G 3 HOH 35 135 94  HOH HOH C . 
G 3 HOH 36 136 85  HOH HOH C . 
# 
_pdbx_struct_assembly.id                   1 
_pdbx_struct_assembly.details              author_and_software_defined_assembly 
_pdbx_struct_assembly.method_details       PISA 
_pdbx_struct_assembly.oligomeric_details   trimeric 
_pdbx_struct_assembly.oligomeric_count     3 
# 
_pdbx_struct_assembly_gen.assembly_id       1 
_pdbx_struct_assembly_gen.oper_expression   1 
_pdbx_struct_assembly_gen.asym_id_list      A,B,C,D,E,F,G 
# 
loop_
_pdbx_struct_assembly_prop.biol_id 
_pdbx_struct_assembly_prop.type 
_pdbx_struct_assembly_prop.value 
_pdbx_struct_assembly_prop.details 
1 'ABSA (A^2)' 5960 ? 
1 MORE         -34  ? 
1 'SSA (A^2)'  5540 ? 
# 
_pdbx_struct_oper_list.id                   1 
_pdbx_struct_oper_list.type                 'identity operation' 
_pdbx_struct_oper_list.name                 1_555 
_pdbx_struct_oper_list.symmetry_operation   x,y,z 
_pdbx_struct_oper_list.matrix[1][1]         1.0000000000 
_pdbx_struct_oper_list.matrix[1][2]         0.0000000000 
_pdbx_struct_oper_list.matrix[1][3]         0.0000000000 
_pdbx_struct_oper_list.vector[1]            0.0000000000 
_pdbx_struct_oper_list.matrix[2][1]         0.0000000000 
_pdbx_struct_oper_list.matrix[2][2]         1.0000000000 
_pdbx_struct_oper_list.matrix[2][3]         0.0000000000 
_pdbx_struct_oper_list.vector[2]            0.0000000000 
_pdbx_struct_oper_list.matrix[3][1]         0.0000000000 
_pdbx_struct_oper_list.matrix[3][2]         0.0000000000 
_pdbx_struct_oper_list.matrix[3][3]         1.0000000000 
_pdbx_struct_oper_list.vector[3]            0.0000000000 
# 
loop_
_pdbx_audit_revision_history.ordinal 
_pdbx_audit_revision_history.data_content_type 
_pdbx_audit_revision_history.major_revision 
_pdbx_audit_revision_history.minor_revision 
_pdbx_audit_revision_history.revision_date 
1 'Structure model' 1 0 2022-06-08 
2 'Structure model' 1 1 2023-11-29 
# 
_pdbx_audit_revision_details.ordinal             1 
_pdbx_audit_revision_details.revision_ordinal    1 
_pdbx_audit_revision_details.data_content_type   'Structure model' 
_pdbx_audit_revision_details.provider            repository 
_pdbx_audit_revision_details.type                'Initial release' 
_pdbx_audit_revision_details.description         ? 
_pdbx_audit_revision_details.details             ? 
# 
loop_
_pdbx_audit_revision_group.ordinal 
_pdbx_audit_revision_group.revision_ordinal 
_pdbx_audit_revision_group.data_content_type 
_pdbx_audit_revision_group.group 
1 2 'Structure model' 'Data collection'        
2 2 'Structure model' 'Refinement description' 
# 
loop_
_pdbx_audit_revision_category.ordinal 
_pdbx_audit_revision_category.revision_ordinal 
_pdbx_audit_revision_category.data_content_type 
_pdbx_audit_revision_category.category 
1 2 'Structure model' chem_comp_atom                
2 2 'Structure model' chem_comp_bond                
3 2 'Structure model' pdbx_initial_refinement_model 
# 
loop_
_pdbx_refine_tls.id 
_pdbx_refine_tls.pdbx_refine_id 
_pdbx_refine_tls.details 
_pdbx_refine_tls.method 
_pdbx_refine_tls.origin_x 
_pdbx_refine_tls.origin_y 
_pdbx_refine_tls.origin_z 
_pdbx_refine_tls.T[1][1] 
_pdbx_refine_tls.T[1][1]_esd 
_pdbx_refine_tls.T[1][2] 
_pdbx_refine_tls.T[1][2]_esd 
_pdbx_refine_tls.T[1][3] 
_pdbx_refine_tls.T[1][3]_esd 
_pdbx_refine_tls.T[2][2] 
_pdbx_refine_tls.T[2][2]_esd 
_pdbx_refine_tls.T[2][3] 
_pdbx_refine_tls.T[2][3]_esd 
_pdbx_refine_tls.T[3][3] 
_pdbx_refine_tls.T[3][3]_esd 
_pdbx_refine_tls.L[1][1] 
_pdbx_refine_tls.L[1][1]_esd 
_pdbx_refine_tls.L[1][2] 
_pdbx_refine_tls.L[1][2]_esd 
_pdbx_refine_tls.L[1][3] 
_pdbx_refine_tls.L[1][3]_esd 
_pdbx_refine_tls.L[2][2] 
_pdbx_refine_tls.L[2][2]_esd 
_pdbx_refine_tls.L[2][3] 
_pdbx_refine_tls.L[2][3]_esd 
_pdbx_refine_tls.L[3][3] 
_pdbx_refine_tls.L[3][3]_esd 
_pdbx_refine_tls.S[1][1] 
_pdbx_refine_tls.S[1][1]_esd 
_pdbx_refine_tls.S[1][2] 
_pdbx_refine_tls.S[1][2]_esd 
_pdbx_refine_tls.S[1][3] 
_pdbx_refine_tls.S[1][3]_esd 
_pdbx_refine_tls.S[2][1] 
_pdbx_refine_tls.S[2][1]_esd 
_pdbx_refine_tls.S[2][2] 
_pdbx_refine_tls.S[2][2]_esd 
_pdbx_refine_tls.S[2][3] 
_pdbx_refine_tls.S[2][3]_esd 
_pdbx_refine_tls.S[3][1] 
_pdbx_refine_tls.S[3][1]_esd 
_pdbx_refine_tls.S[3][2] 
_pdbx_refine_tls.S[3][2]_esd 
_pdbx_refine_tls.S[3][3] 
_pdbx_refine_tls.S[3][3]_esd 
1 'X-RAY DIFFRACTION' ? refined 0.5477  0.2045  1.9037  0.1093 ? -0.0116 ? 0.0201  ? 0.0883 ? 0.0033  ? 0.0941 ? 0.5561 ? 0.3595 ? 0.5918  ? 0.5546 ? 0.5613 ? 2.2381 ? 0.1585  ? -0.1038 ? -0.0460 ? 0.1241 ? -0.0258 ? -0.0194 ? 0.0812  ? 0.0567  ? -0.0448 ? 
2 'X-RAY DIFFRACTION' ? refined 0.0085  -0.5345 -1.4307 0.0595 ? 0.0169  ? -0.0019 ? 0.0798 ? -0.0082 ? 0.0917 ? 0.8566 ? 0.6946 ? 1.0251  ? 0.8261 ? 0.8561 ? 2.8936 ? -0.0372 ? -0.0632 ? 0.1316  ? 0.0454 ? -0.1912 ? 0.0190  ? 0.0151  ? 0.0186  ? 0.0389  ? 
3 'X-RAY DIFFRACTION' ? refined -1.7717 -0.8134 -3.4277 0.0425 ? 0.0084  ? 0.0019  ? 0.0424 ? 0.0299  ? 0.0605 ? 0.3421 ? 0.1067 ? -0.0232 ? 0.6604 ? 0.1496 ? 1.0792 ? -0.0501 ? 0.0401  ? 0.0255  ? 0.0910 ? -0.1777 ? -0.1399 ? -0.1963 ? -0.1028 ? -0.0049 ? 
# 
loop_
_pdbx_refine_tls_group.id 
_pdbx_refine_tls_group.pdbx_refine_id 
_pdbx_refine_tls_group.refine_tls_id 
_pdbx_refine_tls_group.beg_label_asym_id 
_pdbx_refine_tls_group.beg_label_seq_id 
_pdbx_refine_tls_group.beg_auth_asym_id 
_pdbx_refine_tls_group.beg_auth_seq_id 
_pdbx_refine_tls_group.beg_PDB_ins_code 
_pdbx_refine_tls_group.end_label_asym_id 
_pdbx_refine_tls_group.end_label_seq_id 
_pdbx_refine_tls_group.end_auth_asym_id 
_pdbx_refine_tls_group.end_auth_seq_id 
_pdbx_refine_tls_group.end_PDB_ins_code 
_pdbx_refine_tls_group.selection 
_pdbx_refine_tls_group.selection_details 
1 'X-RAY DIFFRACTION' 1 ? ? A 1 ? ? ? A 28 ? ? 
;(chain 'A' and resid 1 through 28)
;
2 'X-RAY DIFFRACTION' 2 ? ? B 1 ? ? ? B 28 ? ? 
;(chain 'B' and resid 1 through 28)
;
3 'X-RAY DIFFRACTION' 3 ? ? C 1 ? ? ? C 28 ? ? 
;(chain 'C' and resid 1 through 28)
;
# 
loop_
_software.citation_id 
_software.classification 
_software.compiler_name 
_software.compiler_version 
_software.contact_author 
_software.contact_author_email 
_software.date 
_software.description 
_software.dependencies 
_software.hardware 
_software.language 
_software.location 
_software.mods 
_software.name 
_software.os 
_software.os_version 
_software.type 
_software.version 
_software.pdbx_ordinal 
? refinement        ? ? ? ? ? ? ? ? ? ? ? PHENIX      ? ? ? 1.18.2_3874 1 
? 'data scaling'    ? ? ? ? ? ? ? ? ? ? ? Aimless     ? ? ? .           2 
? 'data extraction' ? ? ? ? ? ? ? ? ? ? ? PDB_EXTRACT ? ? ? 3.27        3 
? 'data reduction'  ? ? ? ? ? ? ? ? ? ? ? MOSFLM      ? ? ? .           4 
? phasing           ? ? ? ? ? ? ? ? ? ? ? BALBES      ? ? ? .           5 
# 
_pdbx_entry_details.entry_id                 7F01 
_pdbx_entry_details.nonpolymer_details       ? 
_pdbx_entry_details.sequence_details         ? 
_pdbx_entry_details.compound_details         ? 
_pdbx_entry_details.source_details           ? 
_pdbx_entry_details.has_ligand_of_interest   N 
# 
loop_
_pdbx_validate_close_contact.id 
_pdbx_validate_close_contact.PDB_model_num 
_pdbx_validate_close_contact.auth_atom_id_1 
_pdbx_validate_close_contact.auth_asym_id_1 
_pdbx_validate_close_contact.auth_comp_id_1 
_pdbx_validate_close_contact.auth_seq_id_1 
_pdbx_validate_close_contact.PDB_ins_code_1 
_pdbx_validate_close_contact.label_alt_id_1 
_pdbx_validate_close_contact.auth_atom_id_2 
_pdbx_validate_close_contact.auth_asym_id_2 
_pdbx_validate_close_contact.auth_comp_id_2 
_pdbx_validate_close_contact.auth_seq_id_2 
_pdbx_validate_close_contact.PDB_ins_code_2 
_pdbx_validate_close_contact.label_alt_id_2 
_pdbx_validate_close_contact.dist 
1 1 O   C HOH 114 ? ? O C HOH 128 ? ? 1.90 
2 1 NH2 B ARG 11  ? B O B HOH 201 ? ? 2.01 
3 1 OD1 C HYP 3   ? ? O C HOH 101 ? ? 2.11 
4 1 O   B HOH 215 ? ? O B HOH 234 ? ? 2.13 
5 1 NH1 A ARG 18  ? ? O A HOH 101 ? ? 2.18 
# 
loop_
_pdbx_validate_symm_contact.id 
_pdbx_validate_symm_contact.PDB_model_num 
_pdbx_validate_symm_contact.auth_atom_id_1 
_pdbx_validate_symm_contact.auth_asym_id_1 
_pdbx_validate_symm_contact.auth_comp_id_1 
_pdbx_validate_symm_contact.auth_seq_id_1 
_pdbx_validate_symm_contact.PDB_ins_code_1 
_pdbx_validate_symm_contact.label_alt_id_1 
_pdbx_validate_symm_contact.site_symmetry_1 
_pdbx_validate_symm_contact.auth_atom_id_2 
_pdbx_validate_symm_contact.auth_asym_id_2 
_pdbx_validate_symm_contact.auth_comp_id_2 
_pdbx_validate_symm_contact.auth_seq_id_2 
_pdbx_validate_symm_contact.PDB_ins_code_2 
_pdbx_validate_symm_contact.label_alt_id_2 
_pdbx_validate_symm_contact.site_symmetry_2 
_pdbx_validate_symm_contact.dist 
1 1 O A HOH 134 ? ? 1_555 O C HOH 108 ? ? 2_546 1.90 
2 1 O A HOH 123 ? ? 1_555 O B HOH 234 ? ? 2_446 2.15 
3 1 O A HOH 133 ? ? 1_555 O B HOH 234 ? ? 1_545 2.16 
4 1 O A HOH 130 ? ? 1_555 O C HOH 135 ? ? 1_455 2.19 
# 
loop_
_pdbx_unobs_or_zero_occ_residues.id 
_pdbx_unobs_or_zero_occ_residues.PDB_model_num 
_pdbx_unobs_or_zero_occ_residues.polymer_flag 
_pdbx_unobs_or_zero_occ_residues.occupancy_flag 
_pdbx_unobs_or_zero_occ_residues.auth_asym_id 
_pdbx_unobs_or_zero_occ_residues.auth_comp_id 
_pdbx_unobs_or_zero_occ_residues.auth_seq_id 
_pdbx_unobs_or_zero_occ_residues.PDB_ins_code 
_pdbx_unobs_or_zero_occ_residues.label_asym_id 
_pdbx_unobs_or_zero_occ_residues.label_comp_id 
_pdbx_unobs_or_zero_occ_residues.label_seq_id 
1 1 Y 0 A ACE 1 ? A ACE 1 
2 1 Y 0 B ACE 1 ? B ACE 1 
3 1 Y 0 C ACE 1 ? C ACE 1 
# 
loop_
_chem_comp_atom.comp_id 
_chem_comp_atom.atom_id 
_chem_comp_atom.type_symbol 
_chem_comp_atom.pdbx_aromatic_flag 
_chem_comp_atom.pdbx_stereo_config 
_chem_comp_atom.pdbx_ordinal 
ACE C    C N N 1   
ACE O    O N N 2   
ACE CH3  C N N 3   
ACE H    H N N 4   
ACE H1   H N N 5   
ACE H2   H N N 6   
ACE H3   H N N 7   
ARG N    N N N 8   
ARG CA   C N S 9   
ARG C    C N N 10  
ARG O    O N N 11  
ARG CB   C N N 12  
ARG CG   C N N 13  
ARG CD   C N N 14  
ARG NE   N N N 15  
ARG CZ   C N N 16  
ARG NH1  N N N 17  
ARG NH2  N N N 18  
ARG OXT  O N N 19  
ARG H    H N N 20  
ARG H2   H N N 21  
ARG HA   H N N 22  
ARG HB2  H N N 23  
ARG HB3  H N N 24  
ARG HG2  H N N 25  
ARG HG3  H N N 26  
ARG HD2  H N N 27  
ARG HD3  H N N 28  
ARG HE   H N N 29  
ARG HH11 H N N 30  
ARG HH12 H N N 31  
ARG HH21 H N N 32  
ARG HH22 H N N 33  
ARG HXT  H N N 34  
GLN N    N N N 35  
GLN CA   C N S 36  
GLN C    C N N 37  
GLN O    O N N 38  
GLN CB   C N N 39  
GLN CG   C N N 40  
GLN CD   C N N 41  
GLN OE1  O N N 42  
GLN NE2  N N N 43  
GLN OXT  O N N 44  
GLN H    H N N 45  
GLN H2   H N N 46  
GLN HA   H N N 47  
GLN HB2  H N N 48  
GLN HB3  H N N 49  
GLN HG2  H N N 50  
GLN HG3  H N N 51  
GLN HE21 H N N 52  
GLN HE22 H N N 53  
GLN HXT  H N N 54  
GLU N    N N N 55  
GLU CA   C N S 56  
GLU C    C N N 57  
GLU O    O N N 58  
GLU CB   C N N 59  
GLU CG   C N N 60  
GLU CD   C N N 61  
GLU OE1  O N N 62  
GLU OE2  O N N 63  
GLU OXT  O N N 64  
GLU H    H N N 65  
GLU H2   H N N 66  
GLU HA   H N N 67  
GLU HB2  H N N 68  
GLU HB3  H N N 69  
GLU HG2  H N N 70  
GLU HG3  H N N 71  
GLU HE2  H N N 72  
GLU HXT  H N N 73  
GLY N    N N N 74  
GLY CA   C N N 75  
GLY C    C N N 76  
GLY O    O N N 77  
GLY OXT  O N N 78  
GLY H    H N N 79  
GLY H2   H N N 80  
GLY HA2  H N N 81  
GLY HA3  H N N 82  
GLY HXT  H N N 83  
HOH O    O N N 84  
HOH H1   H N N 85  
HOH H2   H N N 86  
HYP N    N N N 87  
HYP CA   C N S 88  
HYP C    C N N 89  
HYP O    O N N 90  
HYP CB   C N N 91  
HYP CG   C N R 92  
HYP CD   C N N 93  
HYP OD1  O N N 94  
HYP OXT  O N N 95  
HYP H    H N N 96  
HYP HA   H N N 97  
HYP HB2  H N N 98  
HYP HB3  H N N 99  
HYP HG   H N N 100 
HYP HD22 H N N 101 
HYP HD23 H N N 102 
HYP HD1  H N N 103 
HYP HXT  H N N 104 
MET N    N N N 105 
MET CA   C N S 106 
MET C    C N N 107 
MET O    O N N 108 
MET CB   C N N 109 
MET CG   C N N 110 
MET SD   S N N 111 
MET CE   C N N 112 
MET OXT  O N N 113 
MET H    H N N 114 
MET H2   H N N 115 
MET HA   H N N 116 
MET HB2  H N N 117 
MET HB3  H N N 118 
MET HG2  H N N 119 
MET HG3  H N N 120 
MET HE1  H N N 121 
MET HE2  H N N 122 
MET HE3  H N N 123 
MET HXT  H N N 124 
NH2 N    N N N 125 
NH2 HN1  H N N 126 
NH2 HN2  H N N 127 
PRO N    N N N 128 
PRO CA   C N S 129 
PRO C    C N N 130 
PRO O    O N N 131 
PRO CB   C N N 132 
PRO CG   C N N 133 
PRO CD   C N N 134 
PRO OXT  O N N 135 
PRO H    H N N 136 
PRO HA   H N N 137 
PRO HB2  H N N 138 
PRO HB3  H N N 139 
PRO HG2  H N N 140 
PRO HG3  H N N 141 
PRO HD2  H N N 142 
PRO HD3  H N N 143 
PRO HXT  H N N 144 
SO4 S    S N N 145 
SO4 O1   O N N 146 
SO4 O2   O N N 147 
SO4 O3   O N N 148 
SO4 O4   O N N 149 
# 
loop_
_chem_comp_bond.comp_id 
_chem_comp_bond.atom_id_1 
_chem_comp_bond.atom_id_2 
_chem_comp_bond.value_order 
_chem_comp_bond.pdbx_aromatic_flag 
_chem_comp_bond.pdbx_stereo_config 
_chem_comp_bond.pdbx_ordinal 
ACE C   O    doub N N 1   
ACE C   CH3  sing N N 2   
ACE C   H    sing N N 3   
ACE CH3 H1   sing N N 4   
ACE CH3 H2   sing N N 5   
ACE CH3 H3   sing N N 6   
ARG N   CA   sing N N 7   
ARG N   H    sing N N 8   
ARG N   H2   sing N N 9   
ARG CA  C    sing N N 10  
ARG CA  CB   sing N N 11  
ARG CA  HA   sing N N 12  
ARG C   O    doub N N 13  
ARG C   OXT  sing N N 14  
ARG CB  CG   sing N N 15  
ARG CB  HB2  sing N N 16  
ARG CB  HB3  sing N N 17  
ARG CG  CD   sing N N 18  
ARG CG  HG2  sing N N 19  
ARG CG  HG3  sing N N 20  
ARG CD  NE   sing N N 21  
ARG CD  HD2  sing N N 22  
ARG CD  HD3  sing N N 23  
ARG NE  CZ   sing N N 24  
ARG NE  HE   sing N N 25  
ARG CZ  NH1  sing N N 26  
ARG CZ  NH2  doub N N 27  
ARG NH1 HH11 sing N N 28  
ARG NH1 HH12 sing N N 29  
ARG NH2 HH21 sing N N 30  
ARG NH2 HH22 sing N N 31  
ARG OXT HXT  sing N N 32  
GLN N   CA   sing N N 33  
GLN N   H    sing N N 34  
GLN N   H2   sing N N 35  
GLN CA  C    sing N N 36  
GLN CA  CB   sing N N 37  
GLN CA  HA   sing N N 38  
GLN C   O    doub N N 39  
GLN C   OXT  sing N N 40  
GLN CB  CG   sing N N 41  
GLN CB  HB2  sing N N 42  
GLN CB  HB3  sing N N 43  
GLN CG  CD   sing N N 44  
GLN CG  HG2  sing N N 45  
GLN CG  HG3  sing N N 46  
GLN CD  OE1  doub N N 47  
GLN CD  NE2  sing N N 48  
GLN NE2 HE21 sing N N 49  
GLN NE2 HE22 sing N N 50  
GLN OXT HXT  sing N N 51  
GLU N   CA   sing N N 52  
GLU N   H    sing N N 53  
GLU N   H2   sing N N 54  
GLU CA  C    sing N N 55  
GLU CA  CB   sing N N 56  
GLU CA  HA   sing N N 57  
GLU C   O    doub N N 58  
GLU C   OXT  sing N N 59  
GLU CB  CG   sing N N 60  
GLU CB  HB2  sing N N 61  
GLU CB  HB3  sing N N 62  
GLU CG  CD   sing N N 63  
GLU CG  HG2  sing N N 64  
GLU CG  HG3  sing N N 65  
GLU CD  OE1  doub N N 66  
GLU CD  OE2  sing N N 67  
GLU OE2 HE2  sing N N 68  
GLU OXT HXT  sing N N 69  
GLY N   CA   sing N N 70  
GLY N   H    sing N N 71  
GLY N   H2   sing N N 72  
GLY CA  C    sing N N 73  
GLY CA  HA2  sing N N 74  
GLY CA  HA3  sing N N 75  
GLY C   O    doub N N 76  
GLY C   OXT  sing N N 77  
GLY OXT HXT  sing N N 78  
HOH O   H1   sing N N 79  
HOH O   H2   sing N N 80  
HYP N   CA   sing N N 81  
HYP N   CD   sing N N 82  
HYP N   H    sing N N 83  
HYP CA  C    sing N N 84  
HYP CA  CB   sing N N 85  
HYP CA  HA   sing N N 86  
HYP C   O    doub N N 87  
HYP C   OXT  sing N N 88  
HYP CB  CG   sing N N 89  
HYP CB  HB2  sing N N 90  
HYP CB  HB3  sing N N 91  
HYP CG  CD   sing N N 92  
HYP CG  OD1  sing N N 93  
HYP CG  HG   sing N N 94  
HYP CD  HD22 sing N N 95  
HYP CD  HD23 sing N N 96  
HYP OD1 HD1  sing N N 97  
HYP OXT HXT  sing N N 98  
MET N   CA   sing N N 99  
MET N   H    sing N N 100 
MET N   H2   sing N N 101 
MET CA  C    sing N N 102 
MET CA  CB   sing N N 103 
MET CA  HA   sing N N 104 
MET C   O    doub N N 105 
MET C   OXT  sing N N 106 
MET CB  CG   sing N N 107 
MET CB  HB2  sing N N 108 
MET CB  HB3  sing N N 109 
MET CG  SD   sing N N 110 
MET CG  HG2  sing N N 111 
MET CG  HG3  sing N N 112 
MET SD  CE   sing N N 113 
MET CE  HE1  sing N N 114 
MET CE  HE2  sing N N 115 
MET CE  HE3  sing N N 116 
MET OXT HXT  sing N N 117 
NH2 N   HN1  sing N N 118 
NH2 N   HN2  sing N N 119 
PRO N   CA   sing N N 120 
PRO N   CD   sing N N 121 
PRO N   H    sing N N 122 
PRO CA  C    sing N N 123 
PRO CA  CB   sing N N 124 
PRO CA  HA   sing N N 125 
PRO C   O    doub N N 126 
PRO C   OXT  sing N N 127 
PRO CB  CG   sing N N 128 
PRO CB  HB2  sing N N 129 
PRO CB  HB3  sing N N 130 
PRO CG  CD   sing N N 131 
PRO CG  HG2  sing N N 132 
PRO CG  HG3  sing N N 133 
PRO CD  HD2  sing N N 134 
PRO CD  HD3  sing N N 135 
PRO OXT HXT  sing N N 136 
SO4 S   O1   doub N N 137 
SO4 S   O2   doub N N 138 
SO4 S   O3   sing N N 139 
SO4 S   O4   sing N N 140 
# 
loop_
_pdbx_entity_nonpoly.entity_id 
_pdbx_entity_nonpoly.name 
_pdbx_entity_nonpoly.comp_id 
2 'SULFATE ION' SO4 
3 water         HOH 
# 
_pdbx_initial_refinement_model.id               1 
_pdbx_initial_refinement_model.entity_id_list   ? 
_pdbx_initial_refinement_model.type             'experimental model' 
_pdbx_initial_refinement_model.source_name      PDB 
_pdbx_initial_refinement_model.accession_code   2WUH 
_pdbx_initial_refinement_model.details          ? 
# 
_pdbx_struct_assembly_auth_evidence.id                     1 
_pdbx_struct_assembly_auth_evidence.assembly_id            1 
_pdbx_struct_assembly_auth_evidence.experimental_support   'assay for oligomerization' 
_pdbx_struct_assembly_auth_evidence.details                ? 
# 
